data_4PSX
#
_entry.id   4PSX
#
_cell.length_a   78.548
_cell.length_b   85.331
_cell.length_c   114.510
_cell.angle_alpha   75.97
_cell.angle_beta   72.40
_cell.angle_gamma   66.06
#
_symmetry.space_group_name_H-M   'P 1'
#
loop_
_entity.id
_entity.type
_entity.pdbx_description
1 polymer 'Histone acetyltransferase type B catalytic subunit'
2 polymer 'Histone acetyltransferase type B subunit 2'
3 polymer 'Histone H4'
4 polymer 'Histone H3'
5 non-polymer 'COENZYME A'
6 non-polymer 'SULFATE ION'
7 water water
#
loop_
_entity_poly.entity_id
_entity_poly.type
_entity_poly.pdbx_seq_one_letter_code
_entity_poly.pdbx_strand_id
1 'polypeptide(L)'
;MSANDFKPETWTSSANEALRVSIVGENAVQFSPLFTYPIYGDSEKIYGYKDLIIHLAFDSVTFKPYVNVKYSAKLGDDNI
VDVEKKLLSFLPKDDVIVRDEAKWVDCFAEERKTHNLSDVFEKVSEYSLNGEEFVVYKSSLVDDFARRMHRRVQIFSLLF
IEAANYIDETDPSWQIYWLLNKKTKELIGFVTTYKYWHYLGAKSFDEDIDKKFRAKISQFLIFPPYQNKGHGSCLYEAII
QSWLEDKSITEITVEDPNEAFDDLRDRNDIQRLRKLGYDAVFQKHSDLSDEFLESSRKSLKLEERQFNRLVEMLLLLNNS
;
A,D
2 'polypeptide(L)'
;MENQEKPLSVDEEYDLWKSNVPLMYDFVSETRLTWPSLTVQWLPTPVQELDGGFIKQELIIGTHTSGEEENYLKFAEINL
PKEILSNEDPQEEAGEEYQSSLPAPRSNIRITAKYEHEEEITRARYMPQDPNIVATINGQGTTFLYSRSEGLQSTLKFHK
DNGYALSFSTLVKGRLLSGSDDHTVALWEVGSGGDPTKPVRTWNDLHSDIINDNKWHNFNKDLFGTVSEDSLLKINDVRA
NNTTIDTVKCPQPFNTLAFSHHSSNLLAAAGMDSYVYLYDLRNMKEPLHHMSGHEDAVNNLEFSTHVDGVVVSSGSDNRL
MMWDLKQIGAEQTPDDAEDGVPELIMVHAGHRSSVNDFDLNPQIPWLVASAEEENILQVWKCSHSLPIVGGPPKVNKDII
S
;
B,E
3 'polypeptide(L)' SGRGKGGKGLGKGGAKRHRKVLRDNIQGITKPAIRRLARRGGVKRISG C,F
4 'polypeptide(L)' ARTKQTARKSTGGKA Y,P
#
# COMPACT_ATOMS: atom_id res chain seq x y z
N LYS A 7 57.79 -22.80 17.49
CA LYS A 7 56.78 -21.76 17.32
C LYS A 7 55.54 -21.91 18.25
N PRO A 8 55.77 -21.79 19.58
CA PRO A 8 54.67 -22.00 20.54
C PRO A 8 53.49 -21.03 20.42
N GLU A 9 53.64 -19.92 19.70
CA GLU A 9 52.56 -18.93 19.54
C GLU A 9 51.50 -19.38 18.54
N THR A 10 51.77 -20.47 17.82
CA THR A 10 50.80 -21.07 16.90
C THR A 10 49.67 -21.76 17.68
N TRP A 11 49.81 -21.79 19.00
CA TRP A 11 48.83 -22.39 19.90
C TRP A 11 47.84 -21.33 20.37
N THR A 12 48.02 -20.11 19.88
CA THR A 12 47.02 -19.07 20.07
C THR A 12 46.46 -18.74 18.70
N SER A 13 45.14 -18.78 18.57
CA SER A 13 44.47 -18.56 17.30
C SER A 13 43.50 -17.42 17.40
N SER A 14 43.31 -16.71 16.30
CA SER A 14 42.22 -15.76 16.19
C SER A 14 40.93 -16.55 15.95
N ALA A 15 39.99 -16.45 16.88
CA ALA A 15 38.75 -17.20 16.78
C ALA A 15 37.99 -16.90 15.48
N ASN A 16 38.10 -15.66 15.00
CA ASN A 16 37.48 -15.28 13.75
C ASN A 16 38.09 -16.05 12.58
N GLU A 17 39.33 -16.51 12.74
CA GLU A 17 39.97 -17.30 11.69
C GLU A 17 39.71 -18.79 11.87
N ALA A 18 39.76 -19.22 13.13
CA ALA A 18 39.58 -20.62 13.46
C ALA A 18 38.14 -21.06 13.12
N LEU A 19 37.17 -20.22 13.44
CA LEU A 19 35.79 -20.58 13.20
C LEU A 19 35.49 -20.52 11.69
N ARG A 20 35.33 -21.68 11.06
CA ARG A 20 34.96 -21.74 9.64
C ARG A 20 33.48 -22.03 9.53
N VAL A 21 32.76 -21.06 8.96
CA VAL A 21 31.34 -21.20 8.80
C VAL A 21 31.03 -21.60 7.37
N SER A 22 30.24 -22.66 7.19
CA SER A 22 29.89 -23.11 5.86
C SER A 22 28.40 -23.28 5.70
N ILE A 23 27.88 -22.90 4.54
CA ILE A 23 26.54 -23.25 4.13
C ILE A 23 26.65 -24.20 2.95
N VAL A 24 26.14 -25.43 3.12
CA VAL A 24 26.28 -26.46 2.10
C VAL A 24 24.98 -26.70 1.32
N GLY A 25 24.95 -26.24 0.07
CA GLY A 25 23.85 -26.59 -0.82
C GLY A 25 24.35 -27.60 -1.83
N GLU A 26 24.55 -27.15 -3.06
CA GLU A 26 25.24 -27.96 -4.05
C GLU A 26 26.72 -27.89 -3.74
N ASN A 27 27.20 -26.66 -3.59
CA ASN A 27 28.57 -26.42 -3.17
C ASN A 27 28.60 -26.03 -1.70
N ALA A 28 29.67 -26.43 -1.01
CA ALA A 28 29.92 -25.96 0.34
C ALA A 28 30.59 -24.60 0.26
N VAL A 29 29.83 -23.56 0.59
CA VAL A 29 30.33 -22.20 0.63
C VAL A 29 30.83 -21.85 2.04
N GLN A 30 32.12 -21.52 2.17
CA GLN A 30 32.75 -21.26 3.45
C GLN A 30 33.13 -19.78 3.64
N PHE A 31 32.99 -19.27 4.86
CA PHE A 31 33.33 -17.87 5.14
C PHE A 31 33.65 -17.68 6.62
N SER A 32 34.01 -16.47 7.01
CA SER A 32 34.44 -16.23 8.37
C SER A 32 33.42 -15.41 9.14
N PRO A 33 33.41 -15.57 10.47
CA PRO A 33 32.52 -14.72 11.26
C PRO A 33 33.10 -13.29 11.34
N LEU A 34 32.24 -12.31 11.60
CA LEU A 34 32.71 -10.94 11.82
C LEU A 34 33.00 -10.77 13.31
N PHE A 35 32.23 -11.49 14.13
CA PHE A 35 32.36 -11.42 15.58
C PHE A 35 32.38 -12.82 16.21
N THR A 36 33.21 -12.98 17.24
CA THR A 36 33.27 -14.23 18.00
C THR A 36 33.26 -13.95 19.51
N TYR A 37 33.43 -12.68 19.88
CA TYR A 37 33.57 -12.29 21.28
C TYR A 37 32.48 -12.78 22.26
N PRO A 38 31.20 -12.82 21.82
CA PRO A 38 30.19 -13.30 22.79
C PRO A 38 30.29 -14.80 23.02
N ILE A 39 31.15 -15.48 22.29
CA ILE A 39 31.32 -16.93 22.41
C ILE A 39 32.67 -17.30 23.01
N TYR A 40 33.72 -16.59 22.59
CA TYR A 40 35.08 -16.93 22.96
C TYR A 40 35.82 -15.79 23.64
N GLY A 41 35.08 -14.75 24.05
CA GLY A 41 35.65 -13.69 24.86
C GLY A 41 36.05 -12.46 24.07
N ASP A 42 36.23 -11.33 24.77
CA ASP A 42 36.48 -10.04 24.12
C ASP A 42 37.73 -9.95 23.21
N SER A 43 38.75 -10.75 23.50
CA SER A 43 39.99 -10.67 22.74
C SER A 43 39.83 -11.41 21.42
N GLU A 44 38.80 -12.25 21.39
CA GLU A 44 38.54 -13.14 20.27
C GLU A 44 39.78 -14.02 19.96
N LYS A 45 40.47 -14.43 21.02
CA LYS A 45 41.61 -15.33 20.89
C LYS A 45 41.28 -16.65 21.58
N ILE A 46 41.85 -17.74 21.08
CA ILE A 46 41.74 -19.04 21.71
C ILE A 46 43.13 -19.63 21.94
N TYR A 47 43.45 -19.89 23.19
CA TYR A 47 44.78 -20.35 23.58
C TYR A 47 44.77 -21.80 24.03
N GLY A 48 45.80 -22.55 23.64
CA GLY A 48 45.96 -23.92 24.08
C GLY A 48 45.79 -24.98 23.00
N TYR A 49 45.36 -24.55 21.81
CA TYR A 49 45.16 -25.45 20.69
C TYR A 49 46.10 -25.10 19.54
N LYS A 50 46.78 -26.10 19.00
CA LYS A 50 47.67 -25.90 17.85
C LYS A 50 46.95 -26.30 16.57
N ASP A 51 47.08 -25.46 15.55
CA ASP A 51 46.50 -25.71 14.24
C ASP A 51 45.00 -25.97 14.40
N LEU A 52 44.36 -25.13 15.21
CA LEU A 52 42.94 -25.25 15.53
C LEU A 52 42.03 -24.89 14.37
N ILE A 53 41.11 -25.79 14.03
CA ILE A 53 40.07 -25.50 13.06
C ILE A 53 38.72 -25.78 13.70
N ILE A 54 37.74 -24.90 13.47
CA ILE A 54 36.41 -25.10 14.01
C ILE A 54 35.39 -25.02 12.90
N HIS A 55 34.88 -26.16 12.44
CA HIS A 55 33.83 -26.20 11.44
C HIS A 55 32.45 -26.02 12.06
N LEU A 56 31.73 -25.00 11.59
CA LEU A 56 30.32 -24.80 11.92
C LEU A 56 29.60 -24.78 10.59
N ALA A 57 28.88 -25.85 10.27
CA ALA A 57 28.28 -25.96 8.94
C ALA A 57 26.75 -26.12 9.02
N PHE A 58 26.06 -25.67 7.97
CA PHE A 58 24.61 -25.75 7.94
C PHE A 58 24.13 -26.19 6.58
N ASP A 59 23.06 -26.99 6.58
CA ASP A 59 22.38 -27.36 5.36
C ASP A 59 21.73 -26.11 4.78
N SER A 60 21.89 -25.90 3.48
CA SER A 60 21.43 -24.65 2.87
C SER A 60 19.90 -24.47 2.92
N VAL A 61 19.21 -25.54 3.28
CA VAL A 61 17.75 -25.56 3.30
C VAL A 61 17.22 -25.66 4.73
N THR A 62 17.57 -26.75 5.43
CA THR A 62 17.02 -26.99 6.76
C THR A 62 17.87 -26.37 7.85
N PHE A 63 19.07 -25.95 7.46
CA PHE A 63 20.04 -25.38 8.39
C PHE A 63 20.33 -26.30 9.55
N LYS A 64 20.40 -27.59 9.26
CA LYS A 64 20.79 -28.55 10.27
C LYS A 64 22.26 -28.27 10.57
N PRO A 65 22.55 -27.84 11.80
CA PRO A 65 23.91 -27.47 12.16
C PRO A 65 24.82 -28.69 12.44
N TYR A 66 26.05 -28.60 11.96
CA TYR A 66 27.09 -29.59 12.19
C TYR A 66 28.29 -28.89 12.82
N VAL A 67 28.92 -29.56 13.78
CA VAL A 67 30.13 -29.04 14.41
C VAL A 67 31.24 -30.10 14.40
N ASN A 68 32.46 -29.67 14.11
CA ASN A 68 33.62 -30.55 14.20
C ASN A 68 34.89 -29.76 14.45
N VAL A 69 35.50 -30.01 15.60
CA VAL A 69 36.70 -29.30 15.99
C VAL A 69 37.96 -30.12 15.72
N LYS A 70 38.94 -29.50 15.03
CA LYS A 70 40.21 -30.18 14.73
C LYS A 70 41.43 -29.41 15.24
N TYR A 71 42.45 -30.16 15.63
CA TYR A 71 43.69 -29.58 16.13
C TYR A 71 44.80 -30.64 16.16
N SER A 72 46.04 -30.21 15.97
CA SER A 72 47.14 -31.16 15.97
C SER A 72 47.62 -31.44 17.40
N ALA A 73 47.30 -30.54 18.32
CA ALA A 73 47.70 -30.71 19.70
C ALA A 73 46.93 -29.74 20.56
N LYS A 74 46.76 -30.08 21.84
CA LYS A 74 45.97 -29.29 22.77
C LYS A 74 46.64 -29.40 24.12
N LEU A 75 46.79 -28.29 24.84
CA LEU A 75 47.40 -28.41 26.18
C LEU A 75 46.47 -29.24 27.07
N GLY A 76 47.07 -30.13 27.85
CA GLY A 76 46.31 -31.06 28.66
C GLY A 76 45.60 -30.36 29.81
N ASP A 77 46.38 -29.53 30.51
CA ASP A 77 45.93 -28.82 31.70
C ASP A 77 44.58 -28.13 31.53
N ASP A 78 43.81 -28.05 32.61
CA ASP A 78 42.50 -27.41 32.55
C ASP A 78 42.73 -25.90 32.49
N ASN A 79 41.66 -25.13 32.72
CA ASN A 79 41.65 -23.67 32.59
C ASN A 79 41.73 -23.25 31.13
N ILE A 80 41.97 -24.22 30.24
CA ILE A 80 41.92 -23.97 28.80
C ILE A 80 40.50 -24.29 28.38
N VAL A 81 40.02 -23.57 27.38
CA VAL A 81 38.61 -23.65 26.99
C VAL A 81 38.26 -24.91 26.19
N ASP A 82 37.12 -25.51 26.55
CA ASP A 82 36.53 -26.59 25.77
C ASP A 82 35.80 -25.90 24.61
N VAL A 83 36.48 -25.79 23.48
CA VAL A 83 35.94 -24.99 22.38
C VAL A 83 34.63 -25.55 21.82
N GLU A 84 34.54 -26.86 21.73
CA GLU A 84 33.34 -27.50 21.20
C GLU A 84 32.17 -27.27 22.17
N LYS A 85 32.44 -27.44 23.45
CA LYS A 85 31.40 -27.30 24.44
C LYS A 85 30.88 -25.89 24.42
N LYS A 86 31.80 -24.93 24.33
CA LYS A 86 31.43 -23.52 24.29
C LYS A 86 30.53 -23.24 23.10
N LEU A 87 30.98 -23.69 21.93
CA LEU A 87 30.25 -23.50 20.69
C LEU A 87 28.88 -24.15 20.77
N LEU A 88 28.81 -25.39 21.25
CA LEU A 88 27.53 -26.09 21.29
C LEU A 88 26.52 -25.41 22.24
N SER A 89 27.02 -24.69 23.24
CA SER A 89 26.14 -24.04 24.18
C SER A 89 25.43 -22.88 23.53
N PHE A 90 25.74 -22.58 22.28
CA PHE A 90 25.08 -21.48 21.60
C PHE A 90 24.26 -22.03 20.45
N LEU A 91 24.22 -23.35 20.32
CA LEU A 91 23.44 -24.01 19.28
C LEU A 91 22.33 -24.83 19.97
N PRO A 92 21.29 -25.23 19.22
CA PRO A 92 20.20 -25.90 19.93
C PRO A 92 20.63 -27.25 20.52
N LYS A 93 20.16 -27.55 21.73
CA LYS A 93 20.52 -28.78 22.42
C LYS A 93 19.95 -29.99 21.67
N ASP A 94 20.80 -31.00 21.47
CA ASP A 94 20.40 -32.23 20.76
C ASP A 94 19.90 -32.00 19.33
N ASP A 95 20.30 -30.90 18.71
CA ASP A 95 20.01 -30.70 17.30
C ASP A 95 21.28 -30.53 16.44
N VAL A 96 22.44 -30.77 17.05
CA VAL A 96 23.69 -30.60 16.32
C VAL A 96 24.39 -31.92 16.18
N ILE A 97 24.79 -32.25 14.96
CA ILE A 97 25.61 -33.43 14.71
C ILE A 97 27.10 -33.15 14.85
N VAL A 98 27.76 -33.86 15.76
CA VAL A 98 29.18 -33.61 16.05
C VAL A 98 30.13 -34.56 15.33
N ARG A 99 30.96 -34.03 14.43
CA ARG A 99 32.11 -34.74 13.79
C ARG A 99 31.78 -35.65 12.60
N ASP A 100 30.64 -36.34 12.63
CA ASP A 100 30.29 -37.28 11.57
C ASP A 100 29.60 -36.60 10.40
N GLU A 101 30.39 -36.21 9.41
CA GLU A 101 29.85 -35.57 8.20
C GLU A 101 28.72 -36.37 7.57
N ALA A 102 28.96 -37.66 7.37
CA ALA A 102 28.02 -38.50 6.63
C ALA A 102 26.70 -38.71 7.38
N LYS A 103 26.78 -38.85 8.71
CA LYS A 103 25.57 -38.92 9.51
C LYS A 103 24.81 -37.59 9.39
N TRP A 104 25.56 -36.50 9.32
CA TRP A 104 24.98 -35.18 9.19
C TRP A 104 24.28 -35.03 7.85
N VAL A 105 24.89 -35.55 6.78
CA VAL A 105 24.30 -35.48 5.45
C VAL A 105 23.05 -36.35 5.38
N ASP A 106 23.12 -37.52 6.01
CA ASP A 106 21.98 -38.41 6.09
C ASP A 106 20.81 -37.66 6.71
N CYS A 107 21.03 -37.17 7.91
CA CYS A 107 20.01 -36.46 8.68
C CYS A 107 19.30 -35.32 7.91
N PHE A 108 20.04 -34.51 7.17
CA PHE A 108 19.36 -33.41 6.47
C PHE A 108 18.82 -33.81 5.11
N ALA A 109 19.29 -34.94 4.60
CA ALA A 109 18.74 -35.48 3.36
C ALA A 109 17.33 -35.99 3.65
N GLU A 110 17.18 -36.54 4.85
CA GLU A 110 15.89 -37.07 5.28
C GLU A 110 14.99 -35.91 5.64
N GLU A 111 15.57 -34.81 6.10
CA GLU A 111 14.76 -33.67 6.51
C GLU A 111 14.21 -32.87 5.35
N ARG A 112 14.93 -32.84 4.23
CA ARG A 112 14.47 -32.04 3.09
C ARG A 112 13.18 -32.57 2.48
N LYS A 113 12.89 -33.84 2.74
CA LYS A 113 11.68 -34.51 2.25
C LYS A 113 10.44 -33.85 2.83
N THR A 114 10.47 -33.59 4.14
CA THR A 114 9.32 -33.02 4.82
C THR A 114 9.46 -31.51 5.00
N HIS A 115 10.53 -30.93 4.45
CA HIS A 115 10.82 -29.52 4.70
C HIS A 115 10.05 -28.56 3.81
N ASN A 116 9.07 -27.89 4.39
CA ASN A 116 8.29 -26.91 3.65
C ASN A 116 7.81 -25.77 4.56
N LEU A 117 8.48 -24.62 4.46
CA LEU A 117 8.04 -23.44 5.17
C LEU A 117 6.85 -22.89 4.44
N SER A 118 6.87 -23.08 3.13
CA SER A 118 5.88 -22.55 2.22
C SER A 118 4.43 -22.98 2.52
N ASP A 119 4.24 -23.95 3.41
CA ASP A 119 2.90 -24.39 3.80
C ASP A 119 2.70 -24.45 5.33
N VAL A 120 3.49 -23.68 6.08
CA VAL A 120 3.32 -23.57 7.53
C VAL A 120 3.33 -22.09 7.94
N PHE A 121 4.00 -21.30 7.12
CA PHE A 121 4.11 -19.87 7.35
C PHE A 121 3.18 -19.11 6.40
N GLU A 122 2.78 -17.93 6.83
CA GLU A 122 2.01 -17.03 6.00
C GLU A 122 2.94 -16.32 5.02
N LYS A 123 2.60 -16.38 3.74
CA LYS A 123 3.38 -15.72 2.71
C LYS A 123 3.19 -14.23 2.81
N VAL A 124 4.21 -13.47 2.48
CA VAL A 124 4.12 -12.02 2.62
C VAL A 124 4.09 -11.40 1.24
N SER A 125 5.11 -11.72 0.46
CA SER A 125 5.23 -11.17 -0.87
C SER A 125 6.16 -12.07 -1.69
N GLU A 126 6.43 -11.66 -2.93
CA GLU A 126 7.21 -12.49 -3.86
C GLU A 126 7.93 -11.53 -4.81
N TYR A 127 9.16 -11.85 -5.20
CA TYR A 127 9.90 -10.96 -6.11
C TYR A 127 10.89 -11.70 -7.00
N SER A 128 11.57 -10.96 -7.89
CA SER A 128 12.50 -11.60 -8.83
C SER A 128 13.87 -10.92 -8.87
N LEU A 129 14.92 -11.72 -8.70
CA LEU A 129 16.29 -11.21 -8.74
C LEU A 129 17.19 -12.07 -9.61
N ASN A 130 17.79 -11.43 -10.61
CA ASN A 130 18.69 -12.10 -11.55
C ASN A 130 18.03 -13.36 -12.07
N GLY A 131 16.81 -13.21 -12.58
CA GLY A 131 16.06 -14.32 -13.15
C GLY A 131 15.68 -15.45 -12.20
N GLU A 132 15.87 -15.23 -10.91
CA GLU A 132 15.44 -16.23 -9.93
C GLU A 132 14.29 -15.68 -9.10
N GLU A 133 13.38 -16.55 -8.73
CA GLU A 133 12.21 -16.13 -7.99
C GLU A 133 12.34 -16.37 -6.48
N PHE A 134 12.11 -15.32 -5.72
CA PHE A 134 12.19 -15.37 -4.27
C PHE A 134 10.87 -15.02 -3.61
N VAL A 135 10.59 -15.66 -2.48
CA VAL A 135 9.34 -15.43 -1.75
C VAL A 135 9.63 -15.10 -0.26
N VAL A 136 8.84 -14.21 0.32
CA VAL A 136 9.05 -13.80 1.69
C VAL A 136 7.95 -14.35 2.61
N TYR A 137 8.35 -15.03 3.68
CA TYR A 137 7.40 -15.60 4.60
C TYR A 137 7.53 -15.00 5.99
N LYS A 138 6.47 -15.16 6.78
CA LYS A 138 6.34 -14.58 8.13
C LYS A 138 5.81 -15.61 9.09
N SER A 139 6.30 -15.57 10.32
CA SER A 139 5.90 -16.54 11.33
C SER A 139 6.05 -15.95 12.72
N SER A 140 5.37 -16.52 13.68
CA SER A 140 5.61 -16.17 15.07
C SER A 140 6.76 -17.02 15.59
N LEU A 141 7.15 -16.82 16.83
CA LEU A 141 8.23 -17.60 17.39
C LEU A 141 7.72 -18.56 18.46
N VAL A 142 6.40 -18.78 18.51
CA VAL A 142 5.89 -19.75 19.48
C VAL A 142 5.64 -21.07 18.77
N ASP A 143 5.44 -21.01 17.45
CA ASP A 143 5.34 -22.19 16.60
C ASP A 143 6.56 -23.08 16.79
N ASP A 144 6.35 -24.39 16.74
CA ASP A 144 7.45 -25.35 17.00
C ASP A 144 8.44 -25.42 15.87
N PHE A 145 7.93 -25.29 14.64
CA PHE A 145 8.79 -25.36 13.48
C PHE A 145 9.53 -24.03 13.25
N ALA A 146 8.89 -22.92 13.60
CA ALA A 146 9.59 -21.65 13.51
C ALA A 146 10.71 -21.66 14.54
N ARG A 147 10.42 -22.19 15.73
CA ARG A 147 11.43 -22.30 16.77
C ARG A 147 12.56 -23.23 16.36
N ARG A 148 12.26 -24.23 15.53
CA ARG A 148 13.30 -25.17 15.16
C ARG A 148 14.29 -24.45 14.27
N MET A 149 13.76 -23.73 13.27
CA MET A 149 14.60 -22.97 12.34
C MET A 149 15.33 -21.83 13.01
N HIS A 150 14.64 -21.09 13.86
CA HIS A 150 15.24 -19.92 14.47
C HIS A 150 16.38 -20.26 15.41
N ARG A 151 16.27 -21.38 16.12
CA ARG A 151 17.32 -21.77 17.03
C ARG A 151 18.55 -22.15 16.23
N ARG A 152 18.30 -22.62 15.01
CA ARG A 152 19.37 -23.05 14.13
C ARG A 152 20.15 -21.87 13.56
N VAL A 153 19.45 -20.80 13.21
CA VAL A 153 20.05 -19.67 12.51
C VAL A 153 20.47 -18.50 13.41
N GLN A 154 20.00 -18.49 14.65
CA GLN A 154 20.22 -17.30 15.48
C GLN A 154 21.69 -17.08 15.82
N ILE A 155 22.50 -18.12 15.74
CA ILE A 155 23.92 -17.91 16.00
C ILE A 155 24.49 -16.97 14.95
N PHE A 156 23.88 -16.89 13.77
CA PHE A 156 24.33 -15.94 12.76
C PHE A 156 24.19 -14.49 13.22
N SER A 157 23.19 -14.19 14.05
CA SER A 157 23.06 -12.86 14.66
C SER A 157 24.30 -12.51 15.47
N LEU A 158 24.79 -13.49 16.24
CA LEU A 158 25.93 -13.26 17.09
C LEU A 158 27.21 -13.13 16.28
N LEU A 159 27.32 -13.90 15.20
CA LEU A 159 28.57 -13.95 14.46
C LEU A 159 28.72 -12.73 13.56
N PHE A 160 27.59 -12.09 13.21
CA PHE A 160 27.63 -11.04 12.18
C PHE A 160 27.02 -9.69 12.58
N ILE A 161 26.38 -9.61 13.74
CA ILE A 161 25.81 -8.35 14.18
C ILE A 161 26.36 -8.03 15.55
N GLU A 162 27.02 -6.87 15.69
CA GLU A 162 27.65 -6.53 16.95
C GLU A 162 26.59 -6.25 18.00
N ALA A 163 26.87 -6.67 19.23
CA ALA A 163 25.97 -6.47 20.36
C ALA A 163 24.66 -7.27 20.24
N ALA A 164 24.62 -8.20 19.29
CA ALA A 164 23.39 -8.97 19.12
C ALA A 164 23.23 -9.85 20.36
N ASN A 165 21.99 -10.09 20.78
CA ASN A 165 21.72 -11.09 21.81
C ASN A 165 20.67 -12.07 21.33
N TYR A 166 20.63 -13.26 21.93
CA TYR A 166 19.53 -14.18 21.66
C TYR A 166 18.21 -13.60 22.22
N ILE A 167 17.15 -13.64 21.41
CA ILE A 167 15.86 -13.10 21.81
C ILE A 167 15.00 -14.13 22.55
N ASP A 168 14.01 -13.64 23.30
CA ASP A 168 13.11 -14.46 24.12
C ASP A 168 12.01 -15.11 23.29
N GLU A 169 12.16 -16.39 22.97
CA GLU A 169 11.16 -17.03 22.11
C GLU A 169 9.74 -17.14 22.74
N THR A 170 9.64 -16.90 24.05
CA THR A 170 8.34 -16.89 24.72
C THR A 170 7.58 -15.56 24.57
N ASP A 171 8.23 -14.53 24.04
CA ASP A 171 7.55 -13.25 23.88
C ASP A 171 6.80 -13.26 22.58
N PRO A 172 5.45 -13.25 22.67
CA PRO A 172 4.57 -13.47 21.51
C PRO A 172 4.62 -12.29 20.54
N SER A 173 5.18 -11.18 20.99
CA SER A 173 5.33 -10.02 20.12
C SER A 173 6.53 -10.14 19.17
N TRP A 174 7.26 -11.24 19.22
CA TRP A 174 8.28 -11.52 18.23
C TRP A 174 7.65 -12.03 16.94
N GLN A 175 8.16 -11.54 15.81
CA GLN A 175 7.68 -11.95 14.51
C GLN A 175 8.90 -12.04 13.62
N ILE A 176 9.10 -13.18 12.98
CA ILE A 176 10.26 -13.37 12.12
C ILE A 176 9.83 -13.43 10.65
N TYR A 177 10.56 -12.72 9.79
CA TYR A 177 10.36 -12.79 8.35
C TYR A 177 11.40 -13.70 7.72
N TRP A 178 10.98 -14.55 6.79
CA TRP A 178 11.89 -15.54 6.21
C TRP A 178 12.02 -15.33 4.69
N LEU A 179 13.26 -15.28 4.19
CA LEU A 179 13.45 -15.13 2.76
C LEU A 179 13.90 -16.44 2.12
N LEU A 180 13.02 -17.05 1.32
CA LEU A 180 13.36 -18.31 0.64
C LEU A 180 13.58 -18.10 -0.84
N ASN A 181 14.43 -18.94 -1.40
CA ASN A 181 14.51 -19.15 -2.82
C ASN A 181 13.37 -20.11 -3.16
N LYS A 182 12.44 -19.65 -3.98
CA LYS A 182 11.18 -20.33 -4.21
C LYS A 182 11.33 -21.73 -4.80
N LYS A 183 12.27 -21.84 -5.75
CA LYS A 183 12.51 -23.11 -6.43
C LYS A 183 13.20 -24.09 -5.48
N THR A 184 14.41 -23.72 -5.02
CA THR A 184 15.28 -24.61 -4.25
C THR A 184 14.89 -24.75 -2.78
N LYS A 185 14.01 -23.86 -2.30
CA LYS A 185 13.56 -23.86 -0.90
C LYS A 185 14.65 -23.42 0.09
N GLU A 186 15.73 -22.85 -0.43
CA GLU A 186 16.88 -22.43 0.38
C GLU A 186 16.66 -21.08 1.08
N LEU A 187 17.14 -20.99 2.32
CA LEU A 187 16.96 -19.80 3.15
C LEU A 187 18.07 -18.79 2.90
N ILE A 188 17.68 -17.61 2.44
CA ILE A 188 18.63 -16.58 2.03
C ILE A 188 18.94 -15.61 3.16
N GLY A 189 17.92 -15.38 3.99
CA GLY A 189 18.02 -14.48 5.12
C GLY A 189 16.82 -14.58 6.05
N PHE A 190 16.90 -13.88 7.18
CA PHE A 190 15.77 -13.77 8.09
C PHE A 190 15.85 -12.42 8.80
N VAL A 191 14.70 -11.92 9.24
CA VAL A 191 14.65 -10.66 9.99
C VAL A 191 13.79 -10.81 11.23
N THR A 192 14.38 -10.54 12.38
CA THR A 192 13.58 -10.58 13.59
C THR A 192 12.92 -9.21 13.79
N THR A 193 11.61 -9.22 14.01
CA THR A 193 10.88 -7.97 14.23
C THR A 193 10.02 -8.02 15.50
N TYR A 194 9.78 -6.84 16.08
CA TYR A 194 9.00 -6.72 17.31
C TYR A 194 7.97 -5.60 17.18
N LYS A 195 7.05 -5.51 18.13
CA LYS A 195 6.07 -4.43 18.14
C LYS A 195 5.82 -3.90 19.56
N TYR A 196 5.82 -2.58 19.71
CA TYR A 196 5.56 -1.92 21.00
C TYR A 196 4.29 -1.11 20.96
N TRP A 197 3.54 -1.11 22.06
CA TRP A 197 2.37 -0.27 22.15
C TRP A 197 2.76 1.17 21.81
N HIS A 198 1.97 1.80 20.96
CA HIS A 198 2.16 3.21 20.69
C HIS A 198 0.99 4.01 21.27
N TYR A 199 1.26 4.79 22.31
CA TYR A 199 0.26 5.66 22.90
C TYR A 199 0.20 7.00 22.18
N LEU A 200 -0.94 7.27 21.53
CA LEU A 200 -1.11 8.45 20.68
C LEU A 200 -1.87 9.57 21.39
N GLY A 201 -1.96 9.50 22.71
CA GLY A 201 -2.69 10.51 23.48
C GLY A 201 -4.11 10.07 23.77
N ALA A 202 -4.73 10.70 24.77
CA ALA A 202 -6.00 10.21 25.30
C ALA A 202 -7.12 10.16 24.25
N LYS A 203 -7.22 11.17 23.41
CA LYS A 203 -8.27 11.18 22.40
C LYS A 203 -8.20 9.97 21.49
N SER A 204 -7.06 9.78 20.83
CA SER A 204 -6.93 8.66 19.89
C SER A 204 -7.12 7.34 20.60
N PHE A 205 -6.45 7.20 21.74
CA PHE A 205 -6.49 5.94 22.44
C PHE A 205 -7.93 5.53 22.75
N ASP A 206 -8.72 6.49 23.21
CA ASP A 206 -10.11 6.23 23.59
C ASP A 206 -11.04 6.03 22.41
N GLU A 207 -10.64 6.48 21.23
CA GLU A 207 -11.43 6.34 20.01
C GLU A 207 -11.24 4.98 19.36
N ASP A 208 -10.01 4.69 18.97
CA ASP A 208 -9.69 3.39 18.38
C ASP A 208 -9.48 2.35 19.50
N ILE A 209 -10.41 1.40 19.58
CA ILE A 209 -10.30 0.31 20.55
C ILE A 209 -9.29 -0.70 19.99
N ASP A 210 -9.07 -0.59 18.69
CA ASP A 210 -8.05 -1.31 17.94
C ASP A 210 -6.64 -0.84 18.33
N LYS A 211 -5.83 -1.74 18.86
CA LYS A 211 -4.51 -1.42 19.45
C LYS A 211 -3.41 -1.00 18.45
N LYS A 212 -2.61 -0.01 18.82
CA LYS A 212 -1.63 0.55 17.90
C LYS A 212 -0.21 0.26 18.34
N PHE A 213 0.66 0.01 17.35
CA PHE A 213 2.05 -0.39 17.60
C PHE A 213 3.09 0.34 16.75
N ARG A 214 4.26 0.56 17.33
CA ARG A 214 5.46 0.87 16.56
C ARG A 214 6.04 -0.48 16.24
N ALA A 215 6.25 -0.77 14.96
CA ALA A 215 6.91 -2.01 14.56
C ALA A 215 8.42 -1.75 14.51
N LYS A 216 9.22 -2.77 14.81
CA LYS A 216 10.66 -2.56 14.87
C LYS A 216 11.45 -3.68 14.18
N ILE A 217 12.35 -3.30 13.28
CA ILE A 217 13.33 -4.24 12.76
C ILE A 217 14.44 -4.33 13.79
N SER A 218 14.72 -5.54 14.26
CA SER A 218 15.75 -5.76 15.26
C SER A 218 17.00 -6.40 14.63
N GLN A 219 16.91 -7.68 14.28
CA GLN A 219 18.05 -8.33 13.62
C GLN A 219 17.72 -8.64 12.15
N PHE A 220 18.56 -8.12 11.25
CA PHE A 220 18.31 -8.15 9.81
C PHE A 220 19.51 -8.80 9.16
N LEU A 221 19.34 -10.04 8.72
CA LEU A 221 20.47 -10.86 8.33
C LEU A 221 20.24 -11.44 6.93
N ILE A 222 21.16 -11.14 6.02
CA ILE A 222 21.26 -11.89 4.76
C ILE A 222 22.58 -12.65 4.85
N PHE A 223 22.48 -13.99 4.83
CA PHE A 223 23.68 -14.84 4.93
C PHE A 223 24.74 -14.45 3.91
N PRO A 224 26.00 -14.37 4.36
CA PRO A 224 27.09 -13.88 3.50
C PRO A 224 27.12 -14.36 2.03
N PRO A 225 26.90 -15.65 1.76
CA PRO A 225 26.90 -16.06 0.35
C PRO A 225 25.91 -15.28 -0.54
N TYR A 226 24.82 -14.75 0.00
CA TYR A 226 23.80 -14.11 -0.83
C TYR A 226 23.82 -12.59 -0.75
N GLN A 227 24.87 -12.03 -0.15
CA GLN A 227 24.94 -10.58 0.02
C GLN A 227 25.37 -9.85 -1.25
N ASN A 228 25.20 -8.53 -1.23
CA ASN A 228 25.57 -7.67 -2.36
C ASN A 228 24.93 -8.08 -3.69
N LYS A 229 23.68 -8.51 -3.63
CA LYS A 229 22.90 -8.86 -4.82
C LYS A 229 21.52 -8.18 -4.87
N GLY A 230 21.20 -7.35 -3.89
CA GLY A 230 19.94 -6.62 -3.86
C GLY A 230 18.82 -7.24 -3.01
N HIS A 231 19.16 -8.26 -2.24
CA HIS A 231 18.18 -8.96 -1.40
C HIS A 231 17.70 -8.13 -0.22
N GLY A 232 18.67 -7.52 0.46
CA GLY A 232 18.37 -6.68 1.60
C GLY A 232 17.36 -5.61 1.23
N SER A 233 17.61 -4.92 0.12
CA SER A 233 16.69 -3.89 -0.32
C SER A 233 15.34 -4.50 -0.64
N CYS A 234 15.32 -5.65 -1.29
CA CYS A 234 14.05 -6.24 -1.63
C CYS A 234 13.32 -6.74 -0.39
N LEU A 235 14.09 -7.31 0.54
CA LEU A 235 13.53 -7.77 1.80
C LEU A 235 13.11 -6.61 2.73
N TYR A 236 13.91 -5.55 2.78
CA TYR A 236 13.53 -4.39 3.58
C TYR A 236 12.23 -3.84 2.99
N GLU A 237 12.13 -3.87 1.67
CA GLU A 237 11.03 -3.24 0.99
C GLU A 237 9.77 -4.07 1.21
N ALA A 238 9.90 -5.39 1.19
CA ALA A 238 8.73 -6.24 1.41
C ALA A 238 8.10 -6.01 2.80
N ILE A 239 8.96 -5.99 3.82
CA ILE A 239 8.53 -5.82 5.19
C ILE A 239 7.80 -4.48 5.40
N ILE A 240 8.45 -3.40 4.97
CA ILE A 240 7.91 -2.06 5.12
C ILE A 240 6.54 -1.99 4.45
N GLN A 241 6.47 -2.57 3.25
CA GLN A 241 5.22 -2.60 2.54
C GLN A 241 4.12 -3.33 3.33
N SER A 242 4.41 -4.52 3.86
CA SER A 242 3.36 -5.24 4.60
C SER A 242 2.99 -4.48 5.87
N TRP A 243 3.93 -3.70 6.40
CA TRP A 243 3.66 -2.90 7.59
C TRP A 243 2.84 -1.67 7.20
N LEU A 244 3.03 -1.19 5.97
CA LEU A 244 2.23 -0.05 5.48
C LEU A 244 0.78 -0.51 5.32
N GLU A 245 0.58 -1.79 5.07
CA GLU A 245 -0.76 -2.32 4.95
C GLU A 245 -1.38 -2.74 6.27
N ASP A 246 -0.57 -2.80 7.33
CA ASP A 246 -1.07 -3.19 8.64
C ASP A 246 -1.58 -1.96 9.38
N LYS A 247 -2.89 -1.91 9.63
CA LYS A 247 -3.48 -0.73 10.25
C LYS A 247 -3.14 -0.61 11.73
N SER A 248 -2.56 -1.66 12.30
CA SER A 248 -2.19 -1.58 13.70
C SER A 248 -0.82 -0.91 13.86
N ILE A 249 -0.04 -0.89 12.79
CA ILE A 249 1.27 -0.28 12.82
C ILE A 249 1.18 1.21 12.56
N THR A 250 1.80 2.01 13.42
CA THR A 250 1.85 3.46 13.23
C THR A 250 3.20 3.96 12.71
N GLU A 251 4.28 3.39 13.22
CA GLU A 251 5.60 3.82 12.77
C GLU A 251 6.46 2.63 12.47
N ILE A 252 7.50 2.86 11.68
CA ILE A 252 8.50 1.85 11.43
C ILE A 252 9.82 2.26 12.08
N THR A 253 10.34 1.42 12.97
CA THR A 253 11.53 1.81 13.73
C THR A 253 12.60 0.73 13.58
N VAL A 254 13.85 1.09 13.82
CA VAL A 254 14.95 0.13 13.72
C VAL A 254 15.81 0.20 14.99
N GLU A 255 16.16 -0.96 15.54
CA GLU A 255 17.06 -1.05 16.70
C GLU A 255 18.51 -0.96 16.27
N ASP A 256 19.27 0.02 16.78
CA ASP A 256 20.73 0.09 16.60
C ASP A 256 21.26 -0.33 15.21
N PRO A 257 20.96 0.45 14.17
CA PRO A 257 21.43 0.01 12.85
C PRO A 257 22.87 0.44 12.57
N ASN A 258 23.60 -0.39 11.81
CA ASN A 258 24.94 -0.06 11.40
C ASN A 258 24.93 0.85 10.17
N GLU A 259 26.11 1.24 9.69
CA GLU A 259 26.17 2.17 8.57
C GLU A 259 25.60 1.53 7.32
N ALA A 260 25.81 0.23 7.19
CA ALA A 260 25.31 -0.50 6.02
C ALA A 260 23.79 -0.42 5.97
N PHE A 261 23.14 -0.75 7.09
CA PHE A 261 21.68 -0.63 7.16
C PHE A 261 21.21 0.84 7.10
N ASP A 262 21.97 1.75 7.72
CA ASP A 262 21.73 3.17 7.53
C ASP A 262 21.56 3.51 6.04
N ASP A 263 22.49 3.09 5.21
CA ASP A 263 22.43 3.44 3.79
C ASP A 263 21.30 2.71 3.09
N LEU A 264 21.10 1.44 3.47
CA LEU A 264 20.03 0.64 2.89
C LEU A 264 18.68 1.30 3.20
N ARG A 265 18.43 1.62 4.47
CA ARG A 265 17.22 2.31 4.87
C ARG A 265 17.06 3.65 4.12
N ASP A 266 18.14 4.41 4.03
CA ASP A 266 18.08 5.72 3.40
C ASP A 266 17.73 5.61 1.93
N ARG A 267 18.31 4.63 1.24
CA ARG A 267 18.08 4.45 -0.18
C ARG A 267 16.61 4.16 -0.44
N ASN A 268 16.13 3.06 0.14
CA ASN A 268 14.76 2.64 -0.03
C ASN A 268 13.71 3.66 0.48
N ASP A 269 13.98 4.31 1.60
CA ASP A 269 13.05 5.33 2.06
C ASP A 269 13.03 6.50 1.09
N ILE A 270 14.22 6.90 0.63
CA ILE A 270 14.35 7.99 -0.33
C ILE A 270 13.59 7.73 -1.61
N GLN A 271 13.69 6.53 -2.17
CA GLN A 271 12.95 6.37 -3.39
C GLN A 271 11.50 6.09 -3.21
N ARG A 272 11.06 5.82 -1.99
CA ARG A 272 9.61 5.68 -1.78
C ARG A 272 9.03 7.08 -1.83
N LEU A 273 9.69 8.03 -1.19
CA LEU A 273 9.21 9.40 -1.19
C LEU A 273 9.18 10.00 -2.59
N ARG A 274 10.17 9.64 -3.41
CA ARG A 274 10.23 10.17 -4.76
C ARG A 274 9.06 9.63 -5.55
N LYS A 275 8.81 8.34 -5.37
CA LYS A 275 7.76 7.65 -6.09
C LYS A 275 6.38 8.14 -5.66
N LEU A 276 6.27 8.70 -4.46
CA LEU A 276 4.97 9.21 -4.01
C LEU A 276 4.86 10.71 -4.30
N GLY A 277 5.97 11.29 -4.77
CA GLY A 277 6.01 12.67 -5.20
C GLY A 277 6.32 13.65 -4.09
N TYR A 278 6.74 13.14 -2.94
CA TYR A 278 7.05 14.02 -1.81
C TYR A 278 8.38 14.77 -2.06
N ASP A 279 9.22 14.21 -2.92
CA ASP A 279 10.43 14.90 -3.32
C ASP A 279 10.02 16.26 -3.88
N ALA A 280 9.04 16.26 -4.78
CA ALA A 280 8.62 17.50 -5.39
C ALA A 280 7.84 18.36 -4.41
N VAL A 281 6.97 17.75 -3.60
CA VAL A 281 6.21 18.51 -2.60
C VAL A 281 7.09 19.31 -1.63
N PHE A 282 8.20 18.72 -1.20
CA PHE A 282 9.03 19.33 -0.18
C PHE A 282 10.07 20.28 -0.76
N GLN A 283 10.62 19.97 -1.92
CA GLN A 283 11.68 20.81 -2.46
C GLN A 283 11.16 21.94 -3.34
N LYS A 284 9.84 22.08 -3.38
CA LYS A 284 9.19 23.13 -4.18
C LYS A 284 8.04 23.85 -3.46
N HIS A 285 7.93 23.70 -2.15
CA HIS A 285 6.79 24.26 -1.45
C HIS A 285 7.09 24.43 0.03
N SER A 286 7.93 25.40 0.36
CA SER A 286 8.25 25.71 1.75
C SER A 286 7.00 26.01 2.60
N ASP A 287 6.00 26.59 1.94
CA ASP A 287 4.80 27.14 2.59
C ASP A 287 3.80 26.09 3.05
N LEU A 288 4.26 25.14 3.85
CA LEU A 288 3.46 23.99 4.24
C LEU A 288 3.06 24.10 5.71
N SER A 289 1.79 23.80 6.01
CA SER A 289 1.36 23.80 7.41
C SER A 289 2.10 22.69 8.13
N ASP A 290 2.23 22.85 9.44
CA ASP A 290 2.96 21.87 10.24
C ASP A 290 2.15 20.59 10.29
N GLU A 291 0.84 20.73 10.12
CA GLU A 291 -0.07 19.61 10.15
C GLU A 291 -0.05 18.84 8.82
N PHE A 292 0.54 19.43 7.78
CA PHE A 292 0.76 18.67 6.56
C PHE A 292 1.98 17.79 6.71
N LEU A 293 2.94 18.30 7.48
CA LEU A 293 4.19 17.60 7.71
C LEU A 293 3.96 16.37 8.58
N GLU A 294 3.07 16.52 9.56
CA GLU A 294 2.67 15.42 10.43
C GLU A 294 1.90 14.39 9.65
N SER A 295 1.00 14.88 8.82
CA SER A 295 0.14 14.02 8.04
C SER A 295 0.96 13.22 7.06
N SER A 296 1.91 13.88 6.42
CA SER A 296 2.80 13.19 5.52
C SER A 296 3.54 12.09 6.26
N ARG A 297 4.10 12.43 7.42
CA ARG A 297 4.92 11.45 8.14
C ARG A 297 4.06 10.29 8.55
N LYS A 298 2.90 10.57 9.12
CA LYS A 298 2.04 9.48 9.57
C LYS A 298 1.62 8.61 8.40
N SER A 299 1.41 9.22 7.23
CA SER A 299 0.95 8.49 6.05
C SER A 299 2.06 7.55 5.63
N LEU A 300 3.27 8.04 5.79
CA LEU A 300 4.45 7.30 5.40
C LEU A 300 4.88 6.33 6.49
N LYS A 301 4.32 6.46 7.69
CA LYS A 301 4.70 5.57 8.78
C LYS A 301 6.21 5.62 9.12
N LEU A 302 6.84 6.76 8.83
CA LEU A 302 8.25 6.93 9.12
C LEU A 302 8.52 7.44 10.54
N GLU A 303 9.60 6.92 11.14
CA GLU A 303 10.07 7.37 12.45
C GLU A 303 10.41 8.85 12.32
N GLU A 304 10.16 9.64 13.36
CA GLU A 304 10.25 11.09 13.24
C GLU A 304 11.62 11.66 12.84
N ARG A 305 12.69 11.12 13.38
CA ARG A 305 14.02 11.65 13.10
C ARG A 305 14.48 11.22 11.70
N GLN A 306 14.15 9.98 11.35
CA GLN A 306 14.41 9.49 10.00
C GLN A 306 13.65 10.38 9.02
N PHE A 307 12.40 10.71 9.34
CA PHE A 307 11.60 11.57 8.48
C PHE A 307 12.27 12.92 8.26
N ASN A 308 12.71 13.57 9.32
CA ASN A 308 13.39 14.86 9.18
C ASN A 308 14.66 14.80 8.34
N ARG A 309 15.45 13.73 8.52
CA ARG A 309 16.65 13.54 7.72
C ARG A 309 16.29 13.51 6.26
N LEU A 310 15.24 12.77 5.92
CA LEU A 310 14.95 12.59 4.50
C LEU A 310 14.44 13.88 3.87
N VAL A 311 13.64 14.62 4.65
CA VAL A 311 13.11 15.87 4.14
C VAL A 311 14.23 16.88 3.90
N GLU A 312 15.09 17.08 4.89
CA GLU A 312 16.26 17.95 4.73
C GLU A 312 17.15 17.52 3.58
N MET A 313 17.33 16.22 3.45
CA MET A 313 18.12 15.63 2.38
C MET A 313 17.49 15.96 1.02
N LEU A 314 16.16 16.04 0.98
CA LEU A 314 15.45 16.40 -0.26
C LEU A 314 15.47 17.90 -0.51
N LEU A 315 15.36 18.69 0.55
CA LEU A 315 15.42 20.14 0.45
C LEU A 315 16.72 20.63 -0.18
N LEU A 316 17.83 20.01 0.21
CA LEU A 316 19.14 20.43 -0.25
C LEU A 316 19.47 19.82 -1.62
N LEU A 317 18.96 18.62 -1.89
CA LEU A 317 19.36 17.93 -3.12
C LEU A 317 18.84 18.62 -4.39
N ASN A 318 17.66 19.22 -4.32
CA ASN A 318 17.19 20.07 -5.42
C ASN A 318 16.70 21.41 -4.89
N ASN A 319 17.66 22.22 -4.44
CA ASN A 319 17.41 23.55 -3.90
C ASN A 319 17.03 24.54 -4.99
N LEU B 8 29.06 2.04 44.51
CA LEU B 8 28.94 3.21 45.38
C LEU B 8 28.22 2.90 46.69
N SER B 9 28.50 3.71 47.72
CA SER B 9 27.73 3.63 48.95
C SER B 9 26.58 4.62 48.77
N VAL B 10 25.56 4.54 49.62
CA VAL B 10 24.40 5.41 49.45
C VAL B 10 24.75 6.85 49.80
N ASP B 11 25.75 7.03 50.65
CA ASP B 11 26.22 8.35 51.03
C ASP B 11 27.21 8.90 49.99
N GLU B 12 28.00 8.01 49.41
CA GLU B 12 28.88 8.36 48.30
C GLU B 12 28.02 8.82 47.13
N GLU B 13 26.95 8.09 46.89
CA GLU B 13 26.04 8.35 45.77
C GLU B 13 25.25 9.64 45.98
N TYR B 14 24.90 9.91 47.23
CA TYR B 14 24.14 11.11 47.55
C TYR B 14 24.92 12.40 47.27
N ASP B 15 26.22 12.40 47.57
CA ASP B 15 27.05 13.57 47.32
C ASP B 15 27.19 13.77 45.83
N LEU B 16 27.24 12.65 45.11
CA LEU B 16 27.31 12.70 43.66
C LEU B 16 26.05 13.31 43.07
N TRP B 17 24.89 12.88 43.57
CA TRP B 17 23.62 13.43 43.15
C TRP B 17 23.57 14.93 43.48
N LYS B 18 24.01 15.29 44.68
CA LYS B 18 23.97 16.67 45.14
C LYS B 18 24.84 17.58 44.29
N SER B 19 25.92 17.04 43.73
CA SER B 19 26.82 17.85 42.91
C SER B 19 26.23 18.16 41.54
N ASN B 20 25.16 17.45 41.17
CA ASN B 20 24.54 17.68 39.88
C ASN B 20 23.16 18.30 40.00
N VAL B 21 22.74 18.59 41.23
CA VAL B 21 21.42 19.20 41.47
C VAL B 21 21.15 20.49 40.70
N PRO B 22 22.13 21.42 40.66
CA PRO B 22 21.87 22.65 39.90
C PRO B 22 21.58 22.45 38.41
N LEU B 23 22.07 21.37 37.81
CA LEU B 23 21.84 21.09 36.39
C LEU B 23 20.49 20.40 36.11
N MET B 24 20.08 19.52 37.03
CA MET B 24 18.91 18.68 36.81
C MET B 24 17.63 19.30 37.34
N TYR B 25 17.74 20.12 38.37
CA TYR B 25 16.54 20.64 39.02
C TYR B 25 16.43 22.14 38.92
N ASP B 26 15.21 22.64 38.76
CA ASP B 26 14.95 24.07 38.90
C ASP B 26 14.98 24.39 40.37
N PHE B 27 14.64 23.41 41.18
CA PHE B 27 14.48 23.62 42.61
C PHE B 27 14.59 22.30 43.37
N VAL B 28 15.30 22.33 44.49
CA VAL B 28 15.29 21.20 45.43
C VAL B 28 15.43 21.75 46.81
N SER B 29 14.56 21.30 47.72
CA SER B 29 14.74 21.61 49.14
C SER B 29 14.58 20.34 49.94
N GLU B 30 15.38 20.21 51.00
CA GLU B 30 15.43 19.03 51.83
C GLU B 30 15.08 19.39 53.27
N THR B 31 14.29 18.54 53.92
CA THR B 31 13.82 18.83 55.27
C THR B 31 13.82 17.60 56.15
N ARG B 32 14.46 17.74 57.32
CA ARG B 32 14.46 16.68 58.31
C ARG B 32 13.25 16.78 59.21
N LEU B 33 12.60 15.65 59.43
CA LEU B 33 11.40 15.60 60.24
C LEU B 33 11.76 14.93 61.55
N THR B 34 11.14 15.38 62.63
CA THR B 34 11.39 14.79 63.93
C THR B 34 11.06 13.31 63.81
N TRP B 35 9.91 13.03 63.20
CA TRP B 35 9.46 11.67 62.98
C TRP B 35 9.20 11.47 61.49
N PRO B 36 9.36 10.24 61.01
CA PRO B 36 9.12 9.98 59.58
C PRO B 36 7.64 10.06 59.21
N SER B 37 7.34 10.59 58.02
CA SER B 37 5.98 10.54 57.51
C SER B 37 5.80 9.34 56.60
N LEU B 38 4.59 8.81 56.56
CA LEU B 38 4.28 7.67 55.71
C LEU B 38 3.40 8.15 54.59
N THR B 39 3.04 9.43 54.63
CA THR B 39 2.06 9.96 53.70
C THR B 39 2.39 11.39 53.30
N VAL B 40 2.08 11.75 52.06
CA VAL B 40 2.40 13.08 51.53
C VAL B 40 1.34 13.47 50.50
N GLN B 41 0.68 14.58 50.74
CA GLN B 41 -0.23 15.13 49.73
C GLN B 41 -0.16 16.65 49.70
N TRP B 42 -0.04 17.22 48.50
CA TRP B 42 -0.20 18.66 48.35
C TRP B 42 -1.69 19.01 48.50
N LEU B 43 -1.97 20.16 49.09
CA LEU B 43 -3.35 20.66 49.18
C LEU B 43 -3.61 21.45 47.91
N PRO B 44 -4.89 21.65 47.56
CA PRO B 44 -5.11 22.38 46.31
C PRO B 44 -5.16 23.88 46.56
N THR B 45 -4.50 24.33 47.63
CA THR B 45 -4.40 25.74 47.96
C THR B 45 -3.78 26.48 46.80
N PRO B 46 -4.49 27.50 46.29
CA PRO B 46 -4.07 28.23 45.08
C PRO B 46 -2.74 28.98 45.23
N VAL B 47 -1.96 29.07 44.16
CA VAL B 47 -0.72 29.82 44.21
C VAL B 47 -0.98 31.27 44.63
N GLN B 48 -0.31 31.70 45.69
CA GLN B 48 -0.41 33.09 46.10
C GLN B 48 0.97 33.61 46.44
N GLU B 49 1.37 34.72 45.82
CA GLU B 49 2.64 35.33 46.14
C GLU B 49 2.56 36.11 47.43
N LEU B 50 3.57 35.93 48.28
CA LEU B 50 3.64 36.61 49.55
C LEU B 50 4.67 37.73 49.50
N ASP B 51 4.60 38.62 50.48
CA ASP B 51 5.62 39.61 50.71
C ASP B 51 6.94 38.86 50.87
N GLY B 52 7.96 39.30 50.15
CA GLY B 52 9.25 38.64 50.24
C GLY B 52 9.56 37.84 48.99
N GLY B 53 8.71 37.97 47.97
CA GLY B 53 8.91 37.28 46.70
C GLY B 53 8.77 35.75 46.74
N PHE B 54 8.01 35.24 47.69
CA PHE B 54 7.73 33.82 47.78
C PHE B 54 6.31 33.49 47.37
N ILE B 55 6.10 32.28 46.85
CA ILE B 55 4.75 31.78 46.66
C ILE B 55 4.51 30.66 47.66
N LYS B 56 3.27 30.56 48.17
CA LYS B 56 2.99 29.57 49.21
C LYS B 56 2.18 28.38 48.72
N GLN B 57 2.53 27.20 49.22
CA GLN B 57 1.77 25.98 48.99
C GLN B 57 1.63 25.26 50.31
N GLU B 58 0.68 24.34 50.39
CA GLU B 58 0.46 23.61 51.62
C GLU B 58 0.56 22.11 51.39
N LEU B 59 0.97 21.42 52.45
CA LEU B 59 1.29 20.00 52.39
C LEU B 59 0.74 19.30 53.62
N ILE B 60 0.15 18.12 53.43
CA ILE B 60 -0.30 17.30 54.54
C ILE B 60 0.74 16.22 54.74
N ILE B 61 1.24 16.08 55.97
CA ILE B 61 2.12 14.96 56.29
C ILE B 61 1.68 14.32 57.60
N GLY B 62 2.29 13.20 57.99
CA GLY B 62 1.89 12.49 59.19
C GLY B 62 3.09 12.07 60.02
N THR B 63 2.89 11.26 61.05
CA THR B 63 4.00 10.77 61.84
C THR B 63 3.92 9.27 62.02
N HIS B 64 5.05 8.70 62.40
CA HIS B 64 5.15 7.30 62.74
C HIS B 64 6.21 7.26 63.82
N THR B 65 5.82 6.82 65.02
CA THR B 65 6.72 6.86 66.18
C THR B 65 7.02 5.45 66.68
N SER B 66 6.33 4.48 66.11
CA SER B 66 6.42 3.09 66.57
C SER B 66 6.03 2.97 68.04
N GLY B 67 5.32 3.98 68.54
CA GLY B 67 4.82 3.97 69.90
C GLY B 67 5.56 4.76 70.95
N GLU B 68 6.70 5.36 70.62
CA GLU B 68 7.47 6.12 71.60
C GLU B 68 6.78 7.44 72.04
N GLU B 69 6.30 8.20 71.07
CA GLU B 69 5.60 9.45 71.34
C GLU B 69 4.18 9.37 70.83
N GLU B 70 3.50 10.50 70.83
CA GLU B 70 2.16 10.59 70.26
C GLU B 70 2.27 10.91 68.78
N ASN B 71 1.25 10.54 68.02
CA ASN B 71 1.25 10.82 66.59
C ASN B 71 0.40 12.02 66.24
N TYR B 72 0.72 12.63 65.11
CA TYR B 72 0.03 13.84 64.68
C TYR B 72 -0.28 13.84 63.19
N LEU B 73 -1.43 14.40 62.83
CA LEU B 73 -1.71 14.77 61.46
C LEU B 73 -1.18 16.19 61.32
N LYS B 74 -0.25 16.45 60.40
CA LYS B 74 0.35 17.79 60.33
C LYS B 74 0.02 18.56 59.06
N PHE B 75 -0.11 19.87 59.18
CA PHE B 75 -0.31 20.68 57.98
C PHE B 75 0.87 21.62 57.86
N ALA B 76 1.50 21.59 56.68
CA ALA B 76 2.78 22.27 56.49
C ALA B 76 2.65 23.35 55.42
N GLU B 77 3.27 24.50 55.70
CA GLU B 77 3.31 25.59 54.74
C GLU B 77 4.66 25.55 54.05
N ILE B 78 4.65 25.53 52.73
CA ILE B 78 5.90 25.54 51.98
C ILE B 78 6.05 26.87 51.25
N ASN B 79 7.15 27.56 51.51
CA ASN B 79 7.42 28.83 50.85
C ASN B 79 8.43 28.68 49.73
N LEU B 80 7.96 28.73 48.50
CA LEU B 80 8.80 28.46 47.35
C LEU B 80 9.23 29.76 46.63
N PRO B 81 10.42 29.73 45.99
CA PRO B 81 10.86 30.83 45.11
C PRO B 81 9.83 31.18 44.04
N LYS B 82 9.63 32.48 43.85
CA LYS B 82 8.69 33.04 42.89
C LYS B 82 8.98 32.53 41.47
N GLU B 83 10.24 32.19 41.21
CA GLU B 83 10.66 31.76 39.88
C GLU B 83 10.37 30.28 39.57
N ILE B 84 9.70 29.61 40.50
CA ILE B 84 9.33 28.21 40.33
C ILE B 84 8.12 28.08 39.37
N LEU B 85 7.65 29.21 38.86
CA LEU B 85 6.53 29.19 37.93
C LEU B 85 7.07 29.40 36.52
N SER B 107 13.91 29.63 51.56
CA SER B 107 12.71 28.85 51.23
C SER B 107 12.51 27.67 52.20
N ASN B 108 11.98 27.96 53.38
CA ASN B 108 11.80 26.91 54.41
C ASN B 108 10.41 26.28 54.45
N ILE B 109 10.18 25.56 55.54
CA ILE B 109 8.96 24.78 55.76
C ILE B 109 8.37 25.28 57.07
N ARG B 110 7.09 25.04 57.31
CA ARG B 110 6.48 25.52 58.54
C ARG B 110 5.17 24.80 58.84
N ILE B 111 5.09 24.20 60.03
CA ILE B 111 3.88 23.51 60.44
C ILE B 111 2.85 24.45 61.07
N THR B 112 1.76 24.66 60.35
CA THR B 112 0.75 25.64 60.71
C THR B 112 -0.40 24.99 61.47
N ALA B 113 -0.51 23.68 61.39
CA ALA B 113 -1.54 22.96 62.13
C ALA B 113 -1.01 21.60 62.53
N LYS B 114 -1.43 21.11 63.69
CA LYS B 114 -0.87 19.90 64.28
C LYS B 114 -1.97 19.26 65.11
N TYR B 115 -2.54 18.17 64.61
CA TYR B 115 -3.61 17.50 65.30
C TYR B 115 -3.19 16.12 65.77
N GLU B 116 -3.53 15.78 66.99
CA GLU B 116 -3.19 14.48 67.54
C GLU B 116 -3.94 13.38 66.81
N HIS B 117 -3.32 12.20 66.70
CA HIS B 117 -3.84 11.11 65.89
C HIS B 117 -3.70 9.77 66.62
N GLU B 118 -4.69 8.89 66.45
CA GLU B 118 -4.63 7.56 67.07
C GLU B 118 -3.79 6.63 66.20
N GLU B 119 -2.60 6.28 66.70
CA GLU B 119 -1.63 5.46 65.94
C GLU B 119 -1.01 6.20 64.76
N GLU B 120 -0.12 5.51 64.05
CA GLU B 120 0.57 6.11 62.91
C GLU B 120 -0.40 6.42 61.75
N ILE B 121 -0.08 7.45 60.98
CA ILE B 121 -0.87 7.79 59.82
C ILE B 121 -0.29 7.14 58.57
N THR B 122 -0.95 6.07 58.12
CA THR B 122 -0.49 5.31 56.98
C THR B 122 -0.90 5.99 55.66
N ARG B 123 -2.06 6.64 55.66
CA ARG B 123 -2.43 7.45 54.50
C ARG B 123 -3.32 8.61 54.94
N ALA B 124 -3.13 9.77 54.35
CA ALA B 124 -3.99 10.92 54.61
C ALA B 124 -4.34 11.58 53.29
N ARG B 125 -5.62 11.81 53.03
CA ARG B 125 -6.06 12.44 51.80
C ARG B 125 -7.13 13.50 52.05
N TYR B 126 -7.05 14.61 51.32
CA TYR B 126 -8.05 15.68 51.44
C TYR B 126 -9.23 15.39 50.51
N MET B 127 -10.44 15.82 50.90
CA MET B 127 -11.63 15.64 50.06
C MET B 127 -11.58 16.67 48.93
N PRO B 128 -11.63 16.20 47.67
CA PRO B 128 -11.44 17.06 46.50
C PRO B 128 -12.46 18.18 46.45
N GLN B 129 -13.66 17.87 46.90
CA GLN B 129 -14.78 18.80 46.87
C GLN B 129 -14.80 19.69 48.13
N ASP B 130 -14.03 19.34 49.16
CA ASP B 130 -13.93 20.17 50.37
C ASP B 130 -12.63 19.98 51.16
N PRO B 131 -11.58 20.72 50.76
CA PRO B 131 -10.22 20.68 51.30
C PRO B 131 -10.10 21.04 52.79
N ASN B 132 -11.19 21.44 53.45
CA ASN B 132 -11.15 21.60 54.90
C ASN B 132 -11.19 20.22 55.53
N ILE B 133 -11.61 19.22 54.75
CA ILE B 133 -11.71 17.86 55.27
C ILE B 133 -10.61 16.88 54.82
N VAL B 134 -9.91 16.31 55.81
CA VAL B 134 -8.88 15.31 55.58
C VAL B 134 -9.22 13.93 56.19
N ALA B 135 -9.24 12.91 55.32
CA ALA B 135 -9.46 11.54 55.75
C ALA B 135 -8.11 10.92 56.02
N THR B 136 -7.98 10.18 57.13
CA THR B 136 -6.77 9.41 57.41
C THR B 136 -7.14 7.98 57.74
N ILE B 137 -6.16 7.09 57.65
CA ILE B 137 -6.30 5.71 58.11
C ILE B 137 -5.04 5.32 58.88
N ASN B 138 -5.18 4.50 59.91
CA ASN B 138 -4.04 4.19 60.77
C ASN B 138 -3.61 2.73 60.76
N GLY B 139 -2.66 2.37 61.61
CA GLY B 139 -2.13 1.01 61.61
C GLY B 139 -3.00 -0.06 62.23
N GLN B 140 -4.26 0.26 62.49
CA GLN B 140 -5.21 -0.71 63.02
C GLN B 140 -6.44 -0.71 62.15
N GLY B 141 -6.39 0.11 61.10
CA GLY B 141 -7.43 0.12 60.09
C GLY B 141 -8.57 1.06 60.40
N THR B 142 -8.38 1.87 61.43
CA THR B 142 -9.37 2.85 61.81
C THR B 142 -9.28 4.05 60.86
N THR B 143 -10.43 4.57 60.45
CA THR B 143 -10.45 5.69 59.53
C THR B 143 -10.97 6.93 60.24
N PHE B 144 -10.34 8.06 59.97
CA PHE B 144 -10.69 9.29 60.66
C PHE B 144 -11.12 10.37 59.70
N LEU B 145 -11.97 11.27 60.19
CA LEU B 145 -12.31 12.46 59.43
C LEU B 145 -11.85 13.65 60.25
N TYR B 146 -10.86 14.38 59.73
CA TYR B 146 -10.37 15.59 60.38
C TYR B 146 -10.80 16.82 59.63
N SER B 147 -11.05 17.89 60.39
CA SER B 147 -11.28 19.22 59.84
C SER B 147 -10.03 20.02 60.08
N ARG B 148 -9.68 20.86 59.12
CA ARG B 148 -8.53 21.75 59.29
C ARG B 148 -8.81 22.78 60.37
N SER B 149 -10.01 23.33 60.33
CA SER B 149 -10.45 24.37 61.25
C SER B 149 -10.85 23.92 62.68
N GLU B 150 -11.34 22.69 62.82
CA GLU B 150 -11.80 22.20 64.13
C GLU B 150 -11.09 20.96 64.69
N GLY B 151 -10.43 20.19 63.83
CA GLY B 151 -9.72 19.00 64.28
C GLY B 151 -10.50 17.71 64.07
N LEU B 152 -10.29 16.71 64.94
CA LEU B 152 -10.94 15.40 64.77
C LEU B 152 -12.45 15.51 64.76
N GLN B 153 -13.09 15.02 63.70
CA GLN B 153 -14.54 15.10 63.59
C GLN B 153 -15.22 13.74 63.83
N SER B 154 -14.73 12.70 63.16
CA SER B 154 -15.36 11.40 63.19
C SER B 154 -14.37 10.27 63.20
N THR B 155 -14.80 9.13 63.71
CA THR B 155 -13.98 7.92 63.71
C THR B 155 -14.75 6.87 62.94
N LEU B 156 -14.13 6.27 61.94
CA LEU B 156 -14.84 5.30 61.12
C LEU B 156 -14.25 3.91 61.29
N LYS B 157 -14.85 3.11 62.17
CA LYS B 157 -14.28 1.82 62.57
C LYS B 157 -14.95 0.63 61.91
N PHE B 158 -14.15 -0.16 61.19
CA PHE B 158 -14.61 -1.37 60.52
C PHE B 158 -13.45 -2.33 60.30
N HIS B 159 -12.46 -1.93 59.50
CA HIS B 159 -11.28 -2.77 59.29
C HIS B 159 -10.65 -3.05 60.65
N LYS B 160 -10.06 -4.23 60.83
CA LYS B 160 -9.56 -4.63 62.14
C LYS B 160 -8.06 -4.70 62.20
N ASP B 161 -7.43 -4.39 61.08
CA ASP B 161 -5.98 -4.31 61.02
C ASP B 161 -5.51 -3.20 60.06
N ASN B 162 -4.22 -2.85 60.18
CA ASN B 162 -3.57 -1.79 59.42
C ASN B 162 -4.02 -1.70 57.94
N GLY B 163 -4.13 -0.48 57.42
CA GLY B 163 -4.60 -0.29 56.05
C GLY B 163 -3.83 0.79 55.32
N TYR B 164 -3.41 0.50 54.10
CA TYR B 164 -2.68 1.48 53.30
C TYR B 164 -3.59 2.11 52.25
N ALA B 165 -4.79 1.57 52.09
CA ALA B 165 -5.67 1.99 50.99
C ALA B 165 -6.70 2.99 51.45
N LEU B 166 -6.78 4.12 50.75
CA LEU B 166 -7.71 5.18 51.12
C LEU B 166 -7.94 6.08 49.92
N SER B 167 -9.18 6.21 49.47
CA SER B 167 -9.46 6.98 48.25
C SER B 167 -10.82 7.66 48.22
N PHE B 168 -10.80 8.94 47.85
CA PHE B 168 -12.00 9.75 47.65
C PHE B 168 -12.40 9.81 46.19
N SER B 169 -13.69 9.64 45.89
CA SER B 169 -14.12 9.87 44.53
C SER B 169 -13.98 11.34 44.21
N THR B 170 -13.50 11.60 43.01
CA THR B 170 -13.32 12.95 42.55
C THR B 170 -14.63 13.36 41.88
N LEU B 171 -15.54 12.38 41.77
CA LEU B 171 -16.75 12.51 40.95
C LEU B 171 -18.03 12.52 41.80
N VAL B 172 -17.95 12.00 43.01
CA VAL B 172 -19.10 12.01 43.91
C VAL B 172 -18.62 12.46 45.29
N LYS B 173 -19.05 13.64 45.71
CA LYS B 173 -18.57 14.23 46.95
C LYS B 173 -18.83 13.36 48.15
N GLY B 174 -17.78 13.05 48.91
CA GLY B 174 -17.93 12.34 50.16
C GLY B 174 -17.79 10.84 50.06
N ARG B 175 -17.82 10.33 48.84
CA ARG B 175 -17.65 8.91 48.57
C ARG B 175 -16.23 8.47 48.87
N LEU B 176 -16.08 7.61 49.88
CA LEU B 176 -14.76 7.26 50.38
C LEU B 176 -14.59 5.77 50.29
N LEU B 177 -13.41 5.35 49.87
CA LEU B 177 -13.12 3.93 49.73
C LEU B 177 -11.88 3.59 50.56
N SER B 178 -12.03 2.65 51.50
CA SER B 178 -10.90 2.24 52.34
C SER B 178 -10.63 0.74 52.20
N GLY B 179 -9.41 0.32 52.52
CA GLY B 179 -8.97 -1.07 52.36
C GLY B 179 -7.88 -1.43 53.36
N SER B 180 -7.86 -2.70 53.80
CA SER B 180 -6.99 -3.14 54.90
C SER B 180 -6.16 -4.40 54.67
N ASP B 181 -5.23 -4.68 55.59
CA ASP B 181 -4.46 -5.91 55.59
C ASP B 181 -5.36 -7.11 55.90
N ASP B 182 -6.57 -6.85 56.41
CA ASP B 182 -7.46 -7.94 56.77
C ASP B 182 -8.37 -8.35 55.60
N HIS B 183 -7.91 -8.05 54.39
CA HIS B 183 -8.59 -8.44 53.14
C HIS B 183 -9.90 -7.69 52.90
N THR B 184 -10.26 -6.72 53.75
CA THR B 184 -11.56 -6.08 53.53
C THR B 184 -11.54 -4.69 52.86
N VAL B 185 -12.64 -4.37 52.19
CA VAL B 185 -12.80 -3.08 51.54
C VAL B 185 -14.12 -2.43 51.98
N ALA B 186 -14.08 -1.14 52.31
CA ALA B 186 -15.27 -0.42 52.74
C ALA B 186 -15.54 0.86 51.93
N LEU B 187 -16.82 1.07 51.64
CA LEU B 187 -17.30 2.30 51.02
C LEU B 187 -18.00 3.17 52.05
N TRP B 188 -17.61 4.44 52.15
CA TRP B 188 -18.31 5.35 53.05
C TRP B 188 -18.82 6.56 52.32
N GLU B 189 -19.77 7.25 52.93
CA GLU B 189 -20.26 8.51 52.41
C GLU B 189 -20.12 9.52 53.51
N VAL B 190 -19.31 10.55 53.24
CA VAL B 190 -18.97 11.53 54.25
C VAL B 190 -19.23 12.96 53.81
N GLY B 191 -19.75 13.14 52.60
CA GLY B 191 -19.95 14.48 52.07
C GLY B 191 -21.41 14.91 52.11
N SER B 192 -22.03 14.70 53.26
CA SER B 192 -23.39 15.13 53.49
C SER B 192 -23.68 15.27 54.98
N GLY B 193 -24.95 15.12 55.35
CA GLY B 193 -25.31 15.04 56.75
C GLY B 193 -25.36 13.60 57.19
N GLY B 194 -26.26 13.29 58.12
CA GLY B 194 -26.37 11.95 58.65
C GLY B 194 -25.11 11.51 59.36
N ASP B 195 -25.10 10.26 59.82
CA ASP B 195 -23.91 9.72 60.47
C ASP B 195 -23.03 9.03 59.45
N PRO B 196 -21.76 9.47 59.38
CA PRO B 196 -20.79 8.88 58.45
C PRO B 196 -19.92 7.80 59.08
N THR B 197 -20.17 7.44 60.34
CA THR B 197 -19.30 6.51 61.03
C THR B 197 -19.63 5.07 60.64
N LYS B 198 -20.67 4.88 59.83
CA LYS B 198 -21.07 3.54 59.40
C LYS B 198 -20.92 3.40 57.89
N PRO B 199 -20.25 2.33 57.45
CA PRO B 199 -19.95 2.17 56.01
C PRO B 199 -21.24 1.98 55.23
N VAL B 200 -21.33 2.50 54.03
CA VAL B 200 -22.54 2.29 53.25
C VAL B 200 -22.56 0.86 52.72
N ARG B 201 -21.38 0.28 52.51
CA ARG B 201 -21.24 -1.05 51.92
C ARG B 201 -19.87 -1.63 52.24
N THR B 202 -19.78 -2.95 52.45
CA THR B 202 -18.48 -3.58 52.65
C THR B 202 -18.30 -4.83 51.77
N TRP B 203 -17.04 -5.26 51.56
CA TRP B 203 -16.78 -6.49 50.81
C TRP B 203 -15.77 -7.36 51.54
N ASN B 204 -16.11 -8.64 51.75
CA ASN B 204 -15.19 -9.61 52.33
C ASN B 204 -14.76 -10.59 51.24
N ASP B 205 -15.35 -10.46 50.06
CA ASP B 205 -15.19 -11.42 48.97
C ASP B 205 -14.35 -10.91 47.77
N LEU B 206 -13.77 -9.73 47.88
CA LEU B 206 -13.07 -9.17 46.74
C LEU B 206 -11.68 -9.81 46.61
N HIS B 207 -10.99 -9.95 47.75
CA HIS B 207 -9.64 -10.50 47.74
C HIS B 207 -9.40 -11.42 48.92
N SER B 208 -8.45 -12.33 48.81
CA SER B 208 -8.25 -13.31 49.87
C SER B 208 -6.94 -13.07 50.62
N ASP B 209 -6.42 -11.86 50.49
CA ASP B 209 -5.22 -11.46 51.18
C ASP B 209 -5.23 -9.92 51.33
N ILE B 210 -4.18 -9.37 51.95
CA ILE B 210 -4.05 -7.93 52.18
C ILE B 210 -4.52 -7.07 51.01
N ILE B 211 -5.29 -6.01 51.30
CA ILE B 211 -5.61 -5.01 50.27
C ILE B 211 -4.48 -4.00 50.23
N ASN B 212 -3.72 -3.97 49.13
CA ASN B 212 -2.58 -3.05 48.99
C ASN B 212 -2.98 -1.64 48.59
N ASP B 213 -4.02 -1.53 47.76
CA ASP B 213 -4.46 -0.22 47.27
C ASP B 213 -5.84 -0.30 46.62
N ASN B 214 -6.60 0.79 46.72
CA ASN B 214 -7.82 0.97 45.95
C ASN B 214 -7.99 2.40 45.48
N LYS B 215 -8.48 2.57 44.25
CA LYS B 215 -8.60 3.92 43.64
C LYS B 215 -9.89 4.06 42.85
N TRP B 216 -10.49 5.25 42.91
CA TRP B 216 -11.64 5.54 42.07
C TRP B 216 -11.14 5.82 40.68
N HIS B 217 -11.99 5.52 39.69
CA HIS B 217 -11.75 5.89 38.30
C HIS B 217 -11.98 7.40 38.20
N ASN B 218 -11.44 8.02 37.15
CA ASN B 218 -11.52 9.48 37.05
C ASN B 218 -12.64 10.01 36.14
N PHE B 219 -13.35 9.11 35.48
CA PHE B 219 -14.40 9.52 34.56
C PHE B 219 -15.69 8.77 34.91
N ASN B 220 -15.56 7.50 35.33
CA ASN B 220 -16.73 6.69 35.68
C ASN B 220 -16.93 6.66 37.18
N LYS B 221 -18.00 7.30 37.64
CA LYS B 221 -18.19 7.54 39.06
C LYS B 221 -18.44 6.25 39.82
N ASP B 222 -18.66 5.15 39.10
CA ASP B 222 -18.98 3.88 39.77
C ASP B 222 -17.79 2.91 39.81
N LEU B 223 -16.79 3.14 38.95
CA LEU B 223 -15.62 2.26 38.88
C LEU B 223 -14.60 2.48 39.97
N PHE B 224 -14.03 1.39 40.46
CA PHE B 224 -12.84 1.47 41.28
C PHE B 224 -11.94 0.24 41.07
N GLY B 225 -10.70 0.32 41.53
CA GLY B 225 -9.75 -0.73 41.23
C GLY B 225 -9.18 -1.21 42.53
N THR B 226 -8.87 -2.50 42.62
CA THR B 226 -8.24 -3.06 43.81
C THR B 226 -7.02 -3.90 43.42
N VAL B 227 -5.96 -3.82 44.22
CA VAL B 227 -4.82 -4.72 44.04
C VAL B 227 -4.44 -5.30 45.40
N SER B 228 -4.16 -6.60 45.40
CA SER B 228 -4.04 -7.32 46.67
C SER B 228 -2.82 -8.24 46.72
N GLU B 229 -2.48 -8.71 47.91
CA GLU B 229 -1.37 -9.66 48.06
C GLU B 229 -1.70 -11.02 47.44
N ASP B 230 -2.95 -11.21 47.06
CA ASP B 230 -3.36 -12.44 46.39
C ASP B 230 -3.06 -12.41 44.87
N SER B 231 -2.18 -11.51 44.44
CA SER B 231 -1.82 -11.36 43.02
C SER B 231 -2.98 -11.12 42.05
N LEU B 232 -4.04 -10.52 42.55
CA LEU B 232 -5.16 -10.16 41.69
C LEU B 232 -5.21 -8.64 41.53
N LEU B 233 -5.70 -8.19 40.38
CA LEU B 233 -6.05 -6.78 40.20
C LEU B 233 -7.51 -6.82 39.76
N LYS B 234 -8.35 -6.03 40.40
CA LYS B 234 -9.77 -6.09 40.07
C LYS B 234 -10.36 -4.73 39.72
N ILE B 235 -11.16 -4.71 38.65
CA ILE B 235 -11.98 -3.54 38.30
C ILE B 235 -13.40 -3.79 38.79
N ASN B 236 -13.91 -2.85 39.58
CA ASN B 236 -15.18 -3.08 40.27
C ASN B 236 -16.19 -1.98 40.03
N ASP B 237 -17.46 -2.32 40.20
CA ASP B 237 -18.56 -1.38 39.98
C ASP B 237 -19.42 -1.38 41.23
N VAL B 238 -19.55 -0.21 41.86
CA VAL B 238 -20.31 -0.09 43.12
C VAL B 238 -21.80 -0.36 42.96
N ARG B 239 -22.36 -0.06 41.79
CA ARG B 239 -23.79 -0.27 41.60
C ARG B 239 -24.15 -1.76 41.54
N ALA B 240 -23.23 -2.58 41.06
CA ALA B 240 -23.53 -3.99 40.77
C ALA B 240 -23.51 -4.90 42.01
N ASN B 241 -24.40 -5.90 42.02
CA ASN B 241 -24.43 -6.93 43.07
C ASN B 241 -23.15 -7.78 43.01
N ASN B 242 -22.94 -8.40 41.86
CA ASN B 242 -21.62 -8.93 41.53
C ASN B 242 -20.75 -7.73 41.20
N THR B 243 -19.98 -7.29 42.19
CA THR B 243 -19.21 -6.05 42.10
C THR B 243 -18.19 -6.02 40.95
N THR B 244 -17.43 -7.11 40.82
CA THR B 244 -16.28 -7.16 39.94
C THR B 244 -16.63 -7.33 38.47
N ILE B 245 -16.07 -6.47 37.63
CA ILE B 245 -16.27 -6.53 36.19
C ILE B 245 -15.10 -7.25 35.54
N ASP B 246 -13.92 -7.05 36.11
CA ASP B 246 -12.68 -7.60 35.57
C ASP B 246 -11.69 -8.04 36.63
N THR B 247 -11.16 -9.23 36.42
CA THR B 247 -10.16 -9.83 37.28
C THR B 247 -8.93 -10.08 36.42
N VAL B 248 -7.77 -9.73 36.95
CA VAL B 248 -6.52 -9.86 36.24
C VAL B 248 -5.52 -10.50 37.19
N LYS B 249 -4.78 -11.49 36.69
CA LYS B 249 -3.72 -12.08 37.48
C LYS B 249 -2.47 -11.23 37.26
N CYS B 250 -1.71 -11.02 38.33
CA CYS B 250 -0.58 -10.11 38.30
C CYS B 250 0.65 -10.96 38.46
N PRO B 251 1.69 -10.71 37.65
CA PRO B 251 2.96 -11.44 37.70
C PRO B 251 3.37 -11.75 39.13
N GLN B 252 3.65 -10.72 39.91
CA GLN B 252 3.72 -10.87 41.36
C GLN B 252 2.72 -9.80 41.82
N PRO B 253 2.46 -9.68 43.13
CA PRO B 253 1.42 -8.70 43.47
C PRO B 253 1.77 -7.25 43.13
N PHE B 254 0.73 -6.48 42.81
CA PHE B 254 0.90 -5.06 42.59
C PHE B 254 0.68 -4.34 43.92
N ASN B 255 1.44 -3.27 44.20
CA ASN B 255 1.25 -2.58 45.47
C ASN B 255 0.37 -1.36 45.31
N THR B 256 0.24 -0.92 44.07
CA THR B 256 -0.45 0.31 43.79
C THR B 256 -0.97 0.26 42.37
N LEU B 257 -1.92 1.15 42.09
CA LEU B 257 -2.46 1.34 40.74
C LEU B 257 -2.91 2.79 40.61
N ALA B 258 -3.01 3.28 39.39
CA ALA B 258 -3.41 4.66 39.20
C ALA B 258 -4.21 4.74 37.93
N PHE B 259 -5.20 5.61 37.91
CA PHE B 259 -5.94 5.80 36.67
C PHE B 259 -5.46 7.08 35.97
N SER B 260 -5.57 7.09 34.64
CA SER B 260 -5.28 8.29 33.87
C SER B 260 -6.27 9.42 34.21
N HIS B 261 -5.80 10.66 34.11
CA HIS B 261 -6.68 11.80 34.27
C HIS B 261 -7.11 12.31 32.90
N HIS B 262 -6.74 11.61 31.83
CA HIS B 262 -7.00 12.12 30.47
C HIS B 262 -7.72 11.08 29.66
N SER B 263 -7.28 9.83 29.78
CA SER B 263 -7.93 8.70 29.12
C SER B 263 -8.83 7.97 30.08
N SER B 264 -10.04 7.63 29.63
CA SER B 264 -10.97 6.92 30.50
C SER B 264 -10.74 5.42 30.46
N ASN B 265 -9.80 4.99 29.63
CA ASN B 265 -9.51 3.56 29.48
C ASN B 265 -8.18 3.12 30.05
N LEU B 266 -7.28 4.08 30.30
CA LEU B 266 -5.88 3.78 30.57
C LEU B 266 -5.68 3.70 32.06
N LEU B 267 -5.03 2.63 32.52
CA LEU B 267 -4.56 2.60 33.90
C LEU B 267 -3.18 1.97 34.04
N ALA B 268 -2.61 2.10 35.24
CA ALA B 268 -1.25 1.65 35.47
C ALA B 268 -1.20 0.97 36.82
N ALA B 269 -0.37 -0.06 36.93
CA ALA B 269 -0.21 -0.79 38.17
C ALA B 269 1.21 -1.32 38.26
N ALA B 270 1.68 -1.54 39.48
CA ALA B 270 3.07 -1.97 39.69
C ALA B 270 3.22 -2.53 41.09
N GLY B 271 4.25 -3.33 41.29
CA GLY B 271 4.51 -3.88 42.61
C GLY B 271 5.84 -4.58 42.79
N MET B 272 5.76 -5.83 43.23
CA MET B 272 6.92 -6.57 43.68
C MET B 272 7.97 -6.85 42.59
N ASP B 273 7.54 -7.01 41.34
CA ASP B 273 8.50 -7.34 40.29
C ASP B 273 9.24 -6.14 39.67
N SER B 274 8.93 -4.92 40.15
CA SER B 274 9.62 -3.67 39.77
C SER B 274 9.13 -3.01 38.47
N TYR B 275 8.33 -3.71 37.69
CA TYR B 275 7.92 -3.15 36.41
C TYR B 275 6.69 -2.32 36.62
N VAL B 276 6.52 -1.29 35.79
CA VAL B 276 5.30 -0.50 35.83
C VAL B 276 4.48 -0.90 34.62
N TYR B 277 3.29 -1.45 34.86
CA TYR B 277 2.46 -1.97 33.78
C TYR B 277 1.38 -0.98 33.39
N LEU B 278 0.99 -1.00 32.11
CA LEU B 278 -0.15 -0.21 31.65
C LEU B 278 -1.21 -1.20 31.21
N TYR B 279 -2.47 -0.90 31.49
CA TYR B 279 -3.58 -1.72 31.02
C TYR B 279 -4.64 -0.88 30.30
N ASP B 280 -5.32 -1.49 29.31
CA ASP B 280 -6.48 -0.86 28.70
C ASP B 280 -7.71 -1.51 29.31
N LEU B 281 -8.62 -0.69 29.84
CA LEU B 281 -9.79 -1.22 30.57
C LEU B 281 -10.72 -2.02 29.68
N ARG B 282 -10.60 -1.80 28.37
CA ARG B 282 -11.48 -2.43 27.41
C ARG B 282 -11.02 -3.85 27.11
N ASN B 283 -9.83 -4.20 27.57
CA ASN B 283 -9.25 -5.52 27.28
C ASN B 283 -8.10 -5.84 28.23
N MET B 284 -8.45 -6.37 29.39
CA MET B 284 -7.50 -6.58 30.47
C MET B 284 -6.78 -7.94 30.40
N LYS B 285 -6.98 -8.68 29.31
CA LYS B 285 -6.37 -10.00 29.18
C LYS B 285 -4.85 -9.91 29.31
N GLU B 286 -4.23 -9.05 28.49
CA GLU B 286 -2.80 -8.78 28.57
C GLU B 286 -2.55 -7.29 28.87
N PRO B 287 -1.41 -6.96 29.53
CA PRO B 287 -1.05 -5.54 29.66
C PRO B 287 -0.70 -4.93 28.31
N LEU B 288 -0.75 -3.61 28.24
CA LEU B 288 -0.36 -2.88 27.04
C LEU B 288 1.15 -2.93 26.90
N HIS B 289 1.82 -2.80 28.05
CA HIS B 289 3.25 -2.64 28.06
C HIS B 289 3.68 -2.67 29.51
N HIS B 290 4.97 -2.89 29.75
CA HIS B 290 5.51 -2.67 31.07
C HIS B 290 6.81 -1.89 30.93
N MET B 291 7.04 -0.98 31.86
CA MET B 291 8.21 -0.11 31.81
C MET B 291 9.31 -0.53 32.80
N SER B 292 10.53 -0.74 32.30
CA SER B 292 11.56 -1.22 33.21
C SER B 292 12.50 -0.12 33.63
N GLY B 293 12.82 -0.11 34.92
CA GLY B 293 13.79 0.83 35.46
C GLY B 293 14.05 0.59 36.94
N HIS B 294 12.99 0.35 37.71
CA HIS B 294 13.17 0.14 39.14
C HIS B 294 13.90 -1.16 39.42
N GLU B 295 14.70 -1.18 40.49
CA GLU B 295 15.50 -2.35 40.85
C GLU B 295 14.88 -3.11 42.01
N ASP B 296 13.70 -2.71 42.44
CA ASP B 296 13.02 -3.37 43.53
C ASP B 296 11.53 -3.07 43.42
N ALA B 297 10.75 -3.44 44.43
CA ALA B 297 9.31 -3.23 44.40
C ALA B 297 8.92 -1.74 44.24
N VAL B 298 7.86 -1.50 43.48
CA VAL B 298 7.25 -0.19 43.35
C VAL B 298 6.08 -0.03 44.34
N ASN B 299 6.09 1.07 45.10
CA ASN B 299 5.11 1.28 46.15
C ASN B 299 4.07 2.35 45.88
N ASN B 300 4.43 3.36 45.08
CA ASN B 300 3.47 4.40 44.73
C ASN B 300 3.47 4.68 43.25
N LEU B 301 2.31 5.09 42.75
CA LEU B 301 2.12 5.33 41.34
C LEU B 301 1.24 6.55 41.18
N GLU B 302 1.48 7.32 40.12
CA GLU B 302 0.64 8.47 39.83
C GLU B 302 0.71 8.89 38.37
N PHE B 303 -0.44 9.26 37.81
CA PHE B 303 -0.48 9.93 36.50
C PHE B 303 -0.46 11.42 36.73
N SER B 304 0.22 12.15 35.86
CA SER B 304 0.19 13.62 35.89
C SER B 304 -1.21 14.11 35.53
N THR B 305 -1.71 15.11 36.27
CA THR B 305 -2.96 15.72 35.85
C THR B 305 -2.63 16.77 34.81
N HIS B 306 -1.36 17.17 34.74
CA HIS B 306 -1.01 18.28 33.88
C HIS B 306 -0.67 17.80 32.48
N VAL B 307 0.09 16.72 32.36
CA VAL B 307 0.51 16.25 31.03
C VAL B 307 0.05 14.84 30.73
N ASP B 308 -0.82 14.69 29.73
CA ASP B 308 -1.34 13.39 29.33
C ASP B 308 -0.18 12.48 28.91
N GLY B 309 -0.02 11.37 29.62
CA GLY B 309 0.99 10.37 29.26
C GLY B 309 2.16 10.28 30.23
N VAL B 310 2.19 11.19 31.21
CA VAL B 310 3.28 11.18 32.19
C VAL B 310 2.88 10.39 33.44
N VAL B 311 3.72 9.41 33.78
CA VAL B 311 3.50 8.57 34.95
C VAL B 311 4.74 8.70 35.82
N VAL B 312 4.53 8.76 37.13
CA VAL B 312 5.63 8.88 38.08
C VAL B 312 5.48 7.69 39.00
N SER B 313 6.60 7.05 39.30
CA SER B 313 6.59 5.87 40.14
C SER B 313 7.65 6.00 41.25
N SER B 314 7.48 5.27 42.35
CA SER B 314 8.54 5.19 43.35
C SER B 314 8.50 3.89 44.11
N GLY B 315 9.57 3.56 44.83
CA GLY B 315 9.59 2.33 45.63
C GLY B 315 10.80 2.04 46.53
N SER B 316 11.02 0.74 46.77
CA SER B 316 12.03 0.27 47.72
C SER B 316 13.47 0.51 47.29
N ASP B 317 13.68 0.79 46.01
CA ASP B 317 15.03 1.06 45.50
C ASP B 317 15.46 2.51 45.77
N ASN B 318 14.68 3.20 46.60
CA ASN B 318 14.97 4.55 47.07
C ASN B 318 14.82 5.57 45.97
N ARG B 319 14.07 5.24 44.91
CA ARG B 319 14.06 6.12 43.75
C ARG B 319 12.67 6.58 43.34
N LEU B 320 12.60 7.76 42.74
CA LEU B 320 11.41 8.15 42.00
C LEU B 320 11.80 8.19 40.55
N MET B 321 10.89 7.74 39.70
CA MET B 321 11.10 7.74 38.28
C MET B 321 9.90 8.33 37.54
N MET B 322 10.18 9.24 36.60
CA MET B 322 9.13 9.84 35.79
C MET B 322 9.14 9.24 34.39
N TRP B 323 7.97 8.92 33.87
CA TRP B 323 7.86 8.18 32.63
C TRP B 323 6.99 8.93 31.65
N ASP B 324 7.25 8.72 30.37
CA ASP B 324 6.46 9.30 29.30
C ASP B 324 5.96 8.22 28.35
N LEU B 325 4.66 7.96 28.44
CA LEU B 325 4.08 6.83 27.71
C LEU B 325 4.18 7.04 26.20
N LYS B 326 4.34 8.29 25.77
CA LYS B 326 4.33 8.57 24.33
C LYS B 326 5.68 8.19 23.69
N GLN B 327 6.66 7.90 24.53
CA GLN B 327 7.96 7.50 24.02
C GLN B 327 8.10 5.99 24.08
N ILE B 328 7.06 5.28 24.50
CA ILE B 328 7.16 3.83 24.60
C ILE B 328 7.44 3.28 23.22
N GLY B 329 8.57 2.58 23.08
CA GLY B 329 8.98 1.98 21.83
C GLY B 329 9.59 2.96 20.84
N ALA B 330 9.88 4.19 21.26
CA ALA B 330 10.48 5.16 20.34
C ALA B 330 11.89 4.69 19.94
N GLU B 331 12.37 5.10 18.76
CA GLU B 331 13.75 4.77 18.30
C GLU B 331 14.78 5.54 19.13
N GLN B 332 15.82 4.86 19.61
CA GLN B 332 16.93 5.51 20.31
C GLN B 332 18.22 5.27 19.57
N THR B 333 19.23 6.11 19.81
CA THR B 333 20.59 5.74 19.46
C THR B 333 21.07 4.71 20.49
N PRO B 334 22.06 3.87 20.12
CA PRO B 334 22.46 2.85 21.09
C PRO B 334 23.05 3.47 22.36
N ASP B 335 23.55 4.69 22.27
CA ASP B 335 24.19 5.31 23.41
C ASP B 335 23.16 5.74 24.43
N ASP B 336 21.99 6.14 23.92
CA ASP B 336 20.88 6.55 24.76
C ASP B 336 20.20 5.34 25.41
N ALA B 337 20.13 4.24 24.66
CA ALA B 337 19.51 3.00 25.15
C ALA B 337 20.23 2.49 26.38
N GLU B 338 21.44 2.99 26.59
CA GLU B 338 22.26 2.54 27.69
C GLU B 338 21.85 3.19 29.00
N ASP B 339 21.24 4.36 28.92
CA ASP B 339 20.78 5.07 30.12
C ASP B 339 19.36 4.63 30.53
N GLY B 340 18.74 3.78 29.74
CA GLY B 340 17.42 3.28 30.06
C GLY B 340 16.47 3.31 28.87
N VAL B 341 15.30 2.70 29.04
CA VAL B 341 14.28 2.67 28.00
C VAL B 341 13.84 4.09 27.62
N PRO B 342 13.36 4.26 26.38
CA PRO B 342 13.06 5.63 25.91
C PRO B 342 11.96 6.36 26.69
N GLU B 343 11.10 5.60 27.37
CA GLU B 343 9.98 6.21 28.09
C GLU B 343 10.38 6.79 29.43
N LEU B 344 11.62 6.56 29.82
CA LEU B 344 12.08 7.10 31.10
C LEU B 344 12.62 8.50 30.90
N ILE B 345 11.95 9.46 31.54
CA ILE B 345 12.28 10.87 31.45
C ILE B 345 13.33 11.23 32.46
N MET B 346 13.17 10.75 33.68
CA MET B 346 14.00 11.25 34.75
C MET B 346 13.98 10.30 35.91
N VAL B 347 15.11 10.22 36.61
CA VAL B 347 15.18 9.49 37.86
C VAL B 347 15.50 10.44 39.02
N HIS B 348 14.73 10.38 40.10
CA HIS B 348 15.08 11.20 41.26
C HIS B 348 15.86 10.38 42.25
N ALA B 349 17.13 10.72 42.46
CA ALA B 349 17.97 9.90 43.34
C ALA B 349 18.40 10.64 44.59
N GLY B 350 17.56 11.56 45.06
CA GLY B 350 17.89 12.39 46.20
C GLY B 350 17.67 11.71 47.53
N HIS B 351 16.87 10.66 47.53
CA HIS B 351 16.57 9.95 48.77
C HIS B 351 17.62 8.90 49.11
N ARG B 352 17.81 8.62 50.40
CA ARG B 352 18.82 7.68 50.85
C ARG B 352 18.19 6.47 51.53
N SER B 353 16.89 6.33 51.37
CA SER B 353 16.19 5.15 51.86
C SER B 353 14.96 4.95 51.00
N SER B 354 14.19 3.90 51.28
CA SER B 354 12.99 3.63 50.53
C SER B 354 12.04 4.81 50.62
N VAL B 355 11.35 5.07 49.52
CA VAL B 355 10.40 6.17 49.42
C VAL B 355 9.06 5.77 50.01
N ASN B 356 8.61 6.50 51.04
CA ASN B 356 7.35 6.14 51.68
C ASN B 356 6.13 6.57 50.88
N ASP B 357 6.23 7.78 50.31
CA ASP B 357 5.11 8.35 49.58
C ASP B 357 5.62 9.56 48.83
N PHE B 358 4.93 9.91 47.76
CA PHE B 358 5.18 11.17 47.07
C PHE B 358 3.86 11.69 46.55
N ASP B 359 3.85 12.94 46.13
CA ASP B 359 2.67 13.54 45.54
C ASP B 359 3.08 14.58 44.52
N LEU B 360 2.28 14.66 43.46
CA LEU B 360 2.47 15.64 42.41
C LEU B 360 1.62 16.86 42.74
N ASN B 361 2.22 18.05 42.78
CA ASN B 361 1.46 19.26 43.06
C ASN B 361 0.48 19.61 41.94
N PRO B 362 -0.81 19.78 42.30
CA PRO B 362 -1.85 20.01 41.28
C PRO B 362 -1.89 21.45 40.72
N GLN B 363 -1.11 22.38 41.28
CA GLN B 363 -1.15 23.78 40.83
C GLN B 363 0.10 24.15 40.04
N ILE B 364 1.24 23.61 40.43
CA ILE B 364 2.52 23.88 39.80
C ILE B 364 3.04 22.61 39.14
N PRO B 365 2.86 22.48 37.81
CA PRO B 365 3.36 21.28 37.10
C PRO B 365 4.84 20.96 37.41
N TRP B 366 5.13 19.66 37.58
CA TRP B 366 6.49 19.13 37.83
C TRP B 366 7.03 19.35 39.24
N LEU B 367 6.23 20.00 40.09
CA LEU B 367 6.62 20.13 41.48
C LEU B 367 6.24 18.84 42.20
N VAL B 368 7.15 18.30 43.00
CA VAL B 368 6.94 17.00 43.60
C VAL B 368 7.25 17.13 45.06
N ALA B 369 6.52 16.41 45.90
CA ALA B 369 6.94 16.23 47.28
C ALA B 369 7.16 14.74 47.49
N SER B 370 8.33 14.37 48.00
CA SER B 370 8.58 12.97 48.31
C SER B 370 9.23 12.80 49.68
N ALA B 371 8.90 11.69 50.33
CA ALA B 371 9.33 11.42 51.70
C ALA B 371 9.93 10.02 51.88
N GLU B 372 11.13 9.97 52.46
CA GLU B 372 11.80 8.69 52.65
C GLU B 372 11.78 8.22 54.12
N GLU B 373 12.10 6.95 54.33
CA GLU B 373 12.10 6.34 55.66
C GLU B 373 12.95 7.10 56.69
N GLU B 374 14.13 7.55 56.30
CA GLU B 374 15.02 8.20 57.26
C GLU B 374 14.64 9.66 57.48
N ASN B 375 13.38 9.91 57.83
CA ASN B 375 12.91 11.24 58.26
C ASN B 375 13.31 12.38 57.33
N ILE B 376 13.20 12.17 56.03
CA ILE B 376 13.52 13.23 55.10
C ILE B 376 12.36 13.44 54.15
N LEU B 377 11.96 14.70 54.01
CA LEU B 377 11.01 15.09 53.00
C LEU B 377 11.71 16.04 52.06
N GLN B 378 11.70 15.70 50.78
CA GLN B 378 12.25 16.59 49.77
C GLN B 378 11.12 17.21 48.95
N VAL B 379 11.35 18.45 48.51
CA VAL B 379 10.46 19.11 47.59
C VAL B 379 11.28 19.54 46.39
N TRP B 380 10.84 19.16 45.20
CA TRP B 380 11.68 19.33 44.02
C TRP B 380 10.93 19.49 42.70
N LYS B 381 11.60 20.13 41.75
CA LYS B 381 11.06 20.32 40.41
C LYS B 381 12.17 20.05 39.41
N CYS B 382 11.88 19.21 38.41
CA CYS B 382 12.87 18.89 37.38
C CYS B 382 13.27 20.15 36.59
N SER B 383 14.38 20.08 35.87
CA SER B 383 14.82 21.17 35.01
C SER B 383 13.86 21.46 33.84
N HIS B 384 13.69 22.75 33.55
CA HIS B 384 12.81 23.17 32.47
C HIS B 384 13.42 22.78 31.14
N SER B 385 14.69 22.41 31.17
CA SER B 385 15.41 22.03 29.97
C SER B 385 15.00 20.67 29.46
N LEU B 386 14.28 19.90 30.29
CA LEU B 386 13.77 18.60 29.86
C LEU B 386 12.70 18.78 28.78
N PRO B 387 12.89 18.11 27.64
CA PRO B 387 12.02 18.24 26.46
C PRO B 387 10.55 18.16 26.87
N ILE B 388 10.26 17.26 27.81
CA ILE B 388 8.90 17.00 28.21
C ILE B 388 8.23 18.23 28.84
N VAL B 389 9.01 19.12 29.47
CA VAL B 389 8.45 20.34 30.06
C VAL B 389 8.53 21.58 29.15
N GLY C 7 15.04 -6.92 29.17
CA GLY C 7 15.21 -6.26 27.89
C GLY C 7 14.08 -6.57 26.94
N LYS C 8 13.00 -5.80 27.06
CA LYS C 8 11.80 -6.06 26.29
C LYS C 8 11.95 -5.84 24.79
N GLY C 9 11.95 -6.94 24.04
CA GLY C 9 12.05 -6.88 22.59
C GLY C 9 13.40 -6.41 22.09
N LEU C 10 14.47 -6.76 22.80
CA LEU C 10 15.80 -6.35 22.39
C LEU C 10 16.59 -7.45 21.68
N GLY C 11 17.06 -7.16 20.47
CA GLY C 11 17.89 -8.10 19.75
C GLY C 11 19.34 -7.65 19.69
N LYS C 12 19.59 -6.39 20.07
CA LYS C 12 20.96 -5.87 20.10
C LYS C 12 21.35 -5.25 21.44
N GLY C 13 20.90 -5.87 22.54
CA GLY C 13 21.15 -5.30 23.84
C GLY C 13 22.36 -5.92 24.52
N GLY C 14 23.10 -6.73 23.77
CA GLY C 14 24.33 -7.31 24.28
C GLY C 14 25.42 -6.26 24.38
N ALA C 15 26.61 -6.67 24.79
CA ALA C 15 27.72 -5.73 24.93
C ALA C 15 28.45 -5.60 23.60
N LYS C 16 29.09 -4.45 23.40
CA LYS C 16 29.90 -4.21 22.21
C LYS C 16 31.26 -4.88 22.34
N ARG C 17 31.98 -4.99 21.23
CA ARG C 17 33.27 -5.67 21.24
C ARG C 17 34.13 -4.92 22.22
N HIS C 18 34.33 -3.63 21.96
CA HIS C 18 35.13 -2.78 22.83
C HIS C 18 34.44 -1.51 23.31
N ARG C 19 34.94 -1.01 24.44
CA ARG C 19 34.48 0.21 25.09
C ARG C 19 35.23 1.40 24.48
N LYS C 20 34.49 2.34 23.89
CA LYS C 20 35.09 3.49 23.20
C LYS C 20 35.82 4.44 24.15
N VAL C 21 37.04 4.86 23.76
CA VAL C 21 37.86 5.78 24.56
C VAL C 21 37.70 7.25 24.14
N LEU C 22 37.19 7.47 22.93
CA LEU C 22 37.00 8.83 22.42
C LEU C 22 35.55 9.29 22.55
N ARG C 23 35.37 10.58 22.89
CA ARG C 23 34.07 11.15 23.17
C ARG C 23 33.41 11.78 21.95
N ASP C 24 32.25 11.24 21.55
CA ASP C 24 31.52 11.79 20.42
C ASP C 24 30.92 13.15 20.78
N ASN C 25 30.97 13.51 22.06
CA ASN C 25 30.80 14.92 22.44
C ASN C 25 31.37 15.30 23.82
N ILE C 26 32.59 15.85 23.81
CA ILE C 26 33.11 16.58 24.96
C ILE C 26 32.48 17.97 24.89
N GLN C 27 31.97 18.43 26.02
CA GLN C 27 31.32 19.72 26.11
C GLN C 27 30.97 19.92 27.55
N GLY C 28 30.61 21.15 27.91
CA GLY C 28 30.09 21.42 29.23
C GLY C 28 28.67 20.88 29.22
N ILE C 29 27.73 21.73 29.56
CA ILE C 29 26.34 21.29 29.59
C ILE C 29 25.50 21.89 28.48
N THR C 30 24.63 21.06 27.91
CA THR C 30 23.69 21.51 26.90
C THR C 30 22.37 20.84 27.20
N LYS C 31 21.39 21.05 26.34
CA LYS C 31 20.06 20.50 26.56
C LYS C 31 20.01 18.96 26.54
N PRO C 32 20.58 18.31 25.51
CA PRO C 32 20.56 16.84 25.56
C PRO C 32 21.54 16.28 26.59
N ALA C 33 22.48 17.11 27.06
CA ALA C 33 23.38 16.69 28.13
C ALA C 33 22.63 16.66 29.45
N ILE C 34 21.71 17.62 29.63
CA ILE C 34 20.85 17.67 30.81
C ILE C 34 19.87 16.48 30.77
N ARG C 35 19.26 16.28 29.61
CA ARG C 35 18.37 15.15 29.42
C ARG C 35 19.03 13.80 29.72
N ARG C 36 20.27 13.65 29.30
CA ARG C 36 21.00 12.41 29.57
C ARG C 36 21.35 12.33 31.06
N LEU C 37 21.70 13.47 31.65
CA LEU C 37 22.03 13.57 33.06
C LEU C 37 20.83 13.13 33.96
N ALA C 38 19.64 13.59 33.58
CA ALA C 38 18.44 13.32 34.37
C ALA C 38 18.09 11.84 34.34
N ARG C 39 18.17 11.25 33.16
CA ARG C 39 17.86 9.84 32.99
C ARG C 39 18.83 8.98 33.78
N ARG C 40 20.04 9.48 33.97
CA ARG C 40 21.02 8.78 34.77
C ARG C 40 20.80 9.09 36.25
N GLY C 41 19.85 9.98 36.51
CA GLY C 41 19.55 10.39 37.87
C GLY C 41 20.66 11.22 38.49
N GLY C 42 21.62 11.62 37.66
CA GLY C 42 22.75 12.40 38.12
C GLY C 42 23.71 11.63 39.01
N VAL C 43 23.76 10.32 38.85
CA VAL C 43 24.61 9.47 39.69
C VAL C 43 25.47 8.44 38.89
N LYS C 44 25.92 8.81 37.70
CA LYS C 44 26.84 7.94 36.94
C LYS C 44 28.28 8.48 36.86
N ARG C 45 29.18 7.80 37.58
CA ARG C 45 30.62 8.11 37.58
C ARG C 45 30.94 9.58 37.83
N LYS D 7 -61.85 -13.11 -19.97
CA LYS D 7 -60.58 -12.47 -19.59
C LYS D 7 -59.37 -12.84 -20.48
N PRO D 8 -59.42 -12.48 -21.78
CA PRO D 8 -58.33 -12.85 -22.69
C PRO D 8 -56.96 -12.20 -22.38
N GLU D 9 -56.93 -11.17 -21.54
CA GLU D 9 -55.69 -10.46 -21.25
C GLU D 9 -54.79 -11.25 -20.31
N THR D 10 -55.36 -12.27 -19.69
CA THR D 10 -54.60 -13.17 -18.81
C THR D 10 -53.63 -14.02 -19.61
N TRP D 11 -53.72 -13.91 -20.94
CA TRP D 11 -52.86 -14.68 -21.84
C TRP D 11 -51.62 -13.86 -22.21
N THR D 12 -51.55 -12.66 -21.66
CA THR D 12 -50.33 -11.86 -21.75
C THR D 12 -49.77 -11.71 -20.34
N SER D 13 -48.50 -12.08 -20.20
CA SER D 13 -47.83 -12.07 -18.91
C SER D 13 -46.62 -11.19 -18.94
N SER D 14 -46.32 -10.62 -17.79
CA SER D 14 -45.07 -9.93 -17.55
C SER D 14 -43.94 -10.97 -17.41
N ALA D 15 -42.98 -10.95 -18.31
CA ALA D 15 -41.88 -11.93 -18.29
C ALA D 15 -41.11 -11.94 -16.97
N ASN D 16 -40.98 -10.76 -16.35
CA ASN D 16 -40.32 -10.64 -15.06
C ASN D 16 -41.13 -11.34 -13.98
N GLU D 17 -42.43 -11.49 -14.19
CA GLU D 17 -43.25 -12.18 -13.21
C GLU D 17 -43.32 -13.67 -13.52
N ALA D 18 -43.44 -13.99 -14.79
CA ALA D 18 -43.57 -15.39 -15.23
C ALA D 18 -42.30 -16.18 -14.93
N LEU D 19 -41.15 -15.57 -15.21
CA LEU D 19 -39.88 -16.23 -15.00
C LEU D 19 -39.56 -16.31 -13.52
N ARG D 20 -39.64 -17.52 -12.96
CA ARG D 20 -39.30 -17.72 -11.56
C ARG D 20 -37.90 -18.30 -11.44
N VAL D 21 -37.00 -17.53 -10.85
CA VAL D 21 -35.62 -17.97 -10.72
C VAL D 21 -35.36 -18.50 -9.32
N SER D 22 -34.80 -19.70 -9.23
CA SER D 22 -34.56 -20.30 -7.93
C SER D 22 -33.14 -20.83 -7.81
N ILE D 23 -32.56 -20.67 -6.62
CA ILE D 23 -31.33 -21.36 -6.26
C ILE D 23 -31.64 -22.36 -5.15
N VAL D 24 -31.39 -23.64 -5.45
CA VAL D 24 -31.73 -24.73 -4.56
C VAL D 24 -30.51 -25.33 -3.88
N GLY D 25 -30.35 -25.05 -2.60
CA GLY D 25 -29.34 -25.71 -1.81
C GLY D 25 -30.05 -26.67 -0.88
N GLU D 26 -30.19 -26.27 0.38
CA GLU D 26 -31.05 -27.00 1.31
C GLU D 26 -32.48 -26.62 0.98
N ASN D 27 -32.71 -25.32 0.93
CA ASN D 27 -33.99 -24.76 0.57
C ASN D 27 -33.97 -24.29 -0.87
N ALA D 28 -35.11 -24.42 -1.54
CA ALA D 28 -35.29 -23.79 -2.84
C ALA D 28 -35.64 -22.33 -2.55
N VAL D 29 -34.69 -21.43 -2.78
CA VAL D 29 -34.92 -19.99 -2.66
C VAL D 29 -35.31 -19.39 -4.01
N GLN D 30 -36.50 -18.80 -4.08
CA GLN D 30 -37.04 -18.25 -5.32
C GLN D 30 -37.10 -16.70 -5.32
N PHE D 31 -36.82 -16.11 -6.47
CA PHE D 31 -36.86 -14.67 -6.64
C PHE D 31 -37.10 -14.30 -8.10
N SER D 32 -37.24 -13.01 -8.39
CA SER D 32 -37.58 -12.58 -9.74
C SER D 32 -36.40 -11.97 -10.45
N PRO D 33 -36.42 -12.00 -11.79
CA PRO D 33 -35.35 -11.35 -12.55
C PRO D 33 -35.55 -9.84 -12.53
N LEU D 34 -34.50 -9.05 -12.75
CA LEU D 34 -34.70 -7.61 -12.85
C LEU D 34 -34.98 -7.29 -14.30
N PHE D 35 -34.31 -8.01 -15.18
CA PHE D 35 -34.47 -7.77 -16.62
C PHE D 35 -34.75 -9.08 -17.34
N THR D 36 -35.60 -9.00 -18.35
CA THR D 36 -35.92 -10.13 -19.23
C THR D 36 -35.81 -9.72 -20.70
N TYR D 37 -35.69 -8.43 -20.96
CA TYR D 37 -35.72 -7.93 -22.34
C TYR D 37 -34.72 -8.53 -23.36
N PRO D 38 -33.48 -8.88 -22.94
CA PRO D 38 -32.61 -9.50 -23.95
C PRO D 38 -33.02 -10.94 -24.28
N ILE D 39 -34.01 -11.46 -23.58
CA ILE D 39 -34.51 -12.81 -23.81
C ILE D 39 -35.90 -12.84 -24.45
N TYR D 40 -36.79 -11.97 -23.97
CA TYR D 40 -38.17 -11.98 -24.39
C TYR D 40 -38.64 -10.65 -24.99
N GLY D 41 -37.69 -9.74 -25.27
CA GLY D 41 -38.00 -8.50 -25.97
C GLY D 41 -38.17 -7.27 -25.08
N ASP D 42 -38.12 -6.09 -25.69
CA ASP D 42 -38.14 -4.82 -24.95
C ASP D 42 -39.39 -4.57 -24.07
N SER D 43 -40.53 -5.12 -24.48
CA SER D 43 -41.79 -4.89 -23.78
C SER D 43 -41.81 -5.77 -22.54
N GLU D 44 -40.96 -6.78 -22.54
CA GLU D 44 -40.91 -7.76 -21.47
C GLU D 44 -42.28 -8.41 -21.22
N LYS D 45 -43.01 -8.63 -22.32
CA LYS D 45 -44.30 -9.30 -22.33
C LYS D 45 -44.19 -10.63 -23.07
N ILE D 46 -44.98 -11.60 -22.63
CA ILE D 46 -45.10 -12.86 -23.34
C ILE D 46 -46.58 -13.10 -23.64
N TYR D 47 -46.92 -13.27 -24.91
CA TYR D 47 -48.29 -13.41 -25.35
C TYR D 47 -48.57 -14.83 -25.85
N GLY D 48 -49.75 -15.35 -25.53
CA GLY D 48 -50.16 -16.66 -26.01
C GLY D 48 -50.28 -17.75 -24.97
N TYR D 49 -49.85 -17.47 -23.74
CA TYR D 49 -49.91 -18.45 -22.67
C TYR D 49 -50.79 -17.97 -21.52
N LYS D 50 -51.71 -18.82 -21.05
CA LYS D 50 -52.53 -18.50 -19.89
C LYS D 50 -51.92 -19.21 -18.68
N ASP D 51 -51.87 -18.50 -17.55
CA ASP D 51 -51.33 -19.03 -16.30
C ASP D 51 -49.92 -19.53 -16.50
N LEU D 52 -49.14 -18.76 -17.25
CA LEU D 52 -47.77 -19.10 -17.63
C LEU D 52 -46.80 -19.04 -16.46
N ILE D 53 -46.05 -20.12 -16.24
CA ILE D 53 -44.96 -20.13 -15.28
C ILE D 53 -43.71 -20.62 -15.98
N ILE D 54 -42.57 -20.01 -15.69
CA ILE D 54 -41.28 -20.44 -16.22
C ILE D 54 -40.29 -20.61 -15.08
N HIS D 55 -40.01 -21.87 -14.71
CA HIS D 55 -38.99 -22.15 -13.70
C HIS D 55 -37.61 -22.23 -14.32
N LEU D 56 -36.71 -21.42 -13.77
CA LEU D 56 -35.29 -21.52 -14.09
C LEU D 56 -34.60 -21.73 -12.75
N ALA D 57 -34.13 -22.95 -12.51
CA ALA D 57 -33.60 -23.29 -11.21
C ALA D 57 -32.16 -23.76 -11.32
N PHE D 58 -31.38 -23.57 -10.25
CA PHE D 58 -29.96 -23.92 -10.29
C PHE D 58 -29.56 -24.60 -8.99
N ASP D 59 -28.68 -25.60 -9.11
CA ASP D 59 -28.09 -26.22 -7.92
C ASP D 59 -27.21 -25.17 -7.25
N SER D 60 -27.32 -25.04 -5.93
CA SER D 60 -26.62 -23.96 -5.23
C SER D 60 -25.11 -24.13 -5.27
N VAL D 61 -24.67 -25.32 -5.71
CA VAL D 61 -23.25 -25.64 -5.74
C VAL D 61 -22.70 -25.74 -7.16
N THR D 62 -23.23 -26.68 -7.95
CA THR D 62 -22.69 -26.90 -9.30
C THR D 62 -23.38 -26.01 -10.30
N PHE D 63 -24.49 -25.40 -9.85
CA PHE D 63 -25.32 -24.53 -10.70
C PHE D 63 -25.79 -25.23 -11.95
N LYS D 64 -26.09 -26.52 -11.82
CA LYS D 64 -26.70 -27.28 -12.89
C LYS D 64 -28.09 -26.69 -13.13
N PRO D 65 -28.30 -26.15 -14.33
CA PRO D 65 -29.57 -25.48 -14.65
C PRO D 65 -30.73 -26.43 -14.99
N TYR D 66 -31.92 -26.10 -14.49
CA TYR D 66 -33.17 -26.83 -14.77
C TYR D 66 -34.19 -25.88 -15.36
N VAL D 67 -34.94 -26.33 -16.34
CA VAL D 67 -35.98 -25.49 -16.90
C VAL D 67 -37.30 -26.25 -16.92
N ASN D 68 -38.40 -25.59 -16.62
CA ASN D 68 -39.70 -26.20 -16.81
C ASN D 68 -40.80 -25.19 -16.99
N VAL D 69 -41.39 -25.19 -18.18
CA VAL D 69 -42.44 -24.23 -18.49
C VAL D 69 -43.84 -24.81 -18.27
N LYS D 70 -44.66 -24.07 -17.52
CA LYS D 70 -46.03 -24.49 -17.23
C LYS D 70 -47.05 -23.45 -17.64
N TYR D 71 -48.23 -23.93 -18.04
CA TYR D 71 -49.34 -23.07 -18.43
C TYR D 71 -50.62 -23.89 -18.51
N SER D 72 -51.75 -23.25 -18.24
CA SER D 72 -53.03 -23.96 -18.27
C SER D 72 -53.62 -24.00 -19.68
N ALA D 73 -53.12 -23.12 -20.55
CA ALA D 73 -53.54 -23.10 -21.94
C ALA D 73 -52.58 -22.25 -22.76
N LYS D 74 -52.46 -22.60 -24.03
CA LYS D 74 -51.54 -21.95 -24.95
C LYS D 74 -52.13 -21.89 -26.34
N LEU D 75 -52.07 -20.72 -26.97
CA LEU D 75 -52.56 -20.58 -28.34
C LEU D 75 -51.70 -21.42 -29.30
N GLY D 76 -52.35 -22.05 -30.27
CA GLY D 76 -51.66 -22.94 -31.17
C GLY D 76 -50.77 -22.28 -32.21
N ASP D 77 -51.32 -21.29 -32.92
CA ASP D 77 -50.65 -20.68 -34.08
C ASP D 77 -49.19 -20.30 -33.81
N ASP D 78 -48.33 -20.67 -34.76
CA ASP D 78 -46.87 -20.55 -34.61
C ASP D 78 -46.29 -19.15 -34.84
N ASN D 79 -47.05 -18.13 -34.44
CA ASN D 79 -46.63 -16.74 -34.51
C ASN D 79 -46.33 -16.35 -33.07
N ILE D 80 -46.61 -17.32 -32.20
CA ILE D 80 -46.41 -17.29 -30.76
C ILE D 80 -45.01 -17.80 -30.40
N VAL D 81 -44.41 -17.23 -29.37
CA VAL D 81 -43.03 -17.55 -28.99
C VAL D 81 -42.89 -18.90 -28.29
N ASP D 82 -41.90 -19.70 -28.70
CA ASP D 82 -41.58 -20.92 -27.99
C ASP D 82 -40.74 -20.52 -26.78
N VAL D 83 -41.43 -20.27 -25.66
CA VAL D 83 -40.77 -19.69 -24.50
C VAL D 83 -39.67 -20.57 -23.93
N GLU D 84 -39.88 -21.88 -23.95
CA GLU D 84 -38.87 -22.81 -23.47
C GLU D 84 -37.66 -22.79 -24.41
N LYS D 85 -37.91 -22.76 -25.71
CA LYS D 85 -36.82 -22.78 -26.67
C LYS D 85 -36.01 -21.51 -26.56
N LYS D 86 -36.70 -20.39 -26.39
CA LYS D 86 -36.04 -19.09 -26.26
C LYS D 86 -35.11 -19.08 -25.07
N LEU D 87 -35.64 -19.49 -23.92
CA LEU D 87 -34.85 -19.52 -22.69
C LEU D 87 -33.60 -20.39 -22.88
N LEU D 88 -33.77 -21.57 -23.46
CA LEU D 88 -32.67 -22.53 -23.62
C LEU D 88 -31.58 -22.02 -24.56
N SER D 89 -31.93 -21.10 -25.46
CA SER D 89 -30.93 -20.56 -26.36
C SER D 89 -29.99 -19.63 -25.63
N PHE D 90 -30.22 -19.41 -24.34
CA PHE D 90 -29.34 -18.54 -23.56
C PHE D 90 -28.64 -19.34 -22.47
N LEU D 91 -28.86 -20.65 -22.47
CA LEU D 91 -28.24 -21.53 -21.49
C LEU D 91 -27.33 -22.51 -22.25
N PRO D 92 -26.42 -23.18 -21.54
CA PRO D 92 -25.47 -24.04 -22.26
C PRO D 92 -26.19 -25.22 -22.94
N LYS D 93 -25.79 -25.55 -24.17
CA LYS D 93 -26.43 -26.63 -24.90
C LYS D 93 -26.13 -27.99 -24.27
N ASP D 94 -27.18 -28.81 -24.15
CA ASP D 94 -27.08 -30.17 -23.59
C ASP D 94 -26.54 -30.21 -22.17
N ASP D 95 -26.68 -29.10 -21.44
CA ASP D 95 -26.33 -29.07 -20.02
C ASP D 95 -27.53 -28.69 -19.14
N VAL D 96 -28.72 -28.65 -19.75
CA VAL D 96 -29.92 -28.27 -19.01
C VAL D 96 -30.94 -29.40 -18.95
N ILE D 97 -31.40 -29.74 -17.76
CA ILE D 97 -32.46 -30.73 -17.58
C ILE D 97 -33.82 -30.05 -17.80
N VAL D 98 -34.61 -30.57 -18.74
CA VAL D 98 -35.81 -29.85 -19.22
C VAL D 98 -37.20 -30.14 -18.59
N ARG D 99 -37.34 -31.14 -17.71
CA ARG D 99 -38.60 -31.22 -16.95
C ARG D 99 -38.58 -32.09 -15.70
N ASP D 100 -37.76 -33.14 -15.75
CA ASP D 100 -37.74 -34.11 -14.69
C ASP D 100 -36.94 -33.53 -13.55
N GLU D 101 -37.65 -33.00 -12.56
CA GLU D 101 -37.02 -32.53 -11.34
C GLU D 101 -36.10 -33.63 -10.83
N ALA D 102 -36.63 -34.83 -10.72
CA ALA D 102 -35.90 -35.92 -10.07
C ALA D 102 -34.64 -36.32 -10.86
N LYS D 103 -34.71 -36.27 -12.19
CA LYS D 103 -33.52 -36.51 -12.98
C LYS D 103 -32.51 -35.40 -12.71
N TRP D 104 -33.01 -34.17 -12.56
CA TRP D 104 -32.17 -33.00 -12.34
C TRP D 104 -31.51 -33.09 -10.97
N VAL D 105 -32.27 -33.53 -9.96
CA VAL D 105 -31.71 -33.62 -8.63
C VAL D 105 -30.64 -34.71 -8.60
N ASP D 106 -30.91 -35.82 -9.27
CA ASP D 106 -29.93 -36.89 -9.37
C ASP D 106 -28.64 -36.33 -9.94
N CYS D 107 -28.75 -35.80 -11.16
CA CYS D 107 -27.62 -35.27 -11.90
C CYS D 107 -26.73 -34.30 -11.11
N PHE D 108 -27.33 -33.41 -10.33
CA PHE D 108 -26.49 -32.48 -9.54
C PHE D 108 -26.07 -33.05 -8.19
N ALA D 109 -26.73 -34.12 -7.76
CA ALA D 109 -26.30 -34.85 -6.58
C ALA D 109 -25.01 -35.62 -6.92
N GLU D 110 -24.93 -36.07 -8.17
CA GLU D 110 -23.78 -36.83 -8.63
C GLU D 110 -22.61 -35.89 -8.89
N GLU D 111 -22.93 -34.66 -9.26
CA GLU D 111 -21.88 -33.70 -9.61
C GLU D 111 -21.18 -33.17 -8.38
N ARG D 112 -21.90 -33.08 -7.26
CA ARG D 112 -21.31 -32.54 -6.04
C ARG D 112 -20.19 -33.44 -5.53
N LYS D 113 -20.18 -34.70 -5.97
CA LYS D 113 -19.14 -35.64 -5.59
C LYS D 113 -17.76 -35.18 -6.07
N THR D 114 -17.70 -34.78 -7.34
CA THR D 114 -16.44 -34.38 -7.96
C THR D 114 -16.27 -32.87 -7.98
N HIS D 115 -17.20 -32.14 -7.37
CA HIS D 115 -17.19 -30.69 -7.50
C HIS D 115 -16.25 -30.01 -6.51
N ASN D 116 -15.12 -29.54 -7.03
CA ASN D 116 -14.14 -28.82 -6.22
C ASN D 116 -13.42 -27.77 -7.04
N LEU D 117 -13.86 -26.52 -6.89
CA LEU D 117 -13.22 -25.40 -7.55
C LEU D 117 -11.94 -25.12 -6.80
N SER D 118 -11.99 -25.40 -5.51
CA SER D 118 -10.88 -25.14 -4.59
C SER D 118 -9.57 -25.84 -4.98
N ASP D 119 -9.64 -26.78 -5.92
CA ASP D 119 -8.47 -27.52 -6.35
C ASP D 119 -8.25 -27.49 -7.86
N VAL D 120 -8.78 -26.47 -8.52
CA VAL D 120 -8.50 -26.23 -9.95
C VAL D 120 -8.21 -24.75 -10.19
N PHE D 121 -8.72 -23.89 -9.31
CA PHE D 121 -8.54 -22.46 -9.44
C PHE D 121 -7.47 -21.93 -8.48
N GLU D 122 -6.83 -20.82 -8.86
CA GLU D 122 -5.87 -20.17 -7.99
C GLU D 122 -6.65 -19.46 -6.89
N LYS D 123 -6.27 -19.68 -5.64
CA LYS D 123 -6.92 -19.01 -4.53
C LYS D 123 -6.43 -17.57 -4.47
N VAL D 124 -7.29 -16.66 -4.05
CA VAL D 124 -6.94 -15.24 -4.02
C VAL D 124 -6.86 -14.75 -2.58
N SER D 125 -7.94 -14.93 -1.85
CA SER D 125 -7.98 -14.52 -0.45
C SER D 125 -9.12 -15.21 0.30
N GLU D 126 -9.31 -14.84 1.57
CA GLU D 126 -10.26 -15.51 2.45
C GLU D 126 -10.75 -14.51 3.48
N TYR D 127 -12.03 -14.57 3.83
CA TYR D 127 -12.58 -13.67 4.83
C TYR D 127 -13.70 -14.33 5.59
N SER D 128 -14.16 -13.66 6.65
CA SER D 128 -15.20 -14.22 7.51
C SER D 128 -16.36 -13.26 7.68
N LEU D 129 -17.57 -13.79 7.45
CA LEU D 129 -18.80 -13.02 7.56
C LEU D 129 -19.80 -13.84 8.36
N ASN D 130 -20.27 -13.29 9.47
CA ASN D 130 -21.24 -13.98 10.33
C ASN D 130 -20.82 -15.42 10.65
N GLY D 131 -19.62 -15.58 11.20
CA GLY D 131 -19.15 -16.90 11.60
C GLY D 131 -18.98 -17.91 10.48
N GLU D 132 -19.02 -17.44 9.24
CA GLU D 132 -18.78 -18.31 8.11
C GLU D 132 -17.54 -17.89 7.33
N GLU D 133 -16.82 -18.87 6.82
CA GLU D 133 -15.62 -18.59 6.05
C GLU D 133 -15.94 -18.56 4.58
N PHE D 134 -15.52 -17.47 3.93
CA PHE D 134 -15.67 -17.36 2.49
C PHE D 134 -14.31 -17.27 1.84
N VAL D 135 -14.19 -17.85 0.65
CA VAL D 135 -12.93 -17.87 -0.05
C VAL D 135 -13.13 -17.32 -1.47
N VAL D 136 -12.14 -16.59 -1.96
CA VAL D 136 -12.21 -16.02 -3.29
C VAL D 136 -11.22 -16.74 -4.22
N TYR D 137 -11.71 -17.19 -5.37
CA TYR D 137 -10.85 -17.87 -6.33
C TYR D 137 -10.81 -17.11 -7.63
N LYS D 138 -9.80 -17.41 -8.44
CA LYS D 138 -9.55 -16.70 -9.70
C LYS D 138 -9.30 -17.75 -10.78
N SER D 139 -9.82 -17.52 -11.98
CA SER D 139 -9.66 -18.49 -13.06
C SER D 139 -9.69 -17.80 -14.41
N SER D 140 -9.14 -18.45 -15.44
CA SER D 140 -9.27 -17.93 -16.79
C SER D 140 -10.57 -18.46 -17.37
N LEU D 141 -10.88 -18.10 -18.61
CA LEU D 141 -12.11 -18.59 -19.22
C LEU D 141 -11.81 -19.52 -20.37
N VAL D 142 -10.57 -19.99 -20.48
CA VAL D 142 -10.25 -20.98 -21.51
C VAL D 142 -10.21 -22.37 -20.89
N ASP D 143 -10.05 -22.40 -19.57
CA ASP D 143 -10.21 -23.64 -18.80
C ASP D 143 -11.56 -24.27 -19.12
N ASP D 144 -11.62 -25.59 -19.20
CA ASP D 144 -12.86 -26.26 -19.58
C ASP D 144 -13.87 -26.24 -18.44
N PHE D 145 -13.37 -26.33 -17.21
CA PHE D 145 -14.24 -26.35 -16.05
C PHE D 145 -14.76 -24.96 -15.68
N ALA D 146 -13.93 -23.94 -15.90
CA ALA D 146 -14.38 -22.58 -15.71
C ALA D 146 -15.45 -22.27 -16.77
N ARG D 147 -15.23 -22.76 -18.00
CA ARG D 147 -16.20 -22.56 -19.07
C ARG D 147 -17.54 -23.23 -18.75
N ARG D 148 -17.52 -24.36 -18.06
CA ARG D 148 -18.77 -25.03 -17.75
C ARG D 148 -19.54 -24.20 -16.74
N MET D 149 -18.84 -23.76 -15.70
CA MET D 149 -19.48 -22.95 -14.68
C MET D 149 -20.00 -21.62 -15.23
N HIS D 150 -19.17 -20.95 -16.02
CA HIS D 150 -19.53 -19.62 -16.49
C HIS D 150 -20.74 -19.65 -17.40
N ARG D 151 -20.85 -20.71 -18.20
CA ARG D 151 -21.97 -20.84 -19.09
C ARG D 151 -23.23 -21.09 -18.27
N ARG D 152 -23.04 -21.69 -17.10
CA ARG D 152 -24.16 -21.96 -16.23
C ARG D 152 -24.66 -20.68 -15.57
N VAL D 153 -23.74 -19.81 -15.17
CA VAL D 153 -24.14 -18.65 -14.40
C VAL D 153 -24.35 -17.36 -15.21
N GLN D 154 -23.84 -17.29 -16.45
CA GLN D 154 -23.82 -15.99 -17.16
C GLN D 154 -25.22 -15.44 -17.46
N ILE D 155 -26.23 -16.31 -17.49
CA ILE D 155 -27.57 -15.81 -17.74
C ILE D 155 -27.99 -14.88 -16.59
N PHE D 156 -27.35 -15.00 -15.43
CA PHE D 156 -27.64 -14.06 -14.36
C PHE D 156 -27.25 -12.63 -14.73
N SER D 157 -26.18 -12.48 -15.51
CA SER D 157 -25.80 -11.17 -16.01
C SER D 157 -26.94 -10.54 -16.84
N LEU D 158 -27.61 -11.35 -17.67
CA LEU D 158 -28.65 -10.82 -18.53
C LEU D 158 -29.86 -10.47 -17.69
N LEU D 159 -30.11 -11.28 -16.66
CA LEU D 159 -31.30 -11.14 -15.83
C LEU D 159 -31.20 -9.99 -14.82
N PHE D 160 -29.97 -9.61 -14.42
CA PHE D 160 -29.77 -8.67 -13.32
C PHE D 160 -28.88 -7.46 -13.57
N ILE D 161 -28.21 -7.43 -14.71
CA ILE D 161 -27.38 -6.27 -15.05
C ILE D 161 -27.84 -5.72 -16.38
N GLU D 162 -28.24 -4.46 -16.40
CA GLU D 162 -28.79 -3.86 -17.61
C GLU D 162 -27.71 -3.73 -18.66
N ALA D 163 -28.08 -3.93 -19.92
CA ALA D 163 -27.17 -3.76 -21.05
C ALA D 163 -26.01 -4.79 -21.05
N ALA D 164 -26.10 -5.80 -20.19
CA ALA D 164 -25.07 -6.83 -20.13
C ALA D 164 -25.12 -7.68 -21.40
N ASN D 165 -23.95 -8.17 -21.85
CA ASN D 165 -23.93 -9.11 -22.97
C ASN D 165 -23.11 -10.34 -22.58
N TYR D 166 -23.30 -11.45 -23.30
CA TYR D 166 -22.43 -12.60 -23.09
C TYR D 166 -21.02 -12.28 -23.61
N ILE D 167 -20.01 -12.66 -22.83
CA ILE D 167 -18.64 -12.34 -23.20
C ILE D 167 -17.96 -13.43 -24.05
N ASP D 168 -16.89 -13.02 -24.73
CA ASP D 168 -16.15 -13.91 -25.64
C ASP D 168 -15.20 -14.82 -24.89
N GLU D 169 -15.62 -16.06 -24.66
CA GLU D 169 -14.78 -16.98 -23.89
C GLU D 169 -13.46 -17.35 -24.58
N THR D 170 -13.33 -17.00 -25.86
CA THR D 170 -12.10 -17.23 -26.60
C THR D 170 -11.07 -16.12 -26.38
N ASP D 171 -11.48 -15.03 -25.73
CA ASP D 171 -10.55 -13.94 -25.44
C ASP D 171 -9.81 -14.21 -24.15
N PRO D 172 -8.49 -14.45 -24.25
CA PRO D 172 -7.67 -14.92 -23.13
C PRO D 172 -7.50 -13.86 -22.05
N SER D 173 -7.85 -12.63 -22.39
CA SER D 173 -7.72 -11.55 -21.43
C SER D 173 -8.87 -11.51 -20.42
N TRP D 174 -9.84 -12.42 -20.54
CA TRP D 174 -10.89 -12.54 -19.53
C TRP D 174 -10.40 -13.31 -18.32
N GLN D 175 -10.74 -12.81 -17.14
CA GLN D 175 -10.35 -13.44 -15.90
C GLN D 175 -11.58 -13.34 -15.01
N ILE D 176 -12.00 -14.48 -14.47
CA ILE D 176 -13.17 -14.53 -13.60
C ILE D 176 -12.79 -14.78 -12.13
N TYR D 177 -13.40 -14.02 -11.24
CA TYR D 177 -13.25 -14.23 -9.81
C TYR D 177 -14.47 -14.93 -9.24
N TRP D 178 -14.25 -15.92 -8.39
CA TRP D 178 -15.34 -16.74 -7.85
C TRP D 178 -15.40 -16.60 -6.34
N LEU D 179 -16.60 -16.33 -5.83
CA LEU D 179 -16.81 -16.24 -4.40
C LEU D 179 -17.51 -17.52 -3.89
N LEU D 180 -16.80 -18.31 -3.09
CA LEU D 180 -17.39 -19.54 -2.54
C LEU D 180 -17.56 -19.49 -1.03
N ASN D 181 -18.59 -20.19 -0.56
CA ASN D 181 -18.74 -20.51 0.86
C ASN D 181 -17.83 -21.71 1.12
N LYS D 182 -16.83 -21.52 1.98
CA LYS D 182 -15.73 -22.47 2.10
C LYS D 182 -16.18 -23.86 2.52
N LYS D 183 -17.10 -23.91 3.47
CA LYS D 183 -17.58 -25.19 3.95
C LYS D 183 -18.47 -25.83 2.90
N THR D 184 -19.54 -25.13 2.55
CA THR D 184 -20.60 -25.69 1.70
C THR D 184 -20.25 -25.74 0.22
N LYS D 185 -19.19 -25.03 -0.18
CA LYS D 185 -18.75 -25.00 -1.58
C LYS D 185 -19.77 -24.30 -2.50
N GLU D 186 -20.70 -23.57 -1.89
CA GLU D 186 -21.76 -22.87 -2.63
C GLU D 186 -21.23 -21.61 -3.28
N LEU D 187 -21.70 -21.34 -4.50
CA LEU D 187 -21.24 -20.18 -5.23
C LEU D 187 -22.08 -18.98 -4.86
N ILE D 188 -21.44 -17.96 -4.30
CA ILE D 188 -22.16 -16.80 -3.78
C ILE D 188 -22.23 -15.71 -4.85
N GLY D 189 -21.15 -15.64 -5.63
CA GLY D 189 -21.05 -14.66 -6.68
C GLY D 189 -19.87 -14.86 -7.61
N PHE D 190 -19.86 -14.06 -8.66
CA PHE D 190 -18.76 -14.03 -9.60
C PHE D 190 -18.54 -12.63 -10.19
N VAL D 191 -17.31 -12.35 -10.61
CA VAL D 191 -16.96 -11.10 -11.26
C VAL D 191 -16.15 -11.33 -12.50
N THR D 192 -16.68 -10.95 -13.65
CA THR D 192 -15.90 -11.07 -14.87
C THR D 192 -14.99 -9.85 -14.95
N THR D 193 -13.69 -10.06 -15.16
CA THR D 193 -12.75 -8.94 -15.26
C THR D 193 -11.86 -9.04 -16.50
N TYR D 194 -11.40 -7.89 -17.01
CA TYR D 194 -10.59 -7.81 -18.22
C TYR D 194 -9.38 -6.90 -18.03
N LYS D 195 -8.45 -6.92 -18.99
CA LYS D 195 -7.29 -6.02 -18.92
C LYS D 195 -6.90 -5.45 -20.29
N TYR D 196 -6.59 -4.15 -20.32
CA TYR D 196 -6.18 -3.51 -21.56
C TYR D 196 -4.75 -3.02 -21.49
N TRP D 197 -4.03 -3.10 -22.60
CA TRP D 197 -2.70 -2.52 -22.66
C TRP D 197 -2.75 -1.06 -22.20
N HIS D 198 -1.84 -0.69 -21.31
CA HIS D 198 -1.74 0.70 -20.89
C HIS D 198 -0.43 1.31 -21.38
N TYR D 199 -0.56 2.26 -22.31
CA TYR D 199 0.60 2.97 -22.82
C TYR D 199 0.96 4.14 -21.91
N LEU D 200 2.15 4.10 -21.31
CA LEU D 200 2.55 5.13 -20.36
C LEU D 200 3.52 6.12 -21.02
N GLY D 201 3.55 6.13 -22.34
CA GLY D 201 4.45 7.04 -23.03
C GLY D 201 5.76 6.37 -23.36
N ALA D 202 6.51 6.99 -24.28
CA ALA D 202 7.68 6.34 -24.86
C ALA D 202 8.73 5.96 -23.82
N LYS D 203 9.03 6.86 -22.89
CA LYS D 203 10.05 6.58 -21.88
C LYS D 203 9.72 5.34 -21.06
N SER D 204 8.53 5.30 -20.47
CA SER D 204 8.14 4.14 -19.67
C SER D 204 8.08 2.89 -20.51
N PHE D 205 7.43 2.99 -21.66
CA PHE D 205 7.23 1.82 -22.49
C PHE D 205 8.58 1.20 -22.84
N ASP D 206 9.53 2.04 -23.19
CA ASP D 206 10.84 1.53 -23.58
C ASP D 206 11.70 1.03 -22.41
N GLU D 207 11.38 1.44 -21.18
CA GLU D 207 12.13 1.02 -19.99
C GLU D 207 11.69 -0.35 -19.47
N ASP D 208 10.43 -0.46 -19.09
CA ASP D 208 9.86 -1.72 -18.60
C ASP D 208 9.45 -2.64 -19.75
N ILE D 209 10.13 -3.78 -19.90
CA ILE D 209 9.77 -4.76 -20.93
C ILE D 209 8.52 -5.51 -20.48
N ASP D 210 8.24 -5.41 -19.18
CA ASP D 210 7.02 -5.91 -18.56
C ASP D 210 5.82 -5.09 -19.01
N LYS D 211 4.86 -5.77 -19.65
CA LYS D 211 3.67 -5.13 -20.22
C LYS D 211 2.77 -4.57 -19.12
N LYS D 212 2.14 -3.44 -19.36
CA LYS D 212 1.31 -2.78 -18.35
C LYS D 212 -0.17 -2.79 -18.74
N PHE D 213 -1.04 -2.95 -17.76
CA PHE D 213 -2.47 -3.07 -18.02
C PHE D 213 -3.35 -2.23 -17.10
N ARG D 214 -4.46 -1.75 -17.65
CA ARG D 214 -5.57 -1.26 -16.84
C ARG D 214 -6.43 -2.48 -16.63
N ALA D 215 -6.67 -2.86 -15.37
CA ALA D 215 -7.57 -3.97 -15.08
C ALA D 215 -8.97 -3.36 -15.06
N LYS D 216 -9.98 -4.14 -15.41
CA LYS D 216 -11.32 -3.62 -15.46
C LYS D 216 -12.34 -4.58 -14.85
N ILE D 217 -13.19 -4.09 -13.98
CA ILE D 217 -14.35 -4.88 -13.55
C ILE D 217 -15.46 -4.73 -14.58
N SER D 218 -15.95 -5.84 -15.10
CA SER D 218 -17.02 -5.81 -16.09
C SER D 218 -18.37 -6.13 -15.50
N GLN D 219 -18.61 -7.40 -15.22
CA GLN D 219 -19.88 -7.81 -14.64
C GLN D 219 -19.62 -8.33 -13.21
N PHE D 220 -20.31 -7.72 -12.24
CA PHE D 220 -20.05 -7.96 -10.81
C PHE D 220 -21.33 -8.39 -10.15
N LEU D 221 -21.44 -9.68 -9.87
CA LEU D 221 -22.73 -10.26 -9.50
C LEU D 221 -22.66 -11.00 -8.18
N ILE D 222 -23.49 -10.57 -7.22
CA ILE D 222 -23.75 -11.40 -6.03
C ILE D 222 -25.18 -11.92 -6.19
N PHE D 223 -25.34 -13.23 -6.27
CA PHE D 223 -26.67 -13.80 -6.47
C PHE D 223 -27.65 -13.26 -5.42
N PRO D 224 -28.87 -12.90 -5.86
CA PRO D 224 -29.88 -12.26 -5.00
C PRO D 224 -30.04 -12.81 -3.56
N PRO D 225 -30.08 -14.15 -3.39
CA PRO D 225 -30.20 -14.66 -2.02
C PRO D 225 -29.10 -14.17 -1.06
N TYR D 226 -27.91 -13.84 -1.57
CA TYR D 226 -26.78 -13.51 -0.70
C TYR D 226 -26.46 -12.02 -0.65
N GLN D 227 -27.37 -11.18 -1.16
CA GLN D 227 -27.12 -9.74 -1.16
C GLN D 227 -27.36 -9.13 0.21
N ASN D 228 -26.94 -7.88 0.38
CA ASN D 228 -27.13 -7.14 1.62
C ASN D 228 -26.59 -7.81 2.89
N LYS D 229 -25.46 -8.49 2.75
CA LYS D 229 -24.82 -9.16 3.87
C LYS D 229 -23.34 -8.79 4.00
N GLY D 230 -22.84 -7.89 3.13
CA GLY D 230 -21.47 -7.41 3.16
C GLY D 230 -20.53 -8.10 2.18
N HIS D 231 -21.08 -8.94 1.30
CA HIS D 231 -20.27 -9.73 0.37
C HIS D 231 -19.64 -8.92 -0.76
N GLY D 232 -20.45 -8.10 -1.43
CA GLY D 232 -19.98 -7.27 -2.53
C GLY D 232 -18.77 -6.46 -2.10
N SER D 233 -18.87 -5.80 -0.96
CA SER D 233 -17.77 -5.00 -0.45
C SER D 233 -16.59 -5.91 -0.18
N CYS D 234 -16.84 -7.10 0.35
CA CYS D 234 -15.70 -7.98 0.64
C CYS D 234 -15.05 -8.50 -0.64
N LEU D 235 -15.87 -8.78 -1.65
CA LEU D 235 -15.36 -9.22 -2.94
C LEU D 235 -14.69 -8.09 -3.74
N TYR D 236 -15.24 -6.89 -3.68
CA TYR D 236 -14.61 -5.77 -4.37
C TYR D 236 -13.22 -5.59 -3.78
N GLU D 237 -13.13 -5.76 -2.47
CA GLU D 237 -11.90 -5.48 -1.76
C GLU D 237 -10.85 -6.52 -2.07
N ALA D 238 -11.27 -7.77 -2.17
CA ALA D 238 -10.32 -8.84 -2.49
C ALA D 238 -9.73 -8.65 -3.88
N ILE D 239 -10.60 -8.36 -4.85
CA ILE D 239 -10.17 -8.15 -6.22
C ILE D 239 -9.19 -6.96 -6.27
N ILE D 240 -9.59 -5.82 -5.71
CA ILE D 240 -8.71 -4.65 -5.76
C ILE D 240 -7.35 -4.92 -5.08
N GLN D 241 -7.39 -5.55 -3.91
CA GLN D 241 -6.15 -5.85 -3.19
C GLN D 241 -5.22 -6.67 -4.06
N SER D 242 -5.74 -7.71 -4.71
CA SER D 242 -4.87 -8.52 -5.55
C SER D 242 -4.35 -7.71 -6.75
N TRP D 243 -5.12 -6.73 -7.18
CA TRP D 243 -4.68 -5.91 -8.30
C TRP D 243 -3.60 -4.96 -7.83
N LEU D 244 -3.69 -4.54 -6.57
CA LEU D 244 -2.68 -3.64 -5.98
C LEU D 244 -1.34 -4.38 -5.86
N GLU D 245 -1.41 -5.69 -5.66
CA GLU D 245 -0.19 -6.46 -5.52
C GLU D 245 0.35 -6.85 -6.87
N ASP D 246 -0.47 -6.67 -7.92
CA ASP D 246 -0.06 -7.05 -9.27
C ASP D 246 0.74 -5.93 -9.95
N LYS D 247 2.01 -6.22 -10.22
CA LYS D 247 2.89 -5.21 -10.81
C LYS D 247 2.59 -4.89 -12.28
N SER D 248 1.76 -5.69 -12.93
CA SER D 248 1.42 -5.39 -14.31
C SER D 248 0.21 -4.43 -14.37
N ILE D 249 -0.52 -4.33 -13.26
CA ILE D 249 -1.70 -3.49 -13.25
C ILE D 249 -1.34 -2.04 -12.84
N THR D 250 -1.79 -1.06 -13.65
CA THR D 250 -1.56 0.35 -13.34
C THR D 250 -2.79 1.03 -12.73
N GLU D 251 -3.98 0.70 -13.26
CA GLU D 251 -5.20 1.34 -12.78
C GLU D 251 -6.33 0.37 -12.58
N ILE D 252 -7.29 0.77 -11.76
CA ILE D 252 -8.49 0.00 -11.53
C ILE D 252 -9.69 0.72 -12.12
N THR D 253 -10.38 0.04 -13.05
CA THR D 253 -11.43 0.70 -13.79
C THR D 253 -12.68 -0.14 -13.71
N VAL D 254 -13.82 0.46 -13.95
CA VAL D 254 -15.07 -0.29 -13.91
C VAL D 254 -15.87 0.05 -15.15
N GLU D 255 -16.42 -0.97 -15.81
CA GLU D 255 -17.31 -0.77 -16.96
C GLU D 255 -18.74 -0.48 -16.47
N ASP D 256 -19.27 0.68 -16.87
CA ASP D 256 -20.68 1.04 -16.68
C ASP D 256 -21.33 0.63 -15.35
N PRO D 257 -20.88 1.22 -14.25
CA PRO D 257 -21.43 0.82 -12.95
C PRO D 257 -22.75 1.51 -12.66
N ASN D 258 -23.63 0.84 -11.93
CA ASN D 258 -24.90 1.43 -11.51
C ASN D 258 -24.70 2.23 -10.23
N GLU D 259 -25.77 2.82 -9.69
CA GLU D 259 -25.63 3.61 -8.48
C GLU D 259 -25.20 2.75 -7.30
N ALA D 260 -25.68 1.50 -7.28
CA ALA D 260 -25.34 0.60 -6.18
C ALA D 260 -23.84 0.33 -6.17
N PHE D 261 -23.28 0.02 -7.32
CA PHE D 261 -21.84 -0.22 -7.42
C PHE D 261 -21.04 1.07 -7.23
N ASP D 262 -21.57 2.17 -7.75
CA ASP D 262 -21.03 3.49 -7.45
C ASP D 262 -20.78 3.70 -5.95
N ASP D 263 -21.78 3.43 -5.11
CA ASP D 263 -21.67 3.64 -3.66
C ASP D 263 -20.70 2.64 -3.08
N LEU D 264 -20.77 1.41 -3.58
CA LEU D 264 -19.89 0.36 -3.11
C LEU D 264 -18.42 0.76 -3.42
N ARG D 265 -18.16 1.15 -4.66
CA ARG D 265 -16.81 1.62 -5.01
C ARG D 265 -16.37 2.81 -4.14
N ASP D 266 -17.30 3.75 -3.92
CA ASP D 266 -16.97 4.94 -3.12
C ASP D 266 -16.60 4.56 -1.68
N ARG D 267 -17.38 3.65 -1.11
CA ARG D 267 -17.18 3.29 0.27
C ARG D 267 -15.80 2.72 0.49
N ASN D 268 -15.47 1.65 -0.21
CA ASN D 268 -14.18 0.97 -0.07
C ASN D 268 -12.95 1.81 -0.45
N ASP D 269 -13.06 2.61 -1.52
CA ASP D 269 -11.94 3.45 -1.96
C ASP D 269 -11.70 4.51 -0.88
N ILE D 270 -12.79 5.05 -0.33
CA ILE D 270 -12.70 6.02 0.77
C ILE D 270 -11.99 5.38 1.96
N GLN D 271 -12.35 4.13 2.26
CA GLN D 271 -11.80 3.41 3.42
C GLN D 271 -10.30 3.23 3.28
N ARG D 272 -9.86 2.97 2.05
CA ARG D 272 -8.44 2.76 1.79
C ARG D 272 -7.64 4.05 1.88
N LEU D 273 -8.20 5.16 1.39
CA LEU D 273 -7.54 6.44 1.50
C LEU D 273 -7.38 6.84 2.95
N ARG D 274 -8.38 6.51 3.78
CA ARG D 274 -8.29 6.81 5.20
C ARG D 274 -7.26 5.93 5.89
N LYS D 275 -7.27 4.66 5.55
CA LYS D 275 -6.35 3.73 6.16
C LYS D 275 -4.90 4.11 5.82
N LEU D 276 -4.69 4.75 4.67
CA LEU D 276 -3.33 5.09 4.29
C LEU D 276 -2.99 6.51 4.70
N GLY D 277 -3.98 7.22 5.22
CA GLY D 277 -3.77 8.54 5.78
C GLY D 277 -3.93 9.68 4.78
N TYR D 278 -4.46 9.37 3.60
CA TYR D 278 -4.62 10.42 2.60
C TYR D 278 -5.74 11.42 2.92
N ASP D 279 -6.68 11.02 3.77
CA ASP D 279 -7.67 11.97 4.26
C ASP D 279 -6.97 13.15 4.93
N ALA D 280 -6.02 12.87 5.82
CA ALA D 280 -5.30 13.93 6.52
C ALA D 280 -4.29 14.62 5.60
N VAL D 281 -3.61 13.84 4.77
CA VAL D 281 -2.68 14.43 3.81
C VAL D 281 -3.44 15.44 2.92
N PHE D 282 -4.67 15.09 2.56
CA PHE D 282 -5.48 15.94 1.70
C PHE D 282 -6.40 16.83 2.55
N GLN D 283 -5.90 17.56 3.55
CA GLN D 283 -6.86 18.40 4.25
C GLN D 283 -6.82 19.89 3.93
N LYS D 284 -5.85 20.31 3.13
CA LYS D 284 -5.84 21.69 2.64
C LYS D 284 -5.29 21.76 1.21
N HIS D 285 -6.15 22.15 0.27
CA HIS D 285 -5.82 22.20 -1.16
C HIS D 285 -4.53 22.97 -1.42
N SER D 286 -4.23 23.93 -0.55
CA SER D 286 -3.05 24.76 -0.67
C SER D 286 -1.75 23.95 -0.84
N ASP D 287 -1.67 22.79 -0.18
CA ASP D 287 -0.47 21.94 -0.18
C ASP D 287 -0.36 21.04 -1.40
N LEU D 288 -1.40 21.05 -2.24
CA LEU D 288 -1.56 20.02 -3.27
C LEU D 288 -1.29 20.50 -4.69
N SER D 289 -0.10 20.17 -5.20
CA SER D 289 0.20 20.40 -6.60
C SER D 289 -0.51 19.32 -7.41
N ASP D 290 -0.63 19.55 -8.70
CA ASP D 290 -1.25 18.57 -9.58
C ASP D 290 -0.39 17.32 -9.76
N GLU D 291 0.94 17.46 -9.74
CA GLU D 291 1.73 16.27 -9.99
C GLU D 291 1.92 15.47 -8.72
N PHE D 292 1.64 16.08 -7.57
CA PHE D 292 1.64 15.29 -6.35
C PHE D 292 0.38 14.46 -6.26
N LEU D 293 -0.72 15.03 -6.75
CA LEU D 293 -1.96 14.29 -6.78
C LEU D 293 -1.84 13.16 -7.82
N GLU D 294 -1.10 13.39 -8.91
CA GLU D 294 -0.92 12.33 -9.90
C GLU D 294 -0.09 11.19 -9.34
N SER D 295 0.96 11.53 -8.59
CA SER D 295 1.82 10.51 -8.04
C SER D 295 1.03 9.68 -7.05
N SER D 296 0.23 10.37 -6.24
CA SER D 296 -0.63 9.71 -5.29
C SER D 296 -1.56 8.77 -6.02
N ARG D 297 -2.19 9.28 -7.09
CA ARG D 297 -3.17 8.48 -7.79
C ARG D 297 -2.53 7.23 -8.33
N LYS D 298 -1.39 7.39 -8.99
CA LYS D 298 -0.73 6.23 -9.59
C LYS D 298 -0.36 5.25 -8.51
N SER D 299 0.00 5.78 -7.35
CA SER D 299 0.33 4.94 -6.24
C SER D 299 -0.89 4.14 -5.81
N LEU D 300 -2.03 4.79 -5.85
CA LEU D 300 -3.23 4.16 -5.35
C LEU D 300 -3.88 3.33 -6.45
N LYS D 301 -3.40 3.50 -7.68
CA LYS D 301 -3.93 2.76 -8.83
C LYS D 301 -5.41 3.10 -9.10
N LEU D 302 -5.83 4.31 -8.73
CA LEU D 302 -7.22 4.71 -8.92
C LEU D 302 -7.46 5.35 -10.30
N GLU D 303 -8.64 5.10 -10.87
CA GLU D 303 -9.01 5.73 -12.14
C GLU D 303 -9.06 7.26 -11.97
N GLU D 304 -8.76 8.02 -13.02
CA GLU D 304 -8.66 9.47 -12.87
C GLU D 304 -9.91 10.23 -12.36
N ARG D 305 -11.11 9.91 -12.86
CA ARG D 305 -12.30 10.61 -12.39
C ARG D 305 -12.70 10.19 -10.99
N GLN D 306 -12.54 8.90 -10.71
CA GLN D 306 -12.83 8.39 -9.38
C GLN D 306 -11.93 9.10 -8.38
N PHE D 307 -10.64 9.21 -8.71
CA PHE D 307 -9.70 9.84 -7.82
C PHE D 307 -10.09 11.29 -7.53
N ASN D 308 -10.36 12.07 -8.58
CA ASN D 308 -10.77 13.46 -8.40
C ASN D 308 -12.03 13.64 -7.53
N ARG D 309 -13.00 12.75 -7.69
CA ARG D 309 -14.19 12.74 -6.85
C ARG D 309 -13.77 12.51 -5.41
N LEU D 310 -12.86 11.57 -5.19
CA LEU D 310 -12.50 11.18 -3.84
C LEU D 310 -11.71 12.28 -3.14
N VAL D 311 -10.86 12.97 -3.89
CA VAL D 311 -10.05 14.05 -3.33
C VAL D 311 -10.97 15.22 -2.95
N GLU D 312 -11.80 15.65 -3.88
CA GLU D 312 -12.76 16.71 -3.59
C GLU D 312 -13.65 16.35 -2.41
N MET D 313 -14.08 15.09 -2.35
CA MET D 313 -14.92 14.63 -1.27
C MET D 313 -14.20 14.74 0.06
N LEU D 314 -12.89 14.52 0.06
CA LEU D 314 -12.12 14.63 1.29
C LEU D 314 -11.82 16.10 1.63
N LEU D 315 -11.54 16.90 0.60
CA LEU D 315 -11.29 18.32 0.82
C LEU D 315 -12.46 19.01 1.50
N LEU D 316 -13.68 18.68 1.07
CA LEU D 316 -14.89 19.33 1.58
C LEU D 316 -15.32 18.75 2.92
N LEU D 317 -15.01 17.47 3.15
CA LEU D 317 -15.47 16.80 4.36
C LEU D 317 -14.83 17.32 5.64
N ASN D 318 -13.60 17.81 5.54
CA ASN D 318 -12.97 18.47 6.69
C ASN D 318 -12.43 19.86 6.33
N ASN D 319 -13.37 20.79 6.12
CA ASN D 319 -13.08 22.19 5.80
C ASN D 319 -14.34 23.04 5.85
N LEU E 8 -27.94 6.47 -44.94
CA LEU E 8 -27.84 7.75 -45.62
C LEU E 8 -27.11 7.67 -46.94
N SER E 9 -27.33 8.66 -47.79
CA SER E 9 -26.56 8.79 -49.01
C SER E 9 -25.32 9.58 -48.63
N VAL E 10 -24.31 9.51 -49.47
CA VAL E 10 -23.04 10.17 -49.16
C VAL E 10 -23.15 11.69 -49.29
N ASP E 11 -24.09 12.14 -50.11
CA ASP E 11 -24.31 13.56 -50.33
C ASP E 11 -25.12 14.15 -49.19
N GLU E 12 -26.06 13.36 -48.66
CA GLU E 12 -26.83 13.77 -47.50
C GLU E 12 -25.90 13.97 -46.32
N GLU E 13 -24.99 13.00 -46.14
CA GLU E 13 -24.08 12.98 -45.02
C GLU E 13 -23.03 14.11 -45.11
N TYR E 14 -22.61 14.40 -46.34
CA TYR E 14 -21.58 15.39 -46.59
C TYR E 14 -22.02 16.78 -46.16
N ASP E 15 -23.29 17.11 -46.40
CA ASP E 15 -23.83 18.41 -46.03
C ASP E 15 -23.89 18.51 -44.51
N LEU E 16 -24.23 17.38 -43.90
CA LEU E 16 -24.30 17.29 -42.45
C LEU E 16 -22.92 17.56 -41.86
N TRP E 17 -21.90 16.93 -42.47
CA TRP E 17 -20.52 17.16 -42.05
C TRP E 17 -20.17 18.63 -42.24
N LYS E 18 -20.52 19.19 -43.40
CA LYS E 18 -20.17 20.58 -43.70
C LYS E 18 -20.81 21.58 -42.73
N SER E 19 -22.01 21.26 -42.23
CA SER E 19 -22.73 22.16 -41.32
C SER E 19 -22.11 22.20 -39.94
N ASN E 20 -21.24 21.25 -39.67
CA ASN E 20 -20.58 21.16 -38.39
C ASN E 20 -19.11 21.49 -38.48
N VAL E 21 -18.66 21.83 -39.69
CA VAL E 21 -17.25 22.16 -39.89
C VAL E 21 -16.72 23.27 -38.96
N PRO E 22 -17.46 24.39 -38.82
CA PRO E 22 -16.92 25.46 -37.97
C PRO E 22 -16.67 25.07 -36.53
N LEU E 23 -17.40 24.08 -36.02
CA LEU E 23 -17.25 23.65 -34.64
C LEU E 23 -16.08 22.67 -34.46
N MET E 24 -15.85 21.84 -35.48
CA MET E 24 -14.88 20.75 -35.38
C MET E 24 -13.48 21.12 -35.86
N TYR E 25 -13.38 22.05 -36.79
CA TYR E 25 -12.07 22.34 -37.35
C TYR E 25 -11.62 23.76 -37.08
N ASP E 26 -10.31 23.93 -36.92
CA ASP E 26 -9.78 25.28 -36.92
C ASP E 26 -9.78 25.75 -38.36
N PHE E 27 -9.66 24.81 -39.30
CA PHE E 27 -9.49 25.11 -40.72
C PHE E 27 -9.87 23.93 -41.62
N VAL E 28 -10.52 24.22 -42.75
CA VAL E 28 -10.75 23.22 -43.78
C VAL E 28 -10.68 23.90 -45.13
N SER E 29 -9.92 23.34 -46.05
CA SER E 29 -10.00 23.86 -47.39
C SER E 29 -10.18 22.66 -48.28
N GLU E 30 -10.97 22.85 -49.35
CA GLU E 30 -11.30 21.77 -50.28
C GLU E 30 -10.88 22.16 -51.68
N THR E 31 -10.29 21.23 -52.42
CA THR E 31 -9.76 21.55 -53.74
C THR E 31 -10.04 20.46 -54.75
N ARG E 32 -10.60 20.85 -55.88
CA ARG E 32 -10.88 19.91 -56.96
C ARG E 32 -9.65 19.75 -57.84
N LEU E 33 -9.29 18.51 -58.14
CA LEU E 33 -8.12 18.22 -58.96
C LEU E 33 -8.57 17.73 -60.32
N THR E 34 -7.82 18.09 -61.35
CA THR E 34 -8.14 17.67 -62.70
C THR E 34 -8.13 16.16 -62.75
N TRP E 35 -7.09 15.58 -62.16
CA TRP E 35 -6.93 14.14 -62.06
C TRP E 35 -6.74 13.76 -60.61
N PRO E 36 -7.14 12.55 -60.23
CA PRO E 36 -6.95 12.18 -58.82
C PRO E 36 -5.47 11.97 -58.50
N SER E 37 -5.07 12.34 -57.28
CA SER E 37 -3.74 11.99 -56.81
C SER E 37 -3.84 10.70 -56.02
N LEU E 38 -2.78 9.91 -56.06
CA LEU E 38 -2.73 8.64 -55.34
C LEU E 38 -1.77 8.81 -54.19
N THR E 39 -1.19 10.01 -54.09
CA THR E 39 -0.14 10.23 -53.12
C THR E 39 -0.20 11.65 -52.56
N VAL E 40 0.21 11.81 -51.30
CA VAL E 40 0.20 13.12 -50.65
C VAL E 40 1.33 13.20 -49.62
N GLN E 41 2.20 14.19 -49.78
CA GLN E 41 3.20 14.48 -48.75
C GLN E 41 3.46 15.96 -48.61
N TRP E 42 3.45 16.47 -47.39
CA TRP E 42 3.90 17.84 -47.14
C TRP E 42 5.42 17.92 -47.28
N LEU E 43 5.94 19.04 -47.79
CA LEU E 43 7.37 19.22 -47.86
C LEU E 43 7.80 19.81 -46.54
N PRO E 44 9.09 19.66 -46.18
CA PRO E 44 9.39 20.21 -44.86
C PRO E 44 9.77 21.68 -44.94
N THR E 45 9.27 22.38 -45.99
CA THR E 45 9.51 23.80 -46.18
C THR E 45 9.03 24.56 -44.95
N PRO E 46 9.94 25.33 -44.34
CA PRO E 46 9.66 26.01 -43.05
C PRO E 46 8.53 27.01 -43.18
N VAL E 47 7.77 27.18 -42.10
CA VAL E 47 6.69 28.16 -42.07
C VAL E 47 7.24 29.59 -42.34
N GLN E 48 6.63 30.26 -43.30
CA GLN E 48 6.99 31.64 -43.61
C GLN E 48 5.76 32.48 -43.79
N GLU E 49 5.66 33.59 -43.05
CA GLU E 49 4.54 34.47 -43.29
C GLU E 49 4.81 35.29 -44.55
N LEU E 50 3.82 35.36 -45.43
CA LEU E 50 3.93 36.12 -46.65
C LEU E 50 3.17 37.41 -46.52
N ASP E 51 3.42 38.33 -47.44
CA ASP E 51 2.62 39.53 -47.57
C ASP E 51 1.17 39.14 -47.83
N GLY E 52 0.25 39.71 -47.08
CA GLY E 52 -1.15 39.37 -47.25
C GLY E 52 -1.66 38.53 -46.09
N GLY E 53 -0.82 38.37 -45.08
CA GLY E 53 -1.17 37.65 -43.87
C GLY E 53 -1.40 36.15 -44.03
N PHE E 54 -0.82 35.55 -45.06
CA PHE E 54 -0.92 34.11 -45.23
C PHE E 54 0.40 33.46 -44.87
N ILE E 55 0.33 32.21 -44.41
CA ILE E 55 1.54 31.42 -44.26
C ILE E 55 1.58 30.34 -45.35
N LYS E 56 2.77 30.06 -45.86
CA LYS E 56 2.89 29.11 -46.95
C LYS E 56 3.48 27.78 -46.52
N GLN E 57 2.94 26.71 -47.08
CA GLN E 57 3.51 25.38 -46.96
C GLN E 57 3.49 24.76 -48.35
N GLU E 58 4.26 23.70 -48.54
CA GLU E 58 4.29 23.06 -49.86
C GLU E 58 3.86 21.58 -49.79
N LEU E 59 3.33 21.10 -50.91
CA LEU E 59 2.71 19.79 -50.95
C LEU E 59 3.09 19.09 -52.27
N ILE E 60 3.40 17.81 -52.17
CA ILE E 60 3.66 16.99 -53.33
C ILE E 60 2.42 16.15 -53.61
N ILE E 61 1.95 16.18 -54.86
CA ILE E 61 0.87 15.30 -55.32
C ILE E 61 1.24 14.70 -56.68
N GLY E 62 0.46 13.74 -57.15
CA GLY E 62 0.73 13.11 -58.43
C GLY E 62 -0.55 13.00 -59.23
N THR E 63 -0.52 12.31 -60.35
CA THR E 63 -1.75 12.16 -61.12
C THR E 63 -1.96 10.69 -61.46
N HIS E 64 -3.18 10.41 -61.89
CA HIS E 64 -3.57 9.09 -62.37
C HIS E 64 -4.61 9.37 -63.42
N THR E 65 -4.30 9.01 -64.67
CA THR E 65 -5.16 9.37 -65.79
C THR E 65 -5.79 8.14 -66.41
N SER E 66 -5.29 6.98 -65.96
CA SER E 66 -5.66 5.70 -66.53
C SER E 66 -5.26 5.61 -68.02
N GLY E 67 -4.33 6.46 -68.43
CA GLY E 67 -3.81 6.43 -69.79
C GLY E 67 -4.41 7.44 -70.74
N GLU E 68 -5.39 8.19 -70.29
CA GLU E 68 -6.08 9.17 -71.14
C GLU E 68 -5.22 10.37 -71.51
N GLU E 69 -4.55 10.95 -70.51
CA GLU E 69 -3.63 12.07 -70.73
C GLU E 69 -2.25 11.69 -70.23
N GLU E 70 -1.38 12.68 -70.09
CA GLU E 70 -0.07 12.46 -69.50
C GLU E 70 -0.11 12.63 -67.99
N ASN E 71 0.85 12.00 -67.32
CA ASN E 71 0.94 12.08 -65.87
C ASN E 71 2.02 13.05 -65.44
N TYR E 72 1.85 13.59 -64.24
CA TYR E 72 2.79 14.56 -63.72
C TYR E 72 3.02 14.38 -62.23
N LEU E 73 4.26 14.61 -61.81
CA LEU E 73 4.58 14.83 -60.41
C LEU E 73 4.36 16.32 -60.24
N LYS E 74 3.48 16.73 -59.33
CA LYS E 74 3.15 18.15 -59.18
C LYS E 74 3.61 18.68 -57.84
N PHE E 75 4.02 19.93 -57.81
CA PHE E 75 4.38 20.57 -56.54
C PHE E 75 3.41 21.69 -56.27
N ALA E 76 2.83 21.68 -55.07
CA ALA E 76 1.75 22.60 -54.76
C ALA E 76 2.13 23.54 -53.63
N GLU E 77 1.79 24.81 -53.82
CA GLU E 77 2.02 25.81 -52.79
C GLU E 77 0.67 26.01 -52.11
N ILE E 78 0.65 25.88 -50.79
CA ILE E 78 -0.58 26.05 -50.02
C ILE E 78 -0.51 27.32 -49.16
N ASN E 79 -1.49 28.20 -49.34
CA ASN E 79 -1.53 29.43 -48.55
C ASN E 79 -2.59 29.39 -47.44
N LEU E 80 -2.12 29.22 -46.21
CA LEU E 80 -3.02 29.04 -45.09
C LEU E 80 -3.15 30.35 -44.31
N PRO E 81 -4.30 30.55 -43.66
CA PRO E 81 -4.54 31.65 -42.73
C PRO E 81 -3.48 31.69 -41.64
N LYS E 82 -3.04 32.89 -41.30
CA LYS E 82 -2.04 33.12 -40.28
C LYS E 82 -2.51 32.54 -38.92
N GLU E 83 -3.82 32.35 -38.77
CA GLU E 83 -4.39 31.86 -37.51
C GLU E 83 -4.24 30.36 -37.32
N ILE E 84 -3.66 29.69 -38.31
CA ILE E 84 -3.48 28.25 -38.28
C ILE E 84 -2.34 27.81 -37.37
N LEU E 85 -1.63 28.77 -36.77
CA LEU E 85 -0.51 28.41 -35.90
C LEU E 85 -0.93 28.46 -34.45
N SER E 86 -2.22 28.20 -34.23
CA SER E 86 -2.84 28.24 -32.90
C SER E 86 -2.43 27.05 -32.04
N ASN E 108 -6.71 29.00 -52.61
CA ASN E 108 -5.97 28.38 -51.52
C ASN E 108 -4.70 27.66 -51.97
N ILE E 109 -4.74 27.08 -53.16
CA ILE E 109 -3.67 26.19 -53.63
C ILE E 109 -3.10 26.70 -54.95
N ARG E 110 -1.90 26.26 -55.31
CA ARG E 110 -1.25 26.72 -56.53
C ARG E 110 -0.10 25.81 -56.97
N ILE E 111 -0.15 25.35 -58.23
CA ILE E 111 0.89 24.46 -58.75
C ILE E 111 2.13 25.20 -59.25
N THR E 112 3.24 25.05 -58.51
CA THR E 112 4.43 25.83 -58.75
C THR E 112 5.46 25.10 -59.61
N ALA E 113 5.37 23.77 -59.67
CA ALA E 113 6.24 22.97 -60.52
C ALA E 113 5.46 21.78 -60.99
N LYS E 114 5.77 21.29 -62.19
CA LYS E 114 4.99 20.26 -62.86
C LYS E 114 5.90 19.47 -63.79
N TYR E 115 6.23 18.24 -63.41
CA TYR E 115 7.14 17.41 -64.19
C TYR E 115 6.47 16.19 -64.77
N GLU E 116 6.78 15.88 -66.02
CA GLU E 116 6.18 14.75 -66.67
C GLU E 116 6.64 13.48 -65.97
N HIS E 117 5.77 12.46 -65.96
CA HIS E 117 6.04 11.22 -65.22
C HIS E 117 5.57 10.02 -66.03
N GLU E 118 6.33 8.92 -65.97
CA GLU E 118 5.97 7.71 -66.72
C GLU E 118 4.97 6.86 -65.96
N GLU E 119 3.72 6.84 -66.46
CA GLU E 119 2.58 6.17 -65.80
C GLU E 119 2.17 6.91 -64.53
N GLU E 120 1.15 6.40 -63.85
CA GLU E 120 0.63 7.06 -62.67
C GLU E 120 1.63 7.04 -61.51
N ILE E 121 1.53 8.05 -60.66
CA ILE E 121 2.37 8.09 -59.47
C ILE E 121 1.61 7.48 -58.32
N THR E 122 2.02 6.28 -57.94
CA THR E 122 1.38 5.55 -56.87
C THR E 122 1.89 6.02 -55.50
N ARG E 123 3.16 6.35 -55.43
CA ARG E 123 3.74 6.94 -54.23
C ARG E 123 4.92 7.88 -54.51
N ALA E 124 4.98 8.97 -53.78
CA ALA E 124 6.06 9.93 -53.93
C ALA E 124 6.56 10.35 -52.55
N ARG E 125 7.87 10.34 -52.34
CA ARG E 125 8.45 10.77 -51.06
C ARG E 125 9.66 11.69 -51.27
N TYR E 126 9.81 12.69 -50.40
CA TYR E 126 11.03 13.52 -50.45
C TYR E 126 12.11 12.90 -49.56
N MET E 127 13.38 13.07 -49.96
CA MET E 127 14.51 12.57 -49.17
C MET E 127 14.63 13.52 -47.99
N PRO E 128 14.55 12.97 -46.77
CA PRO E 128 14.54 13.73 -45.51
C PRO E 128 15.76 14.59 -45.38
N GLN E 129 16.87 14.08 -45.91
CA GLN E 129 18.15 14.74 -45.79
C GLN E 129 18.38 15.76 -46.91
N ASP E 130 17.59 15.69 -47.97
CA ASP E 130 17.69 16.65 -49.10
C ASP E 130 16.39 16.74 -49.88
N PRO E 131 15.50 17.63 -49.42
CA PRO E 131 14.15 17.87 -49.95
C PRO E 131 14.10 18.35 -51.39
N ASN E 132 15.25 18.59 -52.03
CA ASN E 132 15.24 18.86 -53.47
C ASN E 132 15.06 17.55 -54.23
N ILE E 133 15.22 16.41 -53.56
CA ILE E 133 15.05 15.12 -54.25
C ILE E 133 13.71 14.41 -53.98
N VAL E 134 12.96 14.11 -55.03
CA VAL E 134 11.77 13.31 -54.83
C VAL E 134 11.81 11.98 -55.58
N ALA E 135 11.68 10.92 -54.79
CA ALA E 135 11.63 9.55 -55.30
C ALA E 135 10.16 9.25 -55.55
N THR E 136 9.86 8.66 -56.70
CA THR E 136 8.50 8.19 -56.99
C THR E 136 8.52 6.72 -57.42
N ILE E 137 7.36 6.06 -57.36
CA ILE E 137 7.19 4.73 -57.94
C ILE E 137 5.88 4.72 -58.73
N ASN E 138 5.84 3.96 -59.83
CA ASN E 138 4.68 4.00 -60.71
C ASN E 138 3.96 2.66 -60.83
N GLY E 139 2.93 2.62 -61.68
CA GLY E 139 2.12 1.42 -61.82
C GLY E 139 2.75 0.26 -62.56
N GLN E 140 4.06 0.34 -62.77
CA GLN E 140 4.81 -0.72 -63.41
C GLN E 140 5.99 -1.09 -62.54
N GLY E 141 6.11 -0.39 -61.41
CA GLY E 141 7.11 -0.73 -60.42
C GLY E 141 8.44 -0.06 -60.68
N THR E 142 8.43 0.86 -61.63
CA THR E 142 9.63 1.62 -61.94
C THR E 142 9.81 2.69 -60.87
N THR E 143 11.05 2.93 -60.45
CA THR E 143 11.30 3.96 -59.43
C THR E 143 12.05 5.11 -60.06
N PHE E 144 11.66 6.33 -59.74
CA PHE E 144 12.24 7.51 -60.35
C PHE E 144 12.87 8.44 -59.32
N LEU E 145 13.90 9.17 -59.73
CA LEU E 145 14.44 10.20 -58.87
C LEU E 145 14.27 11.55 -59.56
N TYR E 146 13.45 12.42 -58.96
CA TYR E 146 13.26 13.77 -59.47
C TYR E 146 13.95 14.80 -58.60
N SER E 147 14.46 15.86 -59.25
CA SER E 147 14.97 17.04 -58.57
C SER E 147 13.93 18.13 -58.71
N ARG E 148 13.73 18.92 -57.67
CA ARG E 148 12.80 20.04 -57.81
C ARG E 148 13.37 21.04 -58.81
N SER E 149 14.67 21.33 -58.71
CA SER E 149 15.28 22.34 -59.59
C SER E 149 15.58 21.92 -61.04
N GLU E 150 15.83 20.63 -61.28
CA GLU E 150 16.18 20.18 -62.64
C GLU E 150 15.19 19.18 -63.24
N GLY E 151 14.39 18.51 -62.41
CA GLY E 151 13.45 17.54 -62.94
C GLY E 151 13.94 16.11 -62.85
N LEU E 152 13.58 15.30 -63.85
CA LEU E 152 13.94 13.88 -63.84
C LEU E 152 15.43 13.64 -63.83
N GLN E 153 15.91 12.90 -62.84
CA GLN E 153 17.34 12.64 -62.73
C GLN E 153 17.67 11.19 -63.13
N SER E 154 16.92 10.25 -62.59
CA SER E 154 17.25 8.84 -62.72
C SER E 154 16.03 7.96 -62.88
N THR E 155 16.27 6.80 -63.47
CA THR E 155 15.26 5.76 -63.57
C THR E 155 15.80 4.52 -62.87
N LEU E 156 15.05 4.01 -61.90
CA LEU E 156 15.51 2.87 -61.11
C LEU E 156 14.64 1.66 -61.38
N LYS E 157 15.13 0.78 -62.25
CA LYS E 157 14.33 -0.33 -62.77
C LYS E 157 14.70 -1.67 -62.16
N PHE E 158 13.69 -2.34 -61.61
CA PHE E 158 13.82 -3.67 -61.05
C PHE E 158 12.45 -4.37 -60.97
N HIS E 159 11.52 -3.80 -60.20
CA HIS E 159 10.16 -4.35 -60.07
C HIS E 159 9.47 -4.39 -61.44
N LYS E 160 8.61 -5.40 -61.63
CA LYS E 160 8.05 -5.67 -62.96
C LYS E 160 6.54 -5.45 -63.01
N ASP E 161 5.99 -5.07 -61.88
CA ASP E 161 4.58 -4.71 -61.81
C ASP E 161 4.39 -3.56 -60.82
N ASN E 162 3.19 -2.97 -60.84
CA ASN E 162 2.84 -1.86 -59.97
C ASN E 162 3.34 -2.00 -58.53
N GLY E 163 3.71 -0.88 -57.92
CA GLY E 163 4.25 -0.91 -56.57
C GLY E 163 3.73 0.21 -55.69
N TYR E 164 3.27 -0.13 -54.50
CA TYR E 164 2.76 0.87 -53.57
C TYR E 164 3.79 1.19 -52.48
N ALA E 165 4.83 0.39 -52.37
CA ALA E 165 5.76 0.55 -51.25
C ALA E 165 6.95 1.39 -51.64
N LEU E 166 7.22 2.44 -50.86
CA LEU E 166 8.36 3.35 -51.12
C LEU E 166 8.69 4.08 -49.81
N SER E 167 9.96 3.98 -49.38
CA SER E 167 10.37 4.54 -48.08
C SER E 167 11.84 4.95 -47.99
N PHE E 168 12.09 6.18 -47.54
CA PHE E 168 13.45 6.68 -47.32
C PHE E 168 13.87 6.54 -45.87
N SER E 169 15.08 6.08 -45.61
CA SER E 169 15.54 6.12 -44.23
C SER E 169 15.76 7.57 -43.77
N THR E 170 15.34 7.88 -42.57
CA THR E 170 15.62 9.20 -42.01
C THR E 170 16.94 9.13 -41.25
N LEU E 171 17.57 7.95 -41.26
CA LEU E 171 18.76 7.73 -40.44
C LEU E 171 20.04 7.59 -41.27
N VAL E 172 19.86 7.19 -42.53
CA VAL E 172 20.97 7.04 -43.44
C VAL E 172 20.60 7.69 -44.78
N LYS E 173 21.28 8.78 -45.13
CA LYS E 173 20.92 9.56 -46.30
C LYS E 173 21.03 8.76 -47.59
N GLY E 174 19.93 8.71 -48.34
CA GLY E 174 19.92 8.07 -49.65
C GLY E 174 19.49 6.61 -49.65
N ARG E 175 19.41 6.02 -48.47
CA ARG E 175 18.94 4.63 -48.35
C ARG E 175 17.44 4.54 -48.63
N LEU E 176 17.09 3.89 -49.74
CA LEU E 176 15.72 3.87 -50.24
C LEU E 176 15.22 2.44 -50.40
N LEU E 177 13.98 2.20 -49.98
CA LEU E 177 13.37 0.87 -49.97
C LEU E 177 12.10 0.85 -50.83
N SER E 178 12.05 -0.04 -51.80
CA SER E 178 10.89 -0.15 -52.71
C SER E 178 10.23 -1.55 -52.69
N GLY E 179 8.94 -1.62 -53.06
CA GLY E 179 8.19 -2.87 -53.00
C GLY E 179 7.06 -2.92 -54.01
N SER E 180 6.79 -4.11 -54.55
CA SER E 180 5.88 -4.24 -55.69
C SER E 180 4.79 -5.33 -55.57
N ASP E 181 3.88 -5.35 -56.55
CA ASP E 181 2.90 -6.43 -56.63
C ASP E 181 3.57 -7.76 -56.99
N ASP E 182 4.82 -7.71 -57.44
CA ASP E 182 5.52 -8.93 -57.86
C ASP E 182 6.29 -9.59 -56.72
N HIS E 183 5.86 -9.34 -55.49
CA HIS E 183 6.41 -9.99 -54.31
C HIS E 183 7.83 -9.58 -53.99
N THR E 184 8.41 -8.65 -54.76
CA THR E 184 9.80 -8.28 -54.52
C THR E 184 10.04 -6.94 -53.81
N VAL E 185 11.17 -6.88 -53.12
CA VAL E 185 11.58 -5.71 -52.36
C VAL E 185 13.00 -5.32 -52.74
N ALA E 186 13.24 -4.02 -52.95
CA ALA E 186 14.57 -3.56 -53.32
C ALA E 186 15.11 -2.49 -52.38
N LEU E 187 16.41 -2.58 -52.10
CA LEU E 187 17.12 -1.52 -51.38
C LEU E 187 18.00 -0.71 -52.34
N TRP E 188 17.89 0.61 -52.28
CA TRP E 188 18.78 1.44 -53.11
C TRP E 188 19.56 2.42 -52.27
N GLU E 189 20.64 2.93 -52.86
CA GLU E 189 21.39 4.02 -52.24
C GLU E 189 21.49 5.15 -53.23
N VAL E 190 20.91 6.29 -52.89
CA VAL E 190 20.86 7.42 -53.82
C VAL E 190 21.53 8.64 -53.21
N GLY E 191 22.07 8.46 -52.01
CA GLY E 191 22.66 9.57 -51.28
C GLY E 191 24.17 9.58 -51.36
N SER E 192 24.68 9.46 -52.57
CA SER E 192 26.10 9.58 -52.84
C SER E 192 26.34 9.97 -54.28
N GLY E 193 27.55 9.68 -54.77
CA GLY E 193 27.83 9.82 -56.18
C GLY E 193 27.60 8.45 -56.80
N GLY E 194 28.37 8.13 -57.84
CA GLY E 194 28.22 6.86 -58.51
C GLY E 194 26.86 6.71 -59.18
N ASP E 195 26.61 5.54 -59.74
CA ASP E 195 25.33 5.31 -60.39
C ASP E 195 24.36 4.74 -59.37
N PRO E 196 23.21 5.41 -59.18
CA PRO E 196 22.22 4.90 -58.21
C PRO E 196 21.14 4.04 -58.87
N THR E 197 21.25 3.78 -60.18
CA THR E 197 20.17 3.09 -60.90
C THR E 197 20.20 1.56 -60.66
N LYS E 198 21.18 1.07 -59.91
CA LYS E 198 21.27 -0.36 -59.64
C LYS E 198 21.10 -0.60 -58.15
N PRO E 199 20.19 -1.50 -57.78
CA PRO E 199 19.85 -1.74 -56.36
C PRO E 199 21.03 -2.34 -55.61
N VAL E 200 21.20 -1.95 -54.36
CA VAL E 200 22.29 -2.48 -53.54
C VAL E 200 21.96 -3.90 -53.10
N ARG E 201 20.67 -4.18 -52.95
CA ARG E 201 20.23 -5.50 -52.48
C ARG E 201 18.75 -5.73 -52.86
N THR E 202 18.40 -6.96 -53.19
CA THR E 202 17.01 -7.32 -53.47
C THR E 202 16.60 -8.56 -52.70
N TRP E 203 15.29 -8.79 -52.61
CA TRP E 203 14.73 -9.98 -51.97
C TRP E 203 13.58 -10.58 -52.79
N ASN E 204 13.66 -11.89 -53.05
CA ASN E 204 12.54 -12.62 -53.65
C ASN E 204 11.96 -13.56 -52.63
N ASP E 205 12.61 -13.63 -51.45
CA ASP E 205 12.30 -14.62 -50.43
C ASP E 205 11.58 -14.07 -49.18
N LEU E 206 11.22 -12.80 -49.19
CA LEU E 206 10.63 -12.18 -48.00
C LEU E 206 9.15 -12.50 -47.93
N HIS E 207 8.45 -12.34 -49.05
CA HIS E 207 7.03 -12.62 -49.10
C HIS E 207 6.62 -13.37 -50.38
N SER E 208 5.47 -14.06 -50.35
CA SER E 208 5.06 -14.90 -51.47
C SER E 208 3.86 -14.30 -52.23
N ASP E 209 3.63 -13.01 -52.00
CA ASP E 209 2.55 -12.31 -52.63
C ASP E 209 2.88 -10.81 -52.65
N ILE E 210 1.96 -10.02 -53.18
CA ILE E 210 2.10 -8.56 -53.25
C ILE E 210 2.71 -7.94 -51.98
N ILE E 211 3.68 -7.03 -52.16
CA ILE E 211 4.18 -6.22 -51.06
C ILE E 211 3.29 -4.99 -50.94
N ASN E 212 2.52 -4.92 -49.85
CA ASN E 212 1.59 -3.81 -49.62
C ASN E 212 2.30 -2.57 -49.11
N ASP E 213 3.34 -2.74 -48.30
CA ASP E 213 4.06 -1.59 -47.72
C ASP E 213 5.39 -2.00 -47.11
N ASN E 214 6.34 -1.08 -47.11
CA ASN E 214 7.58 -1.23 -46.36
C ASN E 214 8.05 0.10 -45.76
N LYS E 215 8.53 0.05 -44.52
CA LYS E 215 8.93 1.27 -43.81
C LYS E 215 10.21 1.03 -43.03
N TRP E 216 11.05 2.05 -42.94
CA TRP E 216 12.21 2.01 -42.07
C TRP E 216 11.83 2.28 -40.63
N HIS E 217 12.58 1.70 -39.69
CA HIS E 217 12.41 2.00 -38.26
C HIS E 217 12.95 3.41 -38.05
N ASN E 218 12.52 4.07 -36.96
CA ASN E 218 12.90 5.47 -36.78
C ASN E 218 14.11 5.69 -35.86
N PHE E 219 14.62 4.61 -35.27
CA PHE E 219 15.74 4.70 -34.35
C PHE E 219 16.87 3.75 -34.76
N ASN E 220 16.51 2.57 -35.28
CA ASN E 220 17.51 1.60 -35.73
C ASN E 220 17.70 1.69 -37.24
N LYS E 221 18.88 2.12 -37.68
CA LYS E 221 19.08 2.42 -39.08
C LYS E 221 19.05 1.18 -39.95
N ASP E 222 19.06 0.01 -39.33
CA ASP E 222 19.09 -1.23 -40.08
C ASP E 222 17.74 -1.95 -40.13
N LEU E 223 16.83 -1.60 -39.23
CA LEU E 223 15.51 -2.25 -39.19
C LEU E 223 14.53 -1.72 -40.22
N PHE E 224 13.77 -2.63 -40.81
CA PHE E 224 12.61 -2.24 -41.59
C PHE E 224 11.50 -3.27 -41.51
N GLY E 225 10.30 -2.87 -41.92
CA GLY E 225 9.14 -3.72 -41.79
C GLY E 225 8.48 -3.89 -43.14
N THR E 226 7.96 -5.08 -43.41
CA THR E 226 7.23 -5.37 -44.65
C THR E 226 5.89 -6.00 -44.27
N VAL E 227 4.83 -5.68 -45.01
CA VAL E 227 3.55 -6.37 -44.87
C VAL E 227 3.05 -6.76 -46.23
N SER E 228 2.50 -7.96 -46.35
CA SER E 228 2.21 -8.51 -47.67
C SER E 228 0.81 -9.13 -47.77
N GLU E 229 0.39 -9.42 -49.00
CA GLU E 229 -0.89 -10.09 -49.22
C GLU E 229 -0.84 -11.53 -48.72
N ASP E 230 0.35 -12.00 -48.37
CA ASP E 230 0.49 -13.35 -47.85
C ASP E 230 0.19 -13.43 -46.35
N SER E 231 -0.51 -12.41 -45.84
CA SER E 231 -0.89 -12.31 -44.42
C SER E 231 0.29 -12.42 -43.44
N LEU E 232 1.46 -12.01 -43.90
CA LEU E 232 2.65 -11.92 -43.05
C LEU E 232 3.05 -10.47 -42.75
N LEU E 233 3.58 -10.24 -41.56
CA LEU E 233 4.27 -8.99 -41.25
C LEU E 233 5.68 -9.38 -40.84
N LYS E 234 6.67 -8.74 -41.45
CA LYS E 234 8.07 -9.08 -41.18
C LYS E 234 8.89 -7.89 -40.72
N ILE E 235 9.69 -8.11 -39.66
CA ILE E 235 10.70 -7.16 -39.21
C ILE E 235 12.06 -7.62 -39.73
N ASN E 236 12.74 -6.72 -40.44
CA ASN E 236 13.92 -7.14 -41.19
C ASN E 236 15.17 -6.33 -40.87
N ASP E 237 16.33 -6.92 -41.16
CA ASP E 237 17.61 -6.29 -40.86
C ASP E 237 18.41 -6.28 -42.13
N VAL E 238 18.77 -5.09 -42.60
CA VAL E 238 19.54 -4.98 -43.84
C VAL E 238 20.93 -5.59 -43.70
N ARG E 239 21.54 -5.53 -42.51
CA ARG E 239 22.88 -6.07 -42.32
C ARG E 239 22.94 -7.60 -42.43
N ALA E 240 21.86 -8.28 -42.02
CA ALA E 240 21.89 -9.74 -41.90
C ALA E 240 21.65 -10.46 -43.23
N ASN E 241 22.32 -11.61 -43.41
CA ASN E 241 22.09 -12.50 -44.56
C ASN E 241 20.70 -13.12 -44.50
N ASN E 242 20.40 -13.79 -43.38
CA ASN E 242 19.02 -14.09 -43.04
C ASN E 242 18.41 -12.79 -42.57
N THR E 243 17.73 -12.10 -43.49
CA THR E 243 17.24 -10.75 -43.25
C THR E 243 16.24 -10.63 -42.10
N THR E 244 15.26 -11.55 -42.06
CA THR E 244 14.13 -11.44 -41.15
C THR E 244 14.45 -11.81 -39.72
N ILE E 245 14.07 -10.91 -38.81
CA ILE E 245 14.25 -11.05 -37.38
C ILE E 245 12.96 -11.57 -36.73
N ASP E 246 11.83 -11.15 -37.29
CA ASP E 246 10.52 -11.51 -36.77
C ASP E 246 9.47 -11.66 -37.87
N THR E 247 8.71 -12.75 -37.76
CA THR E 247 7.63 -13.03 -38.70
C THR E 247 6.32 -13.09 -37.91
N VAL E 248 5.30 -12.41 -38.40
CA VAL E 248 4.05 -12.33 -37.66
C VAL E 248 2.93 -12.67 -38.61
N LYS E 249 2.02 -13.54 -38.17
CA LYS E 249 0.86 -13.87 -38.96
C LYS E 249 -0.21 -12.83 -38.64
N CYS E 250 -0.89 -12.37 -39.69
CA CYS E 250 -1.81 -11.26 -39.58
C CYS E 250 -3.19 -11.80 -39.80
N PRO E 251 -4.16 -11.37 -38.98
CA PRO E 251 -5.57 -11.79 -39.08
C PRO E 251 -6.02 -11.91 -40.51
N GLN E 252 -6.06 -10.79 -41.21
CA GLN E 252 -6.15 -10.81 -42.67
C GLN E 252 -4.95 -9.97 -43.07
N PRO E 253 -4.66 -9.81 -44.37
CA PRO E 253 -3.43 -9.05 -44.67
C PRO E 253 -3.48 -7.60 -44.20
N PHE E 254 -2.32 -7.08 -43.83
CA PHE E 254 -2.19 -5.67 -43.47
C PHE E 254 -1.85 -4.87 -44.74
N ASN E 255 -2.36 -3.64 -44.88
CA ASN E 255 -2.00 -2.89 -46.09
C ASN E 255 -0.87 -1.91 -45.86
N THR E 256 -0.67 -1.58 -44.60
CA THR E 256 0.33 -0.58 -44.24
C THR E 256 0.83 -0.81 -42.80
N LEU E 257 1.96 -0.19 -42.47
CA LEU E 257 2.49 -0.22 -41.11
C LEU E 257 3.23 1.09 -40.87
N ALA E 258 3.42 1.44 -39.60
CA ALA E 258 4.09 2.70 -39.24
C ALA E 258 4.84 2.49 -37.94
N PHE E 259 5.99 3.15 -37.82
CA PHE E 259 6.76 3.04 -36.59
C PHE E 259 6.58 4.30 -35.76
N SER E 260 6.64 4.18 -34.44
CA SER E 260 6.53 5.37 -33.59
C SER E 260 7.72 6.29 -33.85
N HIS E 261 7.50 7.58 -33.65
CA HIS E 261 8.57 8.56 -33.72
C HIS E 261 9.08 8.84 -32.33
N HIS E 262 8.56 8.15 -31.31
CA HIS E 262 8.97 8.45 -29.94
C HIS E 262 9.46 7.20 -29.22
N SER E 263 8.78 6.06 -29.45
CA SER E 263 9.22 4.76 -28.93
C SER E 263 9.98 3.96 -29.96
N SER E 264 11.08 3.36 -29.55
CA SER E 264 11.82 2.54 -30.49
C SER E 264 11.26 1.11 -30.53
N ASN E 265 10.28 0.82 -29.68
CA ASN E 265 9.71 -0.53 -29.62
C ASN E 265 8.31 -0.64 -30.22
N LEU E 266 7.66 0.50 -30.44
CA LEU E 266 6.25 0.55 -30.80
C LEU E 266 6.02 0.58 -32.30
N LEU E 267 5.11 -0.27 -32.79
CA LEU E 267 4.62 -0.06 -34.15
C LEU E 267 3.13 -0.36 -34.31
N ALA E 268 2.60 0.03 -35.48
CA ALA E 268 1.18 -0.09 -35.75
C ALA E 268 1.02 -0.63 -37.14
N ALA E 269 0.02 -1.48 -37.35
CA ALA E 269 -0.23 -2.04 -38.67
C ALA E 269 -1.71 -2.33 -38.83
N ALA E 270 -2.19 -2.35 -40.07
CA ALA E 270 -3.62 -2.52 -40.32
C ALA E 270 -3.89 -2.85 -41.78
N GLY E 271 -5.05 -3.45 -42.04
CA GLY E 271 -5.43 -3.81 -43.39
C GLY E 271 -6.88 -4.21 -43.53
N MET E 272 -7.11 -5.41 -44.05
CA MET E 272 -8.43 -5.83 -44.47
C MET E 272 -9.53 -5.94 -43.40
N ASP E 273 -9.16 -6.29 -42.17
CA ASP E 273 -10.18 -6.50 -41.13
C ASP E 273 -10.66 -5.24 -40.43
N SER E 274 -10.13 -4.09 -40.82
CA SER E 274 -10.55 -2.74 -40.34
C SER E 274 -9.91 -2.30 -39.02
N TYR E 275 -9.27 -3.20 -38.31
CA TYR E 275 -8.74 -2.85 -37.00
C TYR E 275 -7.32 -2.31 -37.13
N VAL E 276 -6.95 -1.43 -36.20
CA VAL E 276 -5.58 -0.92 -36.17
C VAL E 276 -4.82 -1.59 -35.05
N TYR E 277 -3.79 -2.34 -35.41
CA TYR E 277 -3.09 -3.12 -34.41
C TYR E 277 -1.84 -2.43 -33.93
N LEU E 278 -1.52 -2.62 -32.64
CA LEU E 278 -0.27 -2.11 -32.09
C LEU E 278 0.58 -3.32 -31.71
N TYR E 279 1.87 -3.23 -32.00
CA TYR E 279 2.79 -4.28 -31.61
C TYR E 279 4.00 -3.73 -30.84
N ASP E 280 4.54 -4.53 -29.93
CA ASP E 280 5.85 -4.25 -29.35
C ASP E 280 6.89 -5.14 -30.05
N LEU E 281 7.95 -4.49 -30.54
CA LEU E 281 9.00 -5.16 -31.33
C LEU E 281 9.77 -6.18 -30.47
N ARG E 282 9.70 -6.02 -29.16
CA ARG E 282 10.38 -6.93 -28.26
C ARG E 282 9.59 -8.23 -28.07
N ASN E 283 8.33 -8.23 -28.50
CA ASN E 283 7.47 -9.39 -28.33
C ASN E 283 6.31 -9.38 -29.31
N MET E 284 6.58 -9.87 -30.52
CA MET E 284 5.63 -9.79 -31.62
C MET E 284 4.63 -10.97 -31.68
N LYS E 285 4.62 -11.84 -30.69
CA LYS E 285 3.75 -13.01 -30.74
C LYS E 285 2.29 -12.60 -30.85
N GLU E 286 1.86 -11.74 -29.93
CA GLU E 286 0.52 -11.18 -29.97
C GLU E 286 0.57 -9.65 -30.07
N PRO E 287 -0.47 -9.04 -30.64
CA PRO E 287 -0.56 -7.58 -30.64
C PRO E 287 -0.69 -7.05 -29.22
N LEU E 288 -0.37 -5.78 -29.03
CA LEU E 288 -0.56 -5.17 -27.74
C LEU E 288 -2.06 -4.92 -27.57
N HIS E 289 -2.69 -4.55 -28.68
CA HIS E 289 -4.06 -4.08 -28.66
C HIS E 289 -4.49 -3.90 -30.10
N HIS E 290 -5.80 -3.84 -30.36
CA HIS E 290 -6.30 -3.42 -31.67
C HIS E 290 -7.41 -2.39 -31.48
N MET E 291 -7.40 -1.37 -32.33
CA MET E 291 -8.36 -0.28 -32.20
C MET E 291 -9.48 -0.37 -33.24
N SER E 292 -10.72 -0.40 -32.79
CA SER E 292 -11.83 -0.56 -33.72
C SER E 292 -12.52 0.75 -34.00
N GLY E 293 -12.87 0.99 -35.26
CA GLY E 293 -13.62 2.17 -35.65
C GLY E 293 -13.95 2.14 -37.12
N HIS E 294 -12.98 1.74 -37.93
CA HIS E 294 -13.17 1.71 -39.37
C HIS E 294 -14.15 0.61 -39.78
N GLU E 295 -14.91 0.85 -40.85
CA GLU E 295 -15.93 -0.11 -41.30
C GLU E 295 -15.49 -0.85 -42.55
N ASP E 296 -14.23 -0.68 -42.93
CA ASP E 296 -13.68 -1.35 -44.11
C ASP E 296 -12.16 -1.40 -43.97
N ALA E 297 -11.48 -1.79 -45.03
CA ALA E 297 -10.01 -1.91 -44.99
C ALA E 297 -9.32 -0.58 -44.68
N VAL E 298 -8.27 -0.64 -43.87
CA VAL E 298 -7.43 0.51 -43.59
C VAL E 298 -6.28 0.52 -44.60
N ASN E 299 -6.06 1.66 -45.26
CA ASN E 299 -5.06 1.73 -46.31
C ASN E 299 -3.80 2.51 -45.97
N ASN E 300 -3.92 3.50 -45.09
CA ASN E 300 -2.77 4.29 -44.67
C ASN E 300 -2.70 4.41 -43.17
N LEU E 301 -1.48 4.50 -42.65
CA LEU E 301 -1.24 4.58 -41.21
C LEU E 301 -0.12 5.59 -41.00
N GLU E 302 -0.18 6.31 -39.89
CA GLU E 302 0.85 7.28 -39.55
C GLU E 302 0.90 7.57 -38.05
N PHE E 303 2.12 7.67 -37.52
CA PHE E 303 2.32 8.18 -36.17
C PHE E 303 2.54 9.68 -36.24
N SER E 304 2.07 10.41 -35.23
CA SER E 304 2.33 11.83 -35.13
C SER E 304 3.79 12.06 -34.75
N THR E 305 4.48 13.01 -35.38
CA THR E 305 5.85 13.29 -34.97
C THR E 305 5.83 14.25 -33.80
N HIS E 306 4.68 14.91 -33.60
CA HIS E 306 4.56 15.98 -32.60
C HIS E 306 4.11 15.46 -31.25
N VAL E 307 3.10 14.59 -31.23
CA VAL E 307 2.57 14.09 -29.95
C VAL E 307 2.74 12.58 -29.83
N ASP E 308 3.51 12.16 -28.82
CA ASP E 308 3.75 10.74 -28.54
C ASP E 308 2.45 10.02 -28.23
N GLY E 309 2.07 9.06 -29.07
CA GLY E 309 0.89 8.25 -28.81
C GLY E 309 -0.29 8.48 -29.74
N VAL E 310 -0.17 9.49 -30.62
CA VAL E 310 -1.22 9.80 -31.57
C VAL E 310 -0.99 9.09 -32.89
N VAL E 311 -1.98 8.32 -33.32
CA VAL E 311 -1.89 7.57 -34.57
C VAL E 311 -3.08 7.99 -35.43
N VAL E 312 -2.85 8.11 -36.73
CA VAL E 312 -3.91 8.51 -37.64
C VAL E 312 -4.03 7.46 -38.74
N SER E 313 -5.27 7.07 -39.05
CA SER E 313 -5.49 5.99 -40.00
C SER E 313 -6.51 6.41 -41.08
N SER E 314 -6.49 5.75 -42.24
CA SER E 314 -7.55 5.98 -43.22
C SER E 314 -7.81 4.74 -44.08
N GLY E 315 -8.94 4.72 -44.78
CA GLY E 315 -9.23 3.63 -45.71
C GLY E 315 -10.49 3.64 -46.58
N SER E 316 -10.92 2.44 -46.95
CA SER E 316 -11.99 2.26 -47.93
C SER E 316 -13.33 2.78 -47.44
N ASP E 317 -13.46 3.03 -46.14
CA ASP E 317 -14.71 3.55 -45.60
C ASP E 317 -14.84 5.08 -45.72
N ASN E 318 -13.93 5.70 -46.48
CA ASN E 318 -13.96 7.13 -46.78
C ASN E 318 -13.63 7.98 -45.56
N ARG E 319 -12.94 7.39 -44.60
CA ARG E 319 -12.71 8.11 -43.35
C ARG E 319 -11.22 8.20 -42.97
N LEU E 320 -10.88 9.28 -42.27
CA LEU E 320 -9.64 9.35 -41.52
C LEU E 320 -10.03 9.34 -40.06
N MET E 321 -9.26 8.64 -39.25
CA MET E 321 -9.53 8.57 -37.83
C MET E 321 -8.24 8.84 -37.04
N MET E 322 -8.34 9.71 -36.03
CA MET E 322 -7.19 10.01 -35.17
C MET E 322 -7.31 9.27 -33.84
N TRP E 323 -6.22 8.69 -33.38
CA TRP E 323 -6.24 7.83 -32.20
C TRP E 323 -5.21 8.31 -31.22
N ASP E 324 -5.48 8.07 -29.94
CA ASP E 324 -4.61 8.43 -28.82
C ASP E 324 -4.40 7.19 -27.98
N LEU E 325 -3.20 6.63 -28.05
CA LEU E 325 -2.91 5.33 -27.46
C LEU E 325 -3.05 5.36 -25.94
N LYS E 326 -2.96 6.56 -25.36
CA LYS E 326 -2.93 6.69 -23.91
C LYS E 326 -4.33 6.55 -23.32
N GLN E 327 -5.33 6.59 -24.20
CA GLN E 327 -6.71 6.43 -23.78
C GLN E 327 -7.17 4.99 -23.95
N ILE E 328 -6.26 4.13 -24.42
CA ILE E 328 -6.62 2.72 -24.58
C ILE E 328 -6.97 2.13 -23.20
N GLY E 329 -8.19 1.62 -23.10
CA GLY E 329 -8.66 1.01 -21.86
C GLY E 329 -9.07 2.00 -20.77
N ALA E 330 -9.19 3.27 -21.11
CA ALA E 330 -9.62 4.26 -20.13
C ALA E 330 -11.09 4.02 -19.75
N GLU E 331 -11.50 4.44 -18.56
CA GLU E 331 -12.91 4.33 -18.14
C GLU E 331 -13.78 5.35 -18.90
N GLN E 332 -14.89 4.92 -19.48
CA GLN E 332 -15.84 5.85 -20.12
C GLN E 332 -17.19 5.78 -19.42
N THR E 333 -18.01 6.82 -19.57
CA THR E 333 -19.44 6.74 -19.29
C THR E 333 -20.10 5.99 -20.42
N PRO E 334 -21.25 5.36 -20.14
CA PRO E 334 -21.88 4.58 -21.21
C PRO E 334 -22.32 5.46 -22.37
N ASP E 335 -22.53 6.75 -22.11
CA ASP E 335 -22.98 7.63 -23.17
C ASP E 335 -21.84 7.92 -24.11
N ASP E 336 -20.64 8.00 -23.55
CA ASP E 336 -19.44 8.19 -24.35
C ASP E 336 -19.03 6.91 -25.05
N ALA E 337 -19.22 5.78 -24.39
CA ALA E 337 -18.88 4.48 -24.96
C ALA E 337 -19.65 4.26 -26.25
N GLU E 338 -20.73 5.00 -26.42
CA GLU E 338 -21.58 4.83 -27.57
C GLU E 338 -21.00 5.46 -28.83
N ASP E 339 -20.16 6.48 -28.68
CA ASP E 339 -19.52 7.13 -29.84
C ASP E 339 -18.22 6.48 -30.29
N GLY E 340 -17.78 5.44 -29.57
CA GLY E 340 -16.58 4.71 -29.95
C GLY E 340 -15.68 4.46 -28.75
N VAL E 341 -14.65 3.63 -28.94
CA VAL E 341 -13.67 3.34 -27.90
C VAL E 341 -13.00 4.62 -27.44
N PRO E 342 -12.50 4.63 -26.19
CA PRO E 342 -11.96 5.89 -25.64
C PRO E 342 -10.71 6.39 -26.34
N GLU E 343 -10.00 5.51 -27.05
CA GLU E 343 -8.77 5.95 -27.71
C GLU E 343 -9.02 6.72 -29.00
N LEU E 344 -10.27 6.79 -29.44
CA LEU E 344 -10.55 7.51 -30.69
C LEU E 344 -10.82 8.98 -30.45
N ILE E 345 -9.97 9.83 -31.03
CA ILE E 345 -10.01 11.27 -30.87
C ILE E 345 -11.00 11.93 -31.81
N MET E 346 -10.97 11.53 -33.08
CA MET E 346 -11.68 12.33 -34.05
C MET E 346 -11.89 11.50 -35.30
N VAL E 347 -13.01 11.75 -35.97
CA VAL E 347 -13.24 11.14 -37.27
C VAL E 347 -13.33 12.26 -38.30
N HIS E 348 -12.55 12.14 -39.38
CA HIS E 348 -12.69 13.10 -40.48
C HIS E 348 -13.60 12.50 -41.52
N ALA E 349 -14.76 13.10 -41.73
CA ALA E 349 -15.73 12.56 -42.68
C ALA E 349 -16.00 13.51 -43.85
N GLY E 350 -14.98 14.27 -44.24
CA GLY E 350 -15.14 15.25 -45.30
C GLY E 350 -15.05 14.65 -46.69
N HIS E 351 -14.49 13.45 -46.78
CA HIS E 351 -14.33 12.80 -48.07
C HIS E 351 -15.60 12.05 -48.49
N ARG E 352 -15.78 11.89 -49.79
CA ARG E 352 -16.98 11.24 -50.34
C ARG E 352 -16.62 9.98 -51.12
N SER E 353 -15.38 9.55 -51.00
CA SER E 353 -14.94 8.28 -51.57
C SER E 353 -13.74 7.81 -50.77
N SER E 354 -13.18 6.66 -51.13
CA SER E 354 -12.03 6.11 -50.41
C SER E 354 -10.84 7.05 -50.38
N VAL E 355 -10.16 7.04 -49.25
CA VAL E 355 -9.00 7.89 -49.07
C VAL E 355 -7.76 7.24 -49.69
N ASN E 356 -7.16 7.94 -50.66
CA ASN E 356 -5.98 7.42 -51.36
C ASN E 356 -4.71 7.53 -50.57
N ASP E 357 -4.56 8.64 -49.87
CA ASP E 357 -3.33 8.92 -49.13
C ASP E 357 -3.61 10.11 -48.23
N PHE E 358 -2.80 10.27 -47.19
CA PHE E 358 -2.79 11.48 -46.38
C PHE E 358 -1.39 11.70 -45.83
N ASP E 359 -1.12 12.89 -45.29
CA ASP E 359 0.15 13.14 -44.65
C ASP E 359 -0.04 14.11 -43.50
N LEU E 360 0.71 13.91 -42.43
CA LEU E 360 0.66 14.85 -41.29
C LEU E 360 1.74 15.89 -41.51
N ASN E 361 1.38 17.17 -41.43
CA ASN E 361 2.36 18.24 -41.67
C ASN E 361 3.41 18.28 -40.56
N PRO E 362 4.68 18.22 -40.95
CA PRO E 362 5.73 18.11 -39.93
C PRO E 362 6.06 19.44 -39.23
N GLN E 363 5.53 20.54 -39.73
CA GLN E 363 5.85 21.84 -39.17
C GLN E 363 4.69 22.36 -38.35
N ILE E 364 3.46 22.13 -38.83
CA ILE E 364 2.26 22.64 -38.14
C ILE E 364 1.42 21.48 -37.59
N PRO E 365 1.57 21.21 -36.27
CA PRO E 365 0.90 20.06 -35.62
C PRO E 365 -0.61 20.05 -35.91
N TRP E 366 -1.17 18.88 -36.20
CA TRP E 366 -2.62 18.70 -36.48
C TRP E 366 -3.05 19.13 -37.87
N LEU E 367 -2.12 19.65 -38.66
CA LEU E 367 -2.46 19.95 -40.03
C LEU E 367 -2.31 18.67 -40.86
N VAL E 368 -3.31 18.38 -41.69
CA VAL E 368 -3.37 17.14 -42.42
C VAL E 368 -3.68 17.50 -43.85
N ALA E 369 -3.14 16.74 -44.80
CA ALA E 369 -3.59 16.85 -46.17
C ALA E 369 -4.10 15.46 -46.52
N SER E 370 -5.34 15.37 -47.01
CA SER E 370 -5.84 14.06 -47.43
C SER E 370 -6.55 14.14 -48.77
N ALA E 371 -6.44 13.04 -49.53
CA ALA E 371 -6.94 12.98 -50.90
C ALA E 371 -7.77 11.72 -51.21
N GLU E 372 -8.98 11.95 -51.73
CA GLU E 372 -9.90 10.86 -52.03
C GLU E 372 -9.93 10.54 -53.52
N GLU E 373 -10.45 9.36 -53.84
CA GLU E 373 -10.49 8.85 -55.21
C GLU E 373 -11.12 9.82 -56.20
N GLU E 374 -12.22 10.45 -55.81
CA GLU E 374 -12.90 11.36 -56.72
C GLU E 374 -12.34 12.77 -56.77
N ASN E 375 -11.05 12.87 -57.05
CA ASN E 375 -10.40 14.14 -57.37
C ASN E 375 -10.64 15.27 -56.34
N ILE E 376 -10.55 14.94 -55.06
CA ILE E 376 -10.67 15.96 -54.02
C ILE E 376 -9.47 15.86 -53.09
N LEU E 377 -8.81 17.00 -52.88
CA LEU E 377 -7.77 17.09 -51.86
C LEU E 377 -8.29 18.04 -50.81
N GLN E 378 -8.35 17.59 -49.57
CA GLN E 378 -8.74 18.47 -48.49
C GLN E 378 -7.54 18.79 -47.63
N VAL E 379 -7.50 20.01 -47.09
CA VAL E 379 -6.49 20.38 -46.14
C VAL E 379 -7.21 20.82 -44.87
N TRP E 380 -6.87 20.22 -43.74
CA TRP E 380 -7.65 20.45 -42.54
C TRP E 380 -6.85 20.31 -41.24
N LYS E 381 -7.35 21.01 -40.22
CA LYS E 381 -6.78 20.98 -38.89
C LYS E 381 -7.94 20.91 -37.91
N CYS E 382 -7.88 19.95 -36.97
CA CYS E 382 -8.94 19.78 -35.98
C CYS E 382 -9.05 21.03 -35.11
N SER E 383 -10.18 21.17 -34.41
CA SER E 383 -10.35 22.24 -33.45
C SER E 383 -9.36 22.14 -32.28
N HIS E 384 -8.88 23.31 -31.85
CA HIS E 384 -7.97 23.40 -30.73
C HIS E 384 -8.69 23.07 -29.43
N SER E 385 -10.03 23.01 -29.46
CA SER E 385 -10.81 22.67 -28.28
C SER E 385 -10.69 21.20 -27.90
N LEU E 386 -10.16 20.39 -28.82
CA LEU E 386 -9.94 18.97 -28.54
C LEU E 386 -8.85 18.87 -27.47
N PRO E 387 -9.17 18.13 -26.38
CA PRO E 387 -8.31 17.98 -25.20
C PRO E 387 -6.87 17.65 -25.58
N ILE E 388 -6.71 16.83 -26.61
CA ILE E 388 -5.41 16.38 -27.06
C ILE E 388 -4.53 17.51 -27.65
N VAL E 389 -5.13 18.53 -28.26
CA VAL E 389 -4.34 19.62 -28.85
C VAL E 389 -4.17 20.82 -27.92
N GLY F 7 -16.53 -5.70 -29.80
CA GLY F 7 -16.53 -5.13 -28.48
C GLY F 7 -15.49 -5.76 -27.57
N LYS F 8 -14.25 -5.25 -27.67
CA LYS F 8 -13.14 -5.85 -26.95
C LYS F 8 -13.24 -5.78 -25.44
N GLY F 9 -13.44 -6.93 -24.80
CA GLY F 9 -13.54 -6.95 -23.36
C GLY F 9 -14.80 -6.23 -22.89
N LEU F 10 -15.87 -6.30 -23.67
CA LEU F 10 -17.11 -5.65 -23.26
C LEU F 10 -18.11 -6.61 -22.65
N GLY F 11 -18.51 -6.33 -21.41
CA GLY F 11 -19.52 -7.15 -20.76
C GLY F 11 -20.85 -6.44 -20.65
N LYS F 12 -20.83 -5.12 -20.89
CA LYS F 12 -22.07 -4.33 -20.86
C LYS F 12 -22.35 -3.52 -22.13
N GLY F 13 -22.08 -4.13 -23.28
CA GLY F 13 -22.20 -3.41 -24.53
C GLY F 13 -23.47 -3.73 -25.26
N GLY F 14 -24.38 -4.43 -24.59
CA GLY F 14 -25.71 -4.70 -25.14
C GLY F 14 -26.56 -3.44 -25.10
N ALA F 15 -27.82 -3.55 -25.52
CA ALA F 15 -28.71 -2.38 -25.55
C ALA F 15 -29.42 -2.18 -24.21
N LYS F 16 -29.75 -0.93 -23.88
CA LYS F 16 -30.50 -0.68 -22.64
C LYS F 16 -31.99 -0.98 -22.83
N ARG F 17 -32.72 -1.00 -21.73
CA ARG F 17 -34.13 -1.34 -21.82
C ARG F 17 -34.85 -0.31 -22.70
N HIS F 18 -34.77 0.96 -22.29
CA HIS F 18 -35.41 2.04 -23.04
C HIS F 18 -34.43 3.16 -23.40
N ARG F 19 -34.78 3.89 -24.46
CA ARG F 19 -33.98 5.04 -24.87
C ARG F 19 -34.54 6.29 -24.18
N LYS F 20 -33.68 6.96 -23.41
CA LYS F 20 -34.05 8.12 -22.61
C LYS F 20 -34.52 9.31 -23.47
N VAL F 21 -35.63 9.94 -23.09
CA VAL F 21 -36.18 11.07 -23.85
C VAL F 21 -35.70 12.42 -23.32
N LEU F 22 -35.17 12.44 -22.10
CA LEU F 22 -34.69 13.70 -21.51
C LEU F 22 -33.18 13.89 -21.60
N ARG F 23 -32.75 15.13 -21.84
CA ARG F 23 -31.34 15.44 -22.08
C ARG F 23 -30.54 15.80 -20.85
N ASP F 24 -29.57 14.96 -20.49
CA ASP F 24 -28.67 15.28 -19.39
C ASP F 24 -27.63 16.31 -19.84
N ASN F 25 -27.48 16.44 -21.15
CA ASN F 25 -26.55 17.40 -21.72
C ASN F 25 -27.01 18.87 -21.78
N ILE F 26 -26.45 19.66 -20.88
CA ILE F 26 -26.56 21.12 -20.93
C ILE F 26 -25.84 21.53 -22.19
N GLN F 27 -24.76 20.80 -22.42
CA GLN F 27 -23.81 21.02 -23.49
C GLN F 27 -24.47 21.20 -24.85
N GLY F 28 -23.72 21.78 -25.78
CA GLY F 28 -24.21 22.09 -27.11
C GLY F 28 -24.49 23.58 -27.21
N ILE F 29 -23.45 24.34 -27.56
CA ILE F 29 -22.12 23.78 -27.74
C ILE F 29 -21.20 24.24 -26.62
N THR F 30 -20.37 23.32 -26.15
CA THR F 30 -19.40 23.56 -25.09
C THR F 30 -18.16 22.82 -25.50
N LYS F 31 -17.15 22.75 -24.64
CA LYS F 31 -15.92 22.01 -24.98
C LYS F 31 -16.12 20.48 -25.16
N PRO F 32 -16.77 19.81 -24.19
CA PRO F 32 -16.98 18.37 -24.40
C PRO F 32 -18.03 18.08 -25.47
N ALA F 33 -18.80 19.09 -25.87
CA ALA F 33 -19.75 18.89 -26.97
C ALA F 33 -18.99 18.82 -28.29
N ILE F 34 -17.91 19.61 -28.39
CA ILE F 34 -17.03 19.60 -29.56
C ILE F 34 -16.34 18.24 -29.62
N ARG F 35 -15.83 17.80 -28.47
CA ARG F 35 -15.19 16.50 -28.35
C ARG F 35 -16.11 15.33 -28.75
N ARG F 36 -17.39 15.38 -28.38
CA ARG F 36 -18.33 14.33 -28.80
C ARG F 36 -18.63 14.43 -30.28
N LEU F 37 -18.75 15.68 -30.75
CA LEU F 37 -19.05 15.98 -32.14
C LEU F 37 -17.94 15.43 -33.04
N ALA F 38 -16.70 15.60 -32.58
CA ALA F 38 -15.56 15.19 -33.37
C ALA F 38 -15.54 13.69 -33.49
N ARG F 39 -15.79 13.03 -32.37
CA ARG F 39 -15.79 11.58 -32.33
C ARG F 39 -16.91 11.01 -33.19
N ARG F 40 -18.02 11.73 -33.31
CA ARG F 40 -19.09 11.28 -34.19
C ARG F 40 -18.80 11.71 -35.62
N GLY F 41 -17.72 12.46 -35.80
CA GLY F 41 -17.33 12.93 -37.13
C GLY F 41 -18.28 13.97 -37.69
N GLY F 42 -19.19 14.44 -36.85
CA GLY F 42 -20.20 15.39 -37.24
C GLY F 42 -21.24 14.82 -38.19
N VAL F 43 -21.46 13.51 -38.15
CA VAL F 43 -22.41 12.89 -39.09
C VAL F 43 -23.39 11.89 -38.44
N ALA G 1 1.96 -5.53 50.43
CA ALA G 1 3.34 -5.97 50.26
C ALA G 1 4.35 -4.88 50.60
N ARG G 2 3.87 -3.75 51.09
CA ARG G 2 4.81 -2.76 51.65
C ARG G 2 5.24 -3.30 53.03
N THR G 3 6.42 -2.91 53.48
CA THR G 3 6.91 -3.35 54.77
C THR G 3 7.06 -2.14 55.67
N LYS G 4 6.11 -1.96 56.60
CA LYS G 4 6.12 -0.77 57.46
C LYS G 4 7.39 -0.74 58.30
N GLN G 5 7.99 0.44 58.36
CA GLN G 5 9.30 0.60 58.96
C GLN G 5 9.25 0.68 60.48
N THR G 6 10.42 0.63 61.11
CA THR G 6 10.56 1.01 62.50
C THR G 6 11.01 2.47 62.48
N ALA G 7 10.45 3.27 63.38
CA ALA G 7 10.65 4.70 63.36
C ALA G 7 11.84 5.12 64.24
N ARG G 8 12.45 6.25 63.90
CA ARG G 8 13.56 6.80 64.68
C ARG G 8 13.43 8.31 64.76
N LYS G 9 13.97 8.89 65.83
CA LYS G 9 13.87 10.33 66.06
C LYS G 9 15.06 11.07 65.46
N SER G 10 15.12 12.38 65.67
CA SER G 10 16.20 13.17 65.08
C SER G 10 17.42 13.37 65.99
N THR G 11 18.59 13.08 65.43
CA THR G 11 19.88 13.29 66.09
C THR G 11 20.17 14.78 66.30
N GLY G 12 19.25 15.49 66.95
CA GLY G 12 19.33 16.94 67.09
C GLY G 12 18.31 17.66 66.24
N ALA H 1 -4.98 -6.20 -50.06
CA ALA H 1 -4.27 -5.14 -50.77
C ALA H 1 -5.19 -3.98 -51.17
N ARG H 2 -4.60 -2.90 -51.65
CA ARG H 2 -5.37 -1.80 -52.19
C ARG H 2 -6.01 -2.11 -53.56
N THR H 3 -7.05 -1.34 -53.93
CA THR H 3 -7.69 -1.47 -55.24
C THR H 3 -7.53 -0.17 -56.02
N LYS H 4 -6.61 -0.16 -56.99
CA LYS H 4 -6.38 1.06 -57.77
C LYS H 4 -7.61 1.46 -58.58
N GLN H 5 -7.91 2.75 -58.58
CA GLN H 5 -9.14 3.27 -59.16
C GLN H 5 -9.09 3.42 -60.67
N THR H 6 -10.24 3.71 -61.25
CA THR H 6 -10.33 4.20 -62.62
C THR H 6 -10.40 5.73 -62.51
N ALA H 7 -9.70 6.42 -63.38
CA ALA H 7 -9.61 7.87 -63.27
C ALA H 7 -10.69 8.59 -64.08
N ARG H 8 -11.06 9.79 -63.62
CA ARG H 8 -12.05 10.62 -64.29
C ARG H 8 -11.56 12.07 -64.27
N LYS H 9 -11.98 12.85 -65.25
CA LYS H 9 -11.53 14.23 -65.35
C LYS H 9 -12.47 15.19 -64.60
N SER H 10 -12.23 16.50 -64.73
CA SER H 10 -13.01 17.54 -64.06
C SER H 10 -13.03 17.38 -62.53
#